data_9FAW
#
_entry.id   9FAW
#
_cell.length_a   1.00
_cell.length_b   1.00
_cell.length_c   1.00
_cell.angle_alpha   90.00
_cell.angle_beta   90.00
_cell.angle_gamma   90.00
#
_symmetry.space_group_name_H-M   'P 1'
#
loop_
_entity.id
_entity.type
_entity.pdbx_description
1 polymer 'Gamma-aminobutyric acid receptor subunit beta-3'
2 polymer 'Isoform 2 of Gamma-aminobutyric acid receptor subunit gamma-2'
3 polymer Neuroligin-2
4 polymer 'LHFPL tetraspan subfamily member 4 protein'
5 polymer Megabody25
6 branched beta-D-mannopyranose-(1-4)-2-acetamido-2-deoxy-beta-D-glucopyranose-(1-4)-2-acetamido-2-deoxy-beta-D-glucopyranose
7 branched alpha-D-mannopyranose-(1-3)-[alpha-D-mannopyranose-(1-6)]alpha-D-mannopyranose-(1-6)-[alpha-D-mannopyranose-(1-3)]beta-D-mannopyranose-(1-4)-2-acetamido-2-deoxy-beta-D-glucopyranose-(1-4)-2-acetamido-2-deoxy-beta-D-glucopyranose
8 branched alpha-D-mannopyranose-(1-3)-alpha-D-mannopyranose-(1-6)-[alpha-D-mannopyranose-(1-3)]beta-D-mannopyranose-(1-4)-2-acetamido-2-deoxy-beta-D-glucopyranose-(1-4)-2-acetamido-2-deoxy-beta-D-glucopyranose
9 branched alpha-D-mannopyranose-(1-3)-[alpha-D-mannopyranose-(1-6)]beta-D-mannopyranose-(1-4)-2-acetamido-2-deoxy-beta-D-glucopyranose-(1-4)-2-acetamido-2-deoxy-beta-D-glucopyranose
10 branched 2-acetamido-2-deoxy-beta-D-glucopyranose-(1-4)-2-acetamido-2-deoxy-beta-D-glucopyranose
11 non-polymer HEXANE
12 non-polymer '4-(2-HYDROXYETHYL)-1-PIPERAZINE ETHANESULFONIC ACID'
13 non-polymer '(1R)-2-{[(S)-{[(2S)-2,3-dihydroxypropyl]oxy}(hydroxy)phosphoryl]oxy}-1-[(hexadecanoyloxy)methyl]ethyl (9Z)-octadec-9-enoate'
14 non-polymer 2-acetamido-2-deoxy-beta-D-glucopyranose
15 non-polymer CHOLESTEROL
#
loop_
_entity_poly.entity_id
_entity_poly.type
_entity_poly.pdbx_seq_one_letter_code
_entity_poly.pdbx_strand_id
1 'polypeptide(L)'
;DPGNMSFVKETVDKLLKGYDIRLRPDFGGPPVCVGMNIDIASIDMVSEVNMDYTLTMYFQQYWRDKRLAYSGIPLNLTLD
NRVADQLWVPDTYFLNDKKSFVHGVTVKNRMIRLHPDGTVLYGLRITTTAACMMDLRRYPLDEQNCTLEIESYGYTTDDI
EFYWRGGDKAVTGVERIELPQFSIVEHRLVSRNVVFATGAYPRLSLSFRLKRNIGYFILQTYMPSILITILSWVSFWINY
DASAARVALGITTVLTMTTINTHLRETLPKIPYVKAIDMYLMGCFVFVFLALLEYAFVNYIFFGRGPQRQKKLAEKTAKA
KNDRSKSESNRVDAHGNILLTSLEVHNEMNEVSGGIGDTRNSAISFDNSGIQYRKQSMPREGHGRFLGDRSLPHKKTHLR
RRSSQLKIKIPDLTDVNAIDRWSRIVFPFTFSLFNLVYWLYYV
;
B,E,A,D
2 'polypeptide(L)'
;KVPEGDVTVILNNLLEGYDNKLRPDIGVKPTLIHTDMYVNSIGPVNAINMEYTIDIFFAQTWYDRRLKFNSTIKVLRLNS
NMVGKIWIPDTFFRNSKKADAHWITTPNRMLRIWNDGRVLYTLRLTIDAECQLQLHNFPMDEHSCPLEFSSYGYPREEIV
YQWKRSSVEVGDTRSWRLYQFSFVGLRNTTEVVKTTSGDYVVMSVYFDLSRRMGYFTIQTYIPCTLIVVLSWVSFWINKD
AVPARTSLGITTVLTMTTLSTIARKSLPKVSYVTAMDLFVSVCFIFVFSALVEYGTLHYFVSNRKPSKDKDKKKKNPAPT
IDIRPRSATIQMNNATHLQERDEEYGYECLDGKDCASFF(P1L)(P1L)FED(P1L)RTGAWRHGRIHIRIAKMDSYARI
FFPTAFCLFNLVYWVSYLYLG
;
C
3 'polypeptide(L)' DSRDYSTELSVTVAVGASLLFLNILAFAALYYK H
4 'polypeptide(L)'
;RNSRAIGVLWAIFTICFAIINVVVFIQPYWVGDSVSTPKPGYFGLFHYCVGSGLAGRELTCRGSFTDFSTIPSSAFKAAA
FFVLLSMVLILGCITCFSLFFFCNTATVYKICAWMQLLAALCLVLGCMIFPDGWDAETIRDMCGAKTGKYSLGDCSVRWA
YILAIIGILNALILSFLAFVLGNRQTD
;
L
5 'polypeptide(L)'
;QVQLVESGGGLVQTKTTTSVIDTTNDAQNLLTQAQTIVNTLKDYCPILIAKSSSSNGGTNNANTPSWQTAGGGKNSCATF
GAEFSAASDMINNAQKIVQETQQLSANQPKNITQPHNLNLNSPSSLTALAQKMLKNAQSQAEILKLANQVESDFNKLSSG
HLKDYIGKCDASAISSANMTMQNQKNNWGNGCAGVEETQSLLKTSAADFNNQTPQINQAQNLANTLIQELGNNTYEQLSR
LLTNDNGTNSKTSAQAINQAVNNLNERAKTLAGGTTNSPAYQATLLALRSVLGLWNSMGYAVICGGYTKSPGENNQKDFH
YTDENGNGTTINCGGSTNSNGTHSYNGTNTLKADKNVSLSIEQYEKIHEAYQILSKALKQAGLAPLNSKGEKLEAHVTTS
KYGSLRLSCAASGHTFNYPIMGWFRQAPGKEREFVGAISWSGGSTSYADSVKDRFTISRDNAKNTVYLEMNNLKPEDTAV
YYCAAKGRYSGGLYYPTNYDYWGQGTQVTVSSHHHHHHEPEA
;
K,O,F
#
# COMPACT_ATOMS: atom_id res chain seq x y z
N ASN A 4 36.49 -42.76 10.90
CA ASN A 4 35.26 -42.67 10.14
C ASN A 4 35.13 -41.32 9.45
N MET A 5 35.64 -40.28 10.10
CA MET A 5 35.57 -38.94 9.53
C MET A 5 36.35 -38.86 8.22
N SER A 6 37.60 -39.35 8.23
CA SER A 6 38.43 -39.24 7.04
C SER A 6 37.85 -40.02 5.87
N PHE A 7 37.12 -41.10 6.14
CA PHE A 7 36.45 -41.82 5.05
C PHE A 7 35.42 -40.93 4.39
N VAL A 8 34.67 -40.16 5.19
CA VAL A 8 33.67 -39.24 4.62
C VAL A 8 34.37 -38.13 3.86
N LYS A 9 35.49 -37.62 4.39
CA LYS A 9 36.30 -36.64 3.67
C LYS A 9 36.67 -37.14 2.28
N GLU A 10 37.26 -38.34 2.22
CA GLU A 10 37.70 -38.89 0.95
C GLU A 10 36.53 -39.15 0.02
N THR A 11 35.42 -39.66 0.55
CA THR A 11 34.26 -39.96 -0.28
C THR A 11 33.69 -38.70 -0.92
N VAL A 12 33.49 -37.65 -0.12
CA VAL A 12 32.90 -36.43 -0.66
C VAL A 12 33.86 -35.78 -1.65
N ASP A 13 35.15 -35.74 -1.32
CA ASP A 13 36.12 -35.13 -2.25
C ASP A 13 36.18 -35.90 -3.56
N LYS A 14 36.10 -37.24 -3.49
CA LYS A 14 36.07 -38.04 -4.71
C LYS A 14 34.81 -37.76 -5.51
N LEU A 15 33.66 -37.63 -4.84
CA LEU A 15 32.42 -37.38 -5.55
C LEU A 15 32.45 -36.05 -6.29
N LEU A 16 32.92 -34.99 -5.63
CA LEU A 16 32.92 -33.68 -6.25
C LEU A 16 34.12 -33.44 -7.17
N LYS A 17 35.07 -34.36 -7.22
CA LYS A 17 36.23 -34.19 -8.11
C LYS A 17 35.83 -34.51 -9.55
N GLY A 18 36.18 -33.61 -10.46
CA GLY A 18 35.87 -33.82 -11.86
C GLY A 18 34.40 -33.86 -12.16
N TYR A 19 33.62 -32.98 -11.53
CA TYR A 19 32.17 -32.91 -11.72
C TYR A 19 31.84 -31.72 -12.60
N ASP A 20 31.09 -31.98 -13.68
CA ASP A 20 30.69 -30.94 -14.63
C ASP A 20 29.24 -30.55 -14.34
N ILE A 21 29.08 -29.40 -13.70
CA ILE A 21 27.73 -28.90 -13.39
C ILE A 21 26.97 -28.58 -14.67
N ARG A 22 27.68 -28.25 -15.75
CA ARG A 22 27.02 -27.83 -16.98
C ARG A 22 26.26 -28.95 -17.67
N LEU A 23 26.54 -30.20 -17.33
CA LEU A 23 25.93 -31.37 -17.97
C LEU A 23 24.93 -32.01 -17.02
N ARG A 24 23.75 -32.32 -17.54
CA ARG A 24 22.74 -32.99 -16.73
C ARG A 24 23.15 -34.44 -16.49
N PRO A 25 22.57 -35.11 -15.50
CA PRO A 25 22.82 -36.54 -15.33
C PRO A 25 22.43 -37.32 -16.57
N ASP A 26 23.25 -38.30 -16.92
CA ASP A 26 23.00 -39.16 -18.08
C ASP A 26 22.86 -38.35 -19.36
N PHE A 27 23.77 -37.38 -19.54
CA PHE A 27 23.73 -36.53 -20.72
C PHE A 27 23.89 -37.36 -21.99
N GLY A 28 23.00 -37.13 -22.95
CA GLY A 28 22.96 -37.92 -24.16
C GLY A 28 22.17 -39.21 -24.05
N GLY A 29 21.84 -39.64 -22.84
CA GLY A 29 21.06 -40.84 -22.64
C GLY A 29 19.58 -40.52 -22.52
N PRO A 30 18.80 -41.40 -21.90
CA PRO A 30 17.37 -41.13 -21.73
C PRO A 30 17.17 -39.95 -20.77
N PRO A 31 15.98 -39.35 -20.77
CA PRO A 31 15.78 -38.16 -19.92
C PRO A 31 15.85 -38.51 -18.45
N VAL A 32 16.34 -37.54 -17.67
CA VAL A 32 16.43 -37.69 -16.22
C VAL A 32 15.05 -37.44 -15.62
N CYS A 33 14.62 -38.35 -14.75
CA CYS A 33 13.31 -38.25 -14.11
C CYS A 33 13.43 -37.50 -12.80
N VAL A 34 12.62 -36.47 -12.64
CA VAL A 34 12.61 -35.63 -11.44
C VAL A 34 11.25 -35.78 -10.76
N GLY A 35 11.26 -36.28 -9.53
CA GLY A 35 10.05 -36.44 -8.75
C GLY A 35 9.89 -35.30 -7.77
N MET A 36 8.77 -34.60 -7.87
CA MET A 36 8.54 -33.38 -7.11
C MET A 36 7.44 -33.60 -6.08
N ASN A 37 7.60 -32.98 -4.91
CA ASN A 37 6.50 -32.88 -3.95
C ASN A 37 6.57 -31.53 -3.26
N ILE A 38 5.43 -31.15 -2.68
CA ILE A 38 5.25 -29.83 -2.08
C ILE A 38 4.62 -30.03 -0.71
N ASP A 39 4.95 -29.13 0.21
CA ASP A 39 4.29 -29.06 1.51
C ASP A 39 3.91 -27.60 1.71
N ILE A 40 2.61 -27.31 1.68
CA ILE A 40 2.13 -25.94 1.76
C ILE A 40 2.15 -25.50 3.22
N ALA A 41 2.87 -24.41 3.51
CA ALA A 41 2.92 -23.86 4.85
C ALA A 41 1.80 -22.85 5.10
N SER A 42 1.43 -22.08 4.09
CA SER A 42 0.37 -21.10 4.25
C SER A 42 -0.05 -20.57 2.88
N ILE A 43 -1.24 -19.99 2.84
CA ILE A 43 -1.72 -19.19 1.71
C ILE A 43 -2.18 -17.88 2.32
N ASP A 44 -1.47 -16.80 2.00
CA ASP A 44 -1.57 -15.57 2.79
C ASP A 44 -2.68 -14.64 2.30
N MET A 45 -2.59 -14.16 1.06
CA MET A 45 -3.41 -13.06 0.56
C MET A 45 -3.97 -13.42 -0.81
N VAL A 46 -5.21 -13.90 -0.82
CA VAL A 46 -5.95 -14.12 -2.07
C VAL A 46 -6.60 -12.78 -2.42
N SER A 47 -5.99 -12.04 -3.34
CA SER A 47 -6.39 -10.68 -3.67
C SER A 47 -7.21 -10.67 -4.95
N GLU A 48 -8.42 -10.10 -4.87
CA GLU A 48 -9.23 -9.94 -6.07
C GLU A 48 -8.71 -8.82 -6.95
N VAL A 49 -8.31 -7.70 -6.36
CA VAL A 49 -7.90 -6.53 -7.13
C VAL A 49 -6.63 -6.84 -7.93
N ASN A 50 -5.70 -7.59 -7.34
CA ASN A 50 -4.45 -7.94 -8.00
C ASN A 50 -4.55 -9.22 -8.82
N MET A 51 -5.52 -10.05 -8.51
CA MET A 51 -5.74 -11.35 -9.19
C MET A 51 -4.59 -12.31 -8.87
N ASP A 52 -4.14 -12.33 -7.60
CA ASP A 52 -2.96 -13.17 -7.26
C ASP A 52 -3.11 -13.78 -5.86
N TYR A 53 -2.45 -14.92 -5.62
CA TYR A 53 -2.44 -15.57 -4.30
C TYR A 53 -1.02 -15.69 -3.86
N THR A 54 -0.69 -15.36 -2.62
CA THR A 54 0.67 -15.59 -2.10
C THR A 54 0.68 -16.95 -1.45
N LEU A 55 1.78 -17.66 -1.52
CA LEU A 55 1.86 -19.04 -1.06
C LEU A 55 3.28 -19.37 -0.63
N THR A 56 3.42 -19.86 0.60
CA THR A 56 4.69 -20.34 1.13
C THR A 56 4.68 -21.86 1.13
N MET A 57 5.81 -22.47 0.74
CA MET A 57 5.83 -23.91 0.59
C MET A 57 7.26 -24.44 0.67
N TYR A 58 7.36 -25.68 1.15
CA TYR A 58 8.59 -26.46 1.03
C TYR A 58 8.49 -27.27 -0.26
N PHE A 59 9.38 -26.99 -1.20
CA PHE A 59 9.41 -27.59 -2.53
C PHE A 59 10.58 -28.55 -2.60
N GLN A 60 10.31 -29.83 -2.82
CA GLN A 60 11.33 -30.87 -2.79
C GLN A 60 11.36 -31.60 -4.13
N GLN A 61 12.58 -31.88 -4.61
CA GLN A 61 12.82 -32.56 -5.87
C GLN A 61 13.78 -33.71 -5.64
N TYR A 62 13.54 -34.83 -6.32
CA TYR A 62 14.31 -36.05 -6.18
C TYR A 62 14.79 -36.49 -7.55
N TRP A 63 16.07 -36.81 -7.68
CA TRP A 63 16.55 -37.32 -8.97
C TRP A 63 17.81 -38.15 -8.75
N ARG A 64 17.97 -39.18 -9.57
CA ARG A 64 19.12 -40.06 -9.47
C ARG A 64 20.27 -39.52 -10.32
N ASP A 65 21.48 -39.60 -9.78
CA ASP A 65 22.68 -39.11 -10.44
C ASP A 65 23.80 -40.11 -10.18
N LYS A 66 24.25 -40.80 -11.23
CA LYS A 66 25.31 -41.79 -11.08
C LYS A 66 26.62 -41.15 -10.63
N ARG A 67 26.86 -39.89 -10.98
CA ARG A 67 28.11 -39.24 -10.57
C ARG A 67 28.21 -39.12 -9.06
N LEU A 68 27.08 -38.94 -8.38
CA LEU A 68 27.04 -38.74 -6.93
C LEU A 68 26.70 -40.03 -6.19
N ALA A 69 27.13 -41.17 -6.70
CA ALA A 69 26.93 -42.46 -6.06
C ALA A 69 28.18 -42.85 -5.28
N TYR A 70 27.97 -43.25 -4.03
CA TYR A 70 29.06 -43.62 -3.14
C TYR A 70 28.70 -44.91 -2.41
N SER A 71 29.75 -45.60 -1.94
CA SER A 71 29.59 -46.86 -1.23
C SER A 71 30.56 -46.89 -0.06
N GLY A 72 30.30 -47.78 0.89
CA GLY A 72 31.09 -47.92 2.09
C GLY A 72 30.60 -47.12 3.27
N ILE A 73 29.69 -46.17 3.06
CA ILE A 73 29.07 -45.37 4.10
C ILE A 73 27.61 -45.80 4.19
N PRO A 74 27.14 -46.40 5.30
CA PRO A 74 25.79 -46.95 5.31
C PRO A 74 24.69 -45.95 5.67
N LEU A 75 24.97 -44.65 5.65
CA LEU A 75 24.02 -43.63 6.06
C LEU A 75 23.91 -42.56 4.98
N ASN A 76 22.72 -41.96 4.88
CA ASN A 76 22.50 -40.88 3.94
C ASN A 76 23.17 -39.61 4.43
N LEU A 77 23.82 -38.90 3.51
CA LEU A 77 24.65 -37.74 3.84
C LEU A 77 23.87 -36.46 3.63
N THR A 78 23.68 -35.69 4.69
CA THR A 78 23.11 -34.35 4.63
C THR A 78 24.27 -33.36 4.61
N LEU A 79 24.51 -32.75 3.47
CA LEU A 79 25.62 -31.82 3.29
C LEU A 79 25.14 -30.38 3.47
N ASP A 80 26.10 -29.48 3.66
CA ASP A 80 25.78 -28.07 3.76
C ASP A 80 25.14 -27.58 2.47
N ASN A 81 24.19 -26.65 2.61
CA ASN A 81 23.38 -26.23 1.47
C ASN A 81 24.21 -25.62 0.35
N ARG A 82 25.33 -24.98 0.68
CA ARG A 82 26.14 -24.32 -0.33
C ARG A 82 26.72 -25.30 -1.34
N VAL A 83 26.77 -26.59 -1.02
CA VAL A 83 27.23 -27.59 -1.98
C VAL A 83 26.32 -27.64 -3.21
N ALA A 84 25.09 -27.12 -3.11
CA ALA A 84 24.23 -27.03 -4.28
C ALA A 84 24.85 -26.18 -5.38
N ASP A 85 25.74 -25.25 -5.02
CA ASP A 85 26.44 -24.46 -6.03
C ASP A 85 27.40 -25.31 -6.86
N GLN A 86 27.85 -26.46 -6.33
CA GLN A 86 28.80 -27.32 -7.01
C GLN A 86 28.13 -28.52 -7.69
N LEU A 87 26.80 -28.53 -7.78
CA LEU A 87 26.06 -29.68 -8.31
C LEU A 87 25.05 -29.20 -9.34
N TRP A 88 24.75 -30.08 -10.30
CA TRP A 88 23.64 -29.84 -11.22
C TRP A 88 22.33 -29.97 -10.47
N VAL A 89 21.43 -29.03 -10.73
CA VAL A 89 20.07 -29.07 -10.19
C VAL A 89 19.11 -28.79 -11.35
N PRO A 90 17.88 -29.32 -11.35
CA PRO A 90 16.98 -29.03 -12.46
C PRO A 90 16.59 -27.56 -12.49
N ASP A 91 16.33 -27.07 -13.69
CA ASP A 91 15.96 -25.67 -13.90
C ASP A 91 14.45 -25.47 -13.78
N THR A 92 13.90 -25.93 -12.66
CA THR A 92 12.47 -25.80 -12.41
C THR A 92 12.09 -24.34 -12.16
N TYR A 93 10.89 -23.98 -12.61
CA TYR A 93 10.37 -22.64 -12.34
C TYR A 93 8.85 -22.70 -12.41
N PHE A 94 8.22 -21.65 -11.91
CA PHE A 94 6.77 -21.56 -11.83
C PHE A 94 6.28 -20.59 -12.91
N LEU A 95 5.45 -21.10 -13.81
CA LEU A 95 5.14 -20.37 -15.04
C LEU A 95 4.25 -19.15 -14.75
N ASN A 96 3.23 -19.32 -13.91
CA ASN A 96 2.30 -18.25 -13.60
C ASN A 96 2.77 -17.37 -12.45
N ASP A 97 4.07 -17.37 -12.17
CA ASP A 97 4.61 -16.57 -11.08
C ASP A 97 4.64 -15.10 -11.48
N LYS A 98 4.39 -14.23 -10.50
CA LYS A 98 4.59 -12.79 -10.63
C LYS A 98 5.80 -12.29 -9.86
N LYS A 99 6.10 -12.89 -8.71
CA LYS A 99 7.27 -12.55 -7.92
C LYS A 99 7.44 -13.60 -6.84
N SER A 100 8.67 -14.06 -6.65
CA SER A 100 8.94 -15.10 -5.66
C SER A 100 10.39 -15.00 -5.23
N PHE A 101 10.70 -15.65 -4.10
CA PHE A 101 12.04 -15.65 -3.55
C PHE A 101 12.21 -16.86 -2.65
N VAL A 102 13.47 -17.17 -2.36
CA VAL A 102 13.83 -18.21 -1.40
C VAL A 102 14.28 -17.51 -0.12
N HIS A 103 13.75 -17.95 1.02
CA HIS A 103 14.07 -17.31 2.28
C HIS A 103 15.56 -17.49 2.61
N GLY A 104 16.12 -16.52 3.32
CA GLY A 104 17.55 -16.45 3.54
C GLY A 104 17.99 -16.09 4.95
N VAL A 105 17.23 -16.52 5.96
CA VAL A 105 17.57 -16.32 7.37
C VAL A 105 17.35 -17.65 8.09
N THR A 106 18.33 -18.11 8.90
CA THR A 106 19.64 -17.51 9.15
C THR A 106 20.57 -17.69 7.96
N VAL A 107 20.39 -18.80 7.22
CA VAL A 107 21.09 -19.05 5.98
C VAL A 107 20.05 -19.29 4.90
N LYS A 108 20.48 -19.56 3.67
CA LYS A 108 19.55 -19.90 2.61
C LYS A 108 18.81 -21.18 2.97
N ASN A 109 17.48 -21.11 3.02
CA ASN A 109 16.66 -22.25 3.43
C ASN A 109 16.68 -23.26 2.30
N ARG A 110 17.74 -24.07 2.29
CA ARG A 110 18.00 -25.01 1.21
C ARG A 110 18.52 -26.31 1.78
N MET A 111 18.14 -27.42 1.15
CA MET A 111 18.45 -28.77 1.58
C MET A 111 19.14 -29.49 0.43
N ILE A 112 20.25 -30.16 0.73
CA ILE A 112 20.90 -31.10 -0.17
C ILE A 112 21.14 -32.38 0.62
N ARG A 113 20.64 -33.51 0.11
CA ARG A 113 20.83 -34.80 0.76
C ARG A 113 21.15 -35.84 -0.29
N LEU A 114 22.31 -36.48 -0.15
CA LEU A 114 22.73 -37.57 -1.03
C LEU A 114 22.40 -38.91 -0.39
N HIS A 115 22.31 -39.93 -1.23
CA HIS A 115 22.07 -41.31 -0.83
C HIS A 115 23.09 -42.21 -1.49
N PRO A 116 23.35 -43.40 -0.94
CA PRO A 116 24.44 -44.23 -1.50
C PRO A 116 24.22 -44.63 -2.96
N ASP A 117 22.98 -44.89 -3.36
CA ASP A 117 22.74 -45.32 -4.74
C ASP A 117 23.02 -44.21 -5.74
N GLY A 118 22.80 -42.96 -5.36
CA GLY A 118 22.98 -41.82 -6.24
C GLY A 118 21.85 -40.83 -6.18
N THR A 119 20.78 -41.15 -5.47
CA THR A 119 19.63 -40.26 -5.38
C THR A 119 20.00 -38.98 -4.65
N VAL A 120 19.55 -37.85 -5.19
CA VAL A 120 19.75 -36.54 -4.61
C VAL A 120 18.37 -35.96 -4.30
N LEU A 121 18.21 -35.50 -3.06
CA LEU A 121 17.02 -34.79 -2.60
C LEU A 121 17.40 -33.33 -2.41
N TYR A 122 16.69 -32.44 -3.10
CA TYR A 122 16.98 -31.02 -3.12
C TYR A 122 15.73 -30.27 -2.66
N GLY A 123 15.86 -29.51 -1.59
CA GLY A 123 14.72 -28.84 -0.96
C GLY A 123 14.91 -27.34 -0.91
N LEU A 124 13.82 -26.61 -1.08
CA LEU A 124 13.82 -25.16 -0.98
C LEU A 124 12.58 -24.72 -0.21
N ARG A 125 12.66 -23.54 0.41
CA ARG A 125 11.52 -22.91 1.05
C ARG A 125 11.22 -21.64 0.27
N ILE A 126 10.09 -21.64 -0.44
CA ILE A 126 9.77 -20.62 -1.43
C ILE A 126 8.48 -19.93 -1.04
N THR A 127 8.51 -18.60 -1.01
CA THR A 127 7.30 -17.76 -0.95
C THR A 127 7.11 -17.15 -2.33
N THR A 128 5.96 -17.43 -2.95
CA THR A 128 5.69 -17.04 -4.31
C THR A 128 4.30 -16.42 -4.43
N THR A 129 4.22 -15.32 -5.19
CA THR A 129 2.97 -14.75 -5.60
C THR A 129 2.66 -15.26 -7.01
N ALA A 130 1.49 -15.84 -7.19
CA ALA A 130 1.10 -16.47 -8.45
C ALA A 130 -0.21 -15.87 -8.93
N ALA A 131 -0.28 -15.60 -10.23
CA ALA A 131 -1.49 -15.04 -10.82
C ALA A 131 -2.61 -16.07 -10.80
N CYS A 132 -3.84 -15.58 -10.59
CA CYS A 132 -5.02 -16.44 -10.60
C CYS A 132 -6.18 -15.59 -11.12
N MET A 133 -6.47 -15.72 -12.42
CA MET A 133 -7.60 -15.00 -12.99
C MET A 133 -8.89 -15.47 -12.36
N MET A 134 -9.75 -14.52 -11.99
CA MET A 134 -10.97 -14.79 -11.23
C MET A 134 -12.19 -14.36 -12.05
N ASP A 135 -13.21 -15.21 -12.03
CA ASP A 135 -14.47 -14.95 -12.70
C ASP A 135 -15.43 -14.37 -11.67
N LEU A 136 -15.42 -13.05 -11.53
CA LEU A 136 -16.26 -12.36 -10.56
C LEU A 136 -17.62 -12.01 -11.13
N ARG A 137 -18.30 -13.00 -11.70
CA ARG A 137 -19.65 -12.82 -12.24
C ARG A 137 -20.71 -13.16 -11.22
N ARG A 138 -20.50 -14.22 -10.44
CA ARG A 138 -21.38 -14.60 -9.33
C ARG A 138 -20.84 -14.14 -7.99
N TYR A 139 -20.01 -13.10 -7.98
CA TYR A 139 -19.42 -12.62 -6.74
C TYR A 139 -20.51 -12.06 -5.83
N PRO A 140 -20.45 -12.28 -4.50
CA PRO A 140 -19.51 -13.06 -3.69
C PRO A 140 -19.90 -14.53 -3.54
N LEU A 141 -20.80 -15.02 -4.39
CA LEU A 141 -21.20 -16.41 -4.41
C LEU A 141 -20.41 -17.23 -5.42
N ASP A 142 -19.15 -16.86 -5.64
CA ASP A 142 -18.32 -17.42 -6.69
C ASP A 142 -17.41 -18.52 -6.14
N GLU A 143 -16.89 -19.33 -7.05
CA GLU A 143 -15.99 -20.44 -6.72
C GLU A 143 -14.84 -20.41 -7.70
N GLN A 144 -13.65 -20.09 -7.20
CA GLN A 144 -12.48 -19.82 -8.04
C GLN A 144 -11.57 -21.03 -8.17
N ASN A 145 -10.79 -21.08 -9.25
CA ASN A 145 -9.85 -22.19 -9.52
C ASN A 145 -8.48 -21.57 -9.70
N CYS A 146 -7.61 -21.69 -8.72
CA CYS A 146 -6.27 -21.11 -8.69
C CYS A 146 -5.24 -22.22 -8.81
N THR A 147 -4.33 -22.08 -9.78
CA THR A 147 -3.38 -23.12 -10.12
C THR A 147 -1.95 -22.61 -10.00
N LEU A 148 -1.04 -23.54 -9.73
CA LEU A 148 0.39 -23.32 -9.77
C LEU A 148 0.97 -24.28 -10.81
N GLU A 149 1.60 -23.71 -11.84
CA GLU A 149 2.15 -24.46 -12.95
C GLU A 149 3.66 -24.53 -12.80
N ILE A 150 4.22 -25.73 -12.83
CA ILE A 150 5.63 -25.99 -12.61
C ILE A 150 6.20 -26.57 -13.89
N GLU A 151 7.31 -26.01 -14.37
CA GLU A 151 7.83 -26.37 -15.67
C GLU A 151 9.35 -26.20 -15.69
N SER A 152 10.00 -26.97 -16.56
CA SER A 152 11.44 -26.82 -16.80
C SER A 152 11.68 -25.70 -17.81
N TYR A 153 12.56 -24.78 -17.46
CA TYR A 153 12.79 -23.63 -18.33
C TYR A 153 13.57 -24.01 -19.58
N GLY A 154 14.64 -24.80 -19.42
CA GLY A 154 15.58 -25.01 -20.51
C GLY A 154 15.46 -26.34 -21.21
N TYR A 155 15.06 -27.37 -20.47
CA TYR A 155 15.14 -28.76 -20.93
C TYR A 155 13.80 -29.23 -21.47
N THR A 156 13.84 -29.86 -22.64
CA THR A 156 12.65 -30.45 -23.24
C THR A 156 12.41 -31.85 -22.66
N THR A 157 11.34 -32.50 -23.12
CA THR A 157 11.02 -33.83 -22.62
C THR A 157 12.05 -34.88 -23.02
N ASP A 158 12.88 -34.59 -24.03
CA ASP A 158 13.97 -35.50 -24.38
C ASP A 158 15.06 -35.53 -23.32
N ASP A 159 15.17 -34.50 -22.49
CA ASP A 159 16.23 -34.36 -21.49
C ASP A 159 15.75 -34.54 -20.06
N ILE A 160 14.54 -34.11 -19.74
CA ILE A 160 14.04 -34.11 -18.37
C ILE A 160 12.58 -34.54 -18.38
N GLU A 161 12.18 -35.22 -17.30
CA GLU A 161 10.82 -35.74 -17.15
C GLU A 161 10.36 -35.51 -15.71
N PHE A 162 9.13 -35.03 -15.56
CA PHE A 162 8.56 -34.70 -14.27
C PHE A 162 7.45 -35.68 -13.89
N TYR A 163 7.34 -35.96 -12.60
CA TYR A 163 6.23 -36.73 -12.07
C TYR A 163 6.01 -36.33 -10.62
N TRP A 164 4.80 -36.60 -10.13
CA TRP A 164 4.45 -36.30 -8.75
C TRP A 164 4.91 -37.47 -7.87
N ARG A 165 5.90 -37.22 -7.03
CA ARG A 165 6.36 -38.26 -6.11
C ARG A 165 5.33 -38.49 -5.03
N GLY A 166 5.01 -39.76 -4.79
CA GLY A 166 3.95 -40.12 -3.86
C GLY A 166 2.56 -40.12 -4.45
N GLY A 167 2.42 -39.97 -5.77
CA GLY A 167 1.11 -40.02 -6.38
C GLY A 167 0.25 -38.83 -5.96
N ASP A 168 -1.04 -39.10 -5.72
CA ASP A 168 -1.97 -38.04 -5.36
C ASP A 168 -1.66 -37.44 -3.99
N LYS A 169 -0.88 -38.13 -3.16
CA LYS A 169 -0.47 -37.62 -1.85
C LYS A 169 0.83 -36.84 -1.92
N ALA A 170 1.22 -36.36 -3.10
CA ALA A 170 2.46 -35.60 -3.22
C ALA A 170 2.38 -34.29 -2.45
N VAL A 171 1.26 -33.58 -2.55
CA VAL A 171 1.07 -32.30 -1.90
C VAL A 171 0.38 -32.53 -0.56
N THR A 172 0.97 -32.00 0.51
CA THR A 172 0.46 -32.15 1.87
C THR A 172 0.29 -30.78 2.49
N GLY A 173 -0.42 -30.77 3.63
CA GLY A 173 -0.65 -29.54 4.36
C GLY A 173 -1.81 -28.71 3.87
N VAL A 174 -2.47 -29.11 2.77
CA VAL A 174 -3.57 -28.31 2.24
C VAL A 174 -4.76 -28.33 3.18
N GLU A 175 -5.03 -29.47 3.81
CA GLU A 175 -6.18 -29.58 4.70
C GLU A 175 -6.03 -28.68 5.92
N ARG A 176 -4.80 -28.44 6.36
CA ARG A 176 -4.56 -27.60 7.52
C ARG A 176 -4.61 -26.11 7.22
N ILE A 177 -4.68 -25.72 5.94
CA ILE A 177 -4.74 -24.30 5.59
C ILE A 177 -6.05 -23.71 6.08
N GLU A 178 -5.97 -22.53 6.68
CA GLU A 178 -7.14 -21.76 7.07
C GLU A 178 -6.92 -20.32 6.68
N LEU A 179 -7.88 -19.77 5.93
CA LEU A 179 -7.88 -18.36 5.55
C LEU A 179 -9.31 -17.84 5.67
N PRO A 180 -9.48 -16.56 6.01
CA PRO A 180 -10.81 -16.10 6.42
C PRO A 180 -11.83 -16.05 5.28
N GLN A 181 -11.42 -15.49 4.14
CA GLN A 181 -12.37 -15.18 3.08
C GLN A 181 -12.79 -16.40 2.27
N PHE A 182 -12.04 -17.50 2.32
CA PHE A 182 -12.25 -18.64 1.43
C PHE A 182 -12.16 -19.94 2.21
N SER A 183 -12.55 -21.03 1.54
CA SER A 183 -12.38 -22.39 2.04
C SER A 183 -11.93 -23.26 0.88
N ILE A 184 -10.91 -24.07 1.10
CA ILE A 184 -10.34 -24.92 0.05
C ILE A 184 -11.21 -26.16 -0.07
N VAL A 185 -12.08 -26.19 -1.09
CA VAL A 185 -12.99 -27.31 -1.27
C VAL A 185 -12.25 -28.55 -1.74
N GLU A 186 -11.31 -28.38 -2.67
CA GLU A 186 -10.68 -29.51 -3.33
C GLU A 186 -9.33 -29.07 -3.89
N HIS A 187 -8.42 -30.02 -4.03
CA HIS A 187 -7.16 -29.78 -4.71
C HIS A 187 -6.85 -30.98 -5.60
N ARG A 188 -6.17 -30.69 -6.72
CA ARG A 188 -5.89 -31.68 -7.75
C ARG A 188 -4.48 -31.52 -8.26
N LEU A 189 -3.90 -32.64 -8.70
CA LEU A 189 -2.56 -32.71 -9.28
C LEU A 189 -2.66 -33.25 -10.69
N VAL A 190 -1.98 -32.57 -11.64
CA VAL A 190 -2.00 -32.96 -13.04
C VAL A 190 -0.58 -32.94 -13.57
N SER A 191 -0.31 -33.80 -14.55
CA SER A 191 0.96 -33.86 -15.25
C SER A 191 0.70 -33.85 -16.75
N ARG A 192 1.49 -33.06 -17.47
CA ARG A 192 1.25 -32.82 -18.89
C ARG A 192 2.59 -32.66 -19.60
N ASN A 193 2.51 -32.65 -20.94
CA ASN A 193 3.64 -32.32 -21.81
C ASN A 193 3.17 -31.22 -22.76
N VAL A 194 3.52 -29.98 -22.45
CA VAL A 194 3.13 -28.86 -23.31
C VAL A 194 4.08 -28.79 -24.49
N VAL A 195 3.68 -28.02 -25.50
CA VAL A 195 4.42 -27.92 -26.76
C VAL A 195 4.62 -26.45 -27.11
N PHE A 196 5.82 -26.12 -27.58
CA PHE A 196 6.17 -24.81 -28.09
C PHE A 196 6.93 -24.99 -29.40
N ALA A 197 7.36 -23.87 -30.00
CA ALA A 197 8.17 -23.95 -31.20
C ALA A 197 9.50 -24.62 -30.92
N THR A 198 10.12 -24.31 -29.77
CA THR A 198 11.41 -24.91 -29.43
C THR A 198 11.28 -26.43 -29.25
N GLY A 199 10.19 -26.88 -28.62
CA GLY A 199 9.99 -28.29 -28.42
C GLY A 199 8.92 -28.54 -27.37
N ALA A 200 8.88 -29.79 -26.90
CA ALA A 200 7.92 -30.23 -25.90
C ALA A 200 8.57 -30.19 -24.53
N TYR A 201 7.83 -29.68 -23.53
CA TYR A 201 8.34 -29.46 -22.19
C TYR A 201 7.45 -30.16 -21.17
N PRO A 202 8.01 -30.71 -20.08
CA PRO A 202 7.14 -31.27 -19.03
C PRO A 202 6.40 -30.17 -18.29
N ARG A 203 5.31 -30.56 -17.63
CA ARG A 203 4.60 -29.64 -16.75
C ARG A 203 3.90 -30.42 -15.66
N LEU A 204 3.89 -29.85 -14.46
CA LEU A 204 3.04 -30.27 -13.37
C LEU A 204 2.11 -29.11 -13.01
N SER A 205 0.96 -29.44 -12.46
CA SER A 205 -0.04 -28.44 -12.10
C SER A 205 -0.68 -28.82 -10.78
N LEU A 206 -0.61 -27.93 -9.80
CA LEU A 206 -1.29 -28.06 -8.52
C LEU A 206 -2.42 -27.04 -8.50
N SER A 207 -3.66 -27.53 -8.54
CA SER A 207 -4.83 -26.67 -8.62
C SER A 207 -5.63 -26.76 -7.33
N PHE A 208 -6.17 -25.62 -6.89
CA PHE A 208 -7.08 -25.53 -5.76
C PHE A 208 -8.39 -24.92 -6.22
N ARG A 209 -9.48 -25.37 -5.60
CA ARG A 209 -10.80 -24.76 -5.76
C ARG A 209 -11.16 -24.07 -4.45
N LEU A 210 -11.40 -22.76 -4.53
CA LEU A 210 -11.70 -21.94 -3.37
C LEU A 210 -13.14 -21.47 -3.43
N LYS A 211 -13.91 -21.74 -2.37
CA LYS A 211 -15.29 -21.29 -2.24
C LYS A 211 -15.34 -20.15 -1.24
N ARG A 212 -15.83 -19.01 -1.68
CA ARG A 212 -15.88 -17.83 -0.83
C ARG A 212 -16.92 -18.01 0.27
N ASN A 213 -16.55 -17.69 1.50
CA ASN A 213 -17.45 -17.79 2.64
C ASN A 213 -18.36 -16.56 2.64
N ILE A 214 -19.64 -16.78 2.39
CA ILE A 214 -20.63 -15.67 2.37
C ILE A 214 -21.14 -15.54 3.79
N GLY A 215 -20.34 -14.88 4.63
CA GLY A 215 -20.76 -14.40 5.92
C GLY A 215 -20.46 -12.94 6.14
N TYR A 216 -19.41 -12.44 5.47
CA TYR A 216 -19.02 -11.05 5.62
C TYR A 216 -19.97 -10.13 4.84
N PHE A 217 -20.36 -10.56 3.64
CA PHE A 217 -21.22 -9.74 2.81
C PHE A 217 -22.65 -9.74 3.31
N ILE A 218 -23.07 -10.81 4.00
CA ILE A 218 -24.40 -10.85 4.57
C ILE A 218 -24.55 -9.77 5.64
N LEU A 219 -23.51 -9.58 6.45
CA LEU A 219 -23.51 -8.61 7.53
C LEU A 219 -22.77 -7.32 7.19
N GLN A 220 -22.47 -7.08 5.91
CA GLN A 220 -22.00 -5.76 5.45
C GLN A 220 -22.79 -5.19 4.28
N THR A 221 -23.26 -6.03 3.36
CA THR A 221 -23.91 -5.56 2.14
C THR A 221 -25.39 -5.93 2.08
N TYR A 222 -25.72 -7.22 2.19
CA TYR A 222 -27.10 -7.63 1.93
C TYR A 222 -28.06 -7.11 2.99
N MET A 223 -27.70 -7.29 4.25
CA MET A 223 -28.64 -7.05 5.34
C MET A 223 -28.83 -5.55 5.61
N PRO A 224 -27.77 -4.72 5.60
CA PRO A 224 -28.03 -3.27 5.65
C PRO A 224 -28.90 -2.76 4.53
N SER A 225 -28.66 -3.23 3.29
CA SER A 225 -29.47 -2.79 2.17
C SER A 225 -30.92 -3.23 2.35
N ILE A 226 -31.13 -4.46 2.81
CA ILE A 226 -32.48 -4.95 3.06
C ILE A 226 -33.19 -4.06 4.08
N LEU A 227 -32.55 -3.87 5.25
CA LEU A 227 -33.20 -3.09 6.31
C LEU A 227 -33.43 -1.66 5.88
N ILE A 228 -32.55 -1.10 5.05
CA ILE A 228 -32.81 0.21 4.45
C ILE A 228 -34.07 0.15 3.60
N THR A 229 -34.28 -0.96 2.89
CA THR A 229 -35.48 -1.09 2.07
C THR A 229 -36.75 -1.11 2.91
N ILE A 230 -36.77 -1.92 3.98
CA ILE A 230 -37.97 -1.93 4.84
C ILE A 230 -38.17 -0.56 5.47
N LEU A 231 -37.09 0.12 5.84
CA LEU A 231 -37.27 1.45 6.42
C LEU A 231 -37.80 2.43 5.39
N SER A 232 -37.38 2.30 4.13
CA SER A 232 -37.93 3.11 3.07
C SER A 232 -39.42 2.85 2.89
N TRP A 233 -39.86 1.63 3.15
CA TRP A 233 -41.30 1.33 3.07
C TRP A 233 -42.11 2.07 4.12
N VAL A 234 -41.48 2.65 5.15
CA VAL A 234 -42.23 3.37 6.18
C VAL A 234 -42.96 4.58 5.61
N SER A 235 -42.49 5.14 4.49
CA SER A 235 -43.14 6.31 3.91
C SER A 235 -44.59 6.06 3.57
N PHE A 236 -44.95 4.81 3.24
CA PHE A 236 -46.34 4.53 2.89
C PHE A 236 -47.26 4.72 4.08
N TRP A 237 -46.80 4.39 5.28
CA TRP A 237 -47.66 4.43 6.45
C TRP A 237 -47.87 5.87 6.94
N ILE A 238 -46.90 6.75 6.67
CA ILE A 238 -47.00 8.14 7.08
C ILE A 238 -48.12 8.83 6.28
N ASN A 239 -48.73 9.83 6.90
CA ASN A 239 -49.83 10.55 6.27
C ASN A 239 -49.39 11.20 4.96
N TYR A 240 -50.35 11.37 4.05
CA TYR A 240 -50.02 11.87 2.71
C TYR A 240 -49.63 13.34 2.73
N ASP A 241 -50.24 14.14 3.61
CA ASP A 241 -50.01 15.58 3.59
C ASP A 241 -48.65 15.98 4.17
N ALA A 242 -47.97 15.07 4.87
CA ALA A 242 -46.64 15.36 5.41
C ALA A 242 -45.59 15.17 4.31
N SER A 243 -45.60 16.12 3.37
CA SER A 243 -44.72 16.02 2.21
C SER A 243 -43.25 16.09 2.61
N ALA A 244 -42.92 16.96 3.57
CA ALA A 244 -41.52 17.11 3.97
C ALA A 244 -40.96 15.81 4.51
N ALA A 245 -41.70 15.15 5.41
CA ALA A 245 -41.19 13.93 6.03
C ALA A 245 -41.05 12.80 5.02
N ARG A 246 -42.08 12.57 4.21
CA ARG A 246 -42.04 11.48 3.24
C ARG A 246 -40.95 11.70 2.20
N VAL A 247 -40.84 12.93 1.69
CA VAL A 247 -39.81 13.21 0.68
C VAL A 247 -38.43 13.12 1.31
N ALA A 248 -38.28 13.57 2.57
CA ALA A 248 -37.01 13.44 3.26
C ALA A 248 -36.61 11.98 3.39
N LEU A 249 -37.55 11.13 3.80
CA LEU A 249 -37.26 9.70 3.92
C LEU A 249 -36.84 9.11 2.58
N GLY A 250 -37.55 9.48 1.51
CA GLY A 250 -37.22 8.96 0.20
C GLY A 250 -35.83 9.35 -0.27
N ILE A 251 -35.50 10.65 -0.14
CA ILE A 251 -34.21 11.10 -0.63
C ILE A 251 -33.08 10.52 0.22
N THR A 252 -33.29 10.42 1.53
CA THR A 252 -32.28 9.83 2.40
C THR A 252 -32.05 8.36 2.05
N THR A 253 -33.11 7.60 1.78
CA THR A 253 -32.94 6.20 1.43
C THR A 253 -32.21 6.07 0.09
N VAL A 254 -32.53 6.91 -0.88
CA VAL A 254 -31.87 6.85 -2.18
C VAL A 254 -30.39 7.20 -2.03
N LEU A 255 -30.08 8.26 -1.28
CA LEU A 255 -28.69 8.61 -1.02
C LEU A 255 -27.97 7.49 -0.28
N THR A 256 -28.65 6.84 0.66
CA THR A 256 -28.05 5.72 1.36
C THR A 256 -27.67 4.60 0.41
N MET A 257 -28.58 4.27 -0.51
CA MET A 257 -28.27 3.20 -1.47
C MET A 257 -27.09 3.59 -2.34
N THR A 258 -27.02 4.85 -2.78
CA THR A 258 -25.89 5.26 -3.60
C THR A 258 -24.58 5.18 -2.84
N THR A 259 -24.57 5.60 -1.56
CA THR A 259 -23.33 5.51 -0.79
C THR A 259 -22.91 4.06 -0.58
N ILE A 260 -23.86 3.18 -0.24
CA ILE A 260 -23.51 1.77 -0.06
C ILE A 260 -23.02 1.17 -1.37
N ASN A 261 -23.53 1.64 -2.50
CA ASN A 261 -22.97 1.21 -3.78
C ASN A 261 -21.54 1.72 -3.95
N THR A 262 -21.26 2.94 -3.49
CA THR A 262 -19.93 3.51 -3.69
C THR A 262 -18.88 2.84 -2.81
N HIS A 263 -19.25 2.47 -1.57
CA HIS A 263 -18.30 1.78 -0.71
C HIS A 263 -17.88 0.44 -1.33
N LEU A 264 -18.82 -0.26 -1.96
CA LEU A 264 -18.45 -1.42 -2.75
C LEU A 264 -17.69 -0.99 -3.99
N ARG A 265 -17.07 -1.96 -4.66
CA ARG A 265 -16.39 -1.80 -5.94
C ARG A 265 -15.08 -1.04 -5.84
N GLU A 266 -14.61 -0.72 -4.63
CA GLU A 266 -13.30 -0.12 -4.43
C GLU A 266 -12.23 -1.20 -4.23
N THR A 267 -12.51 -2.19 -3.37
CA THR A 267 -11.63 -3.33 -3.24
C THR A 267 -11.67 -4.25 -4.46
N LEU A 268 -12.66 -4.09 -5.34
CA LEU A 268 -12.83 -4.95 -6.49
C LEU A 268 -12.08 -4.39 -7.69
N PRO A 269 -11.78 -5.20 -8.70
CA PRO A 269 -11.06 -4.69 -9.87
C PRO A 269 -11.96 -3.78 -10.70
N LYS A 270 -11.40 -3.31 -11.82
CA LYS A 270 -12.08 -2.36 -12.70
C LYS A 270 -12.82 -3.08 -13.81
N ILE A 271 -13.57 -4.14 -13.47
CA ILE A 271 -14.09 -5.06 -14.49
C ILE A 271 -15.26 -4.43 -15.24
N PRO A 272 -15.49 -4.82 -16.51
CA PRO A 272 -16.58 -4.19 -17.27
C PRO A 272 -17.96 -4.78 -16.98
N TYR A 273 -18.02 -6.08 -16.75
CA TYR A 273 -19.30 -6.77 -16.64
C TYR A 273 -19.90 -6.62 -15.25
N VAL A 274 -21.20 -6.90 -15.16
CA VAL A 274 -21.95 -6.77 -13.91
C VAL A 274 -21.89 -8.09 -13.15
N LYS A 275 -22.09 -8.01 -11.85
CA LYS A 275 -21.98 -9.15 -10.94
C LYS A 275 -23.22 -9.21 -10.05
N ALA A 276 -23.30 -10.30 -9.27
CA ALA A 276 -24.52 -10.59 -8.52
C ALA A 276 -24.81 -9.51 -7.48
N ILE A 277 -23.78 -9.07 -6.75
CA ILE A 277 -23.99 -8.06 -5.73
C ILE A 277 -24.42 -6.73 -6.36
N ASP A 278 -23.88 -6.43 -7.54
CA ASP A 278 -24.32 -5.24 -8.26
C ASP A 278 -25.78 -5.34 -8.65
N MET A 279 -26.22 -6.52 -9.09
CA MET A 279 -27.63 -6.70 -9.44
C MET A 279 -28.53 -6.54 -8.22
N TYR A 280 -28.11 -7.10 -7.08
CA TYR A 280 -28.91 -6.97 -5.86
C TYR A 280 -29.01 -5.51 -5.44
N LEU A 281 -27.89 -4.78 -5.46
CA LEU A 281 -27.93 -3.37 -5.07
C LEU A 281 -28.76 -2.56 -6.04
N MET A 282 -28.67 -2.85 -7.34
CA MET A 282 -29.50 -2.15 -8.31
C MET A 282 -30.98 -2.43 -8.08
N GLY A 283 -31.33 -3.66 -7.73
CA GLY A 283 -32.71 -3.98 -7.44
C GLY A 283 -33.24 -3.22 -6.23
N CYS A 284 -32.45 -3.20 -5.15
CA CYS A 284 -32.86 -2.44 -3.96
C CYS A 284 -32.96 -0.95 -4.27
N PHE A 285 -32.03 -0.44 -5.09
CA PHE A 285 -32.09 0.96 -5.49
C PHE A 285 -33.37 1.25 -6.27
N VAL A 286 -33.74 0.35 -7.18
CA VAL A 286 -34.98 0.52 -7.94
C VAL A 286 -36.17 0.49 -7.00
N PHE A 287 -36.13 -0.37 -5.98
CA PHE A 287 -37.25 -0.44 -5.03
C PHE A 287 -37.42 0.88 -4.28
N VAL A 288 -36.33 1.43 -3.75
CA VAL A 288 -36.46 2.68 -3.01
C VAL A 288 -36.82 3.83 -3.94
N PHE A 289 -36.30 3.81 -5.17
CA PHE A 289 -36.66 4.83 -6.15
C PHE A 289 -38.15 4.80 -6.46
N LEU A 290 -38.70 3.60 -6.66
CA LEU A 290 -40.13 3.48 -6.88
C LEU A 290 -40.92 3.88 -5.64
N ALA A 291 -40.37 3.64 -4.45
CA ALA A 291 -41.04 4.10 -3.25
C ALA A 291 -41.16 5.62 -3.22
N LEU A 292 -40.11 6.33 -3.63
CA LEU A 292 -40.18 7.79 -3.69
C LEU A 292 -41.13 8.24 -4.79
N LEU A 293 -41.06 7.62 -5.97
CA LEU A 293 -41.97 7.95 -7.06
C LEU A 293 -43.43 7.68 -6.68
N GLU A 294 -43.67 6.75 -5.77
CA GLU A 294 -45.04 6.50 -5.30
C GLU A 294 -45.60 7.75 -4.62
N TYR A 295 -44.84 8.36 -3.72
CA TYR A 295 -45.33 9.58 -3.09
C TYR A 295 -45.37 10.73 -4.08
N ALA A 296 -44.44 10.75 -5.04
CA ALA A 296 -44.51 11.78 -6.08
C ALA A 296 -45.84 11.70 -6.82
N PHE A 297 -46.25 10.49 -7.20
CA PHE A 297 -47.53 10.28 -7.86
C PHE A 297 -48.69 10.65 -6.96
N VAL A 298 -48.60 10.29 -5.67
CA VAL A 298 -49.68 10.59 -4.73
C VAL A 298 -49.87 12.10 -4.61
N ASN A 299 -48.76 12.82 -4.45
CA ASN A 299 -48.82 14.28 -4.36
C ASN A 299 -49.34 14.90 -5.63
N TYR A 300 -48.99 14.33 -6.79
CA TYR A 300 -49.50 14.87 -8.04
C TYR A 300 -51.02 14.68 -8.15
N ILE A 301 -51.52 13.49 -7.81
CA ILE A 301 -52.95 13.25 -8.00
C ILE A 301 -53.78 14.00 -6.95
N PHE A 302 -53.29 14.12 -5.72
CA PHE A 302 -54.09 14.78 -4.69
C PHE A 302 -54.14 16.29 -4.90
N PHE A 303 -52.98 16.95 -4.81
CA PHE A 303 -52.90 18.37 -5.07
C PHE A 303 -52.96 18.64 -6.57
N GLY A 304 -53.15 19.91 -6.93
CA GLY A 304 -53.24 20.28 -8.32
C GLY A 304 -54.45 19.66 -8.99
N ARG A 305 -54.23 18.64 -9.81
CA ARG A 305 -55.32 18.00 -10.55
C ARG A 305 -56.31 17.35 -9.60
N ASP A 415 -60.75 4.40 1.73
CA ASP A 415 -61.54 5.62 1.94
C ASP A 415 -60.73 6.86 1.60
N VAL A 416 -59.44 6.85 1.97
CA VAL A 416 -58.54 7.97 1.73
C VAL A 416 -57.26 7.42 1.10
N ASN A 417 -57.03 7.76 -0.17
CA ASN A 417 -55.78 7.46 -0.87
C ASN A 417 -55.49 5.96 -0.87
N ALA A 418 -56.34 5.24 -1.61
CA ALA A 418 -56.24 3.78 -1.68
C ALA A 418 -54.89 3.30 -2.19
N ILE A 419 -54.15 4.15 -2.90
CA ILE A 419 -52.82 3.77 -3.41
C ILE A 419 -51.89 3.40 -2.27
N ASP A 420 -52.07 3.99 -1.08
CA ASP A 420 -51.22 3.65 0.05
C ASP A 420 -51.37 2.18 0.44
N ARG A 421 -52.60 1.68 0.49
CA ARG A 421 -52.81 0.27 0.81
C ARG A 421 -52.21 -0.64 -0.26
N TRP A 422 -52.39 -0.27 -1.53
CA TRP A 422 -51.80 -1.06 -2.62
C TRP A 422 -50.28 -1.10 -2.49
N SER A 423 -49.67 0.03 -2.15
CA SER A 423 -48.22 0.06 -1.96
C SER A 423 -47.82 -0.82 -0.79
N ARG A 424 -48.49 -0.67 0.36
CA ARG A 424 -48.16 -1.43 1.55
C ARG A 424 -48.28 -2.93 1.30
N ILE A 425 -49.17 -3.34 0.40
CA ILE A 425 -49.30 -4.75 0.08
C ILE A 425 -48.23 -5.19 -0.92
N VAL A 426 -48.14 -4.49 -2.06
CA VAL A 426 -47.33 -5.00 -3.16
C VAL A 426 -45.83 -4.89 -2.86
N PHE A 427 -45.40 -3.80 -2.23
CA PHE A 427 -43.96 -3.59 -2.06
C PHE A 427 -43.30 -4.68 -1.23
N PRO A 428 -43.82 -5.05 -0.04
CA PRO A 428 -43.26 -6.23 0.64
C PRO A 428 -43.37 -7.50 -0.18
N PHE A 429 -44.49 -7.70 -0.88
CA PHE A 429 -44.67 -8.90 -1.68
C PHE A 429 -43.67 -8.95 -2.83
N THR A 430 -43.53 -7.83 -3.55
CA THR A 430 -42.61 -7.79 -4.68
C THR A 430 -41.17 -7.94 -4.21
N PHE A 431 -40.81 -7.32 -3.08
CA PHE A 431 -39.45 -7.46 -2.57
C PHE A 431 -39.17 -8.89 -2.13
N SER A 432 -40.14 -9.55 -1.48
CA SER A 432 -39.95 -10.95 -1.10
C SER A 432 -39.79 -11.82 -2.35
N LEU A 433 -40.58 -11.57 -3.38
CA LEU A 433 -40.45 -12.32 -4.62
C LEU A 433 -39.07 -12.11 -5.24
N PHE A 434 -38.60 -10.86 -5.26
CA PHE A 434 -37.28 -10.57 -5.82
C PHE A 434 -36.18 -11.26 -5.02
N ASN A 435 -36.28 -11.22 -3.69
CA ASN A 435 -35.29 -11.90 -2.86
C ASN A 435 -35.29 -13.40 -3.12
N LEU A 436 -36.48 -14.01 -3.19
CA LEU A 436 -36.56 -15.44 -3.43
C LEU A 436 -35.97 -15.81 -4.78
N VAL A 437 -36.30 -15.04 -5.82
CA VAL A 437 -35.77 -15.33 -7.16
C VAL A 437 -34.27 -15.19 -7.18
N TYR A 438 -33.74 -14.11 -6.59
CA TYR A 438 -32.30 -13.88 -6.58
C TYR A 438 -31.57 -15.00 -5.85
N TRP A 439 -32.02 -15.35 -4.65
CA TRP A 439 -31.32 -16.34 -3.86
C TRP A 439 -31.49 -17.75 -4.41
N LEU A 440 -32.59 -18.04 -5.11
CA LEU A 440 -32.70 -19.33 -5.78
C LEU A 440 -31.84 -19.39 -7.03
N TYR A 441 -31.69 -18.26 -7.73
CA TYR A 441 -30.91 -18.25 -8.96
C TYR A 441 -29.42 -18.39 -8.67
N TYR A 442 -28.92 -17.66 -7.67
CA TYR A 442 -27.47 -17.60 -7.47
C TYR A 442 -26.95 -18.71 -6.55
N VAL A 443 -27.68 -19.04 -5.49
CA VAL A 443 -27.24 -20.11 -4.60
C VAL A 443 -27.48 -21.46 -5.27
N ASP B 1 47.75 -8.07 -37.04
CA ASP B 1 47.33 -7.05 -36.07
C ASP B 1 45.88 -6.58 -36.31
N PRO B 2 45.55 -6.06 -37.49
CA PRO B 2 44.17 -5.60 -37.71
C PRO B 2 43.21 -6.79 -37.80
N GLY B 3 42.21 -6.79 -36.93
CA GLY B 3 41.24 -7.88 -36.88
C GLY B 3 41.67 -9.07 -36.07
N ASN B 4 42.88 -9.02 -35.51
CA ASN B 4 43.41 -10.16 -34.70
C ASN B 4 42.84 -10.09 -33.28
N MET B 5 41.83 -10.91 -32.98
CA MET B 5 41.22 -10.85 -31.66
C MET B 5 42.22 -11.21 -30.57
N SER B 6 43.15 -12.12 -30.84
CA SER B 6 44.16 -12.47 -29.85
C SER B 6 45.06 -11.28 -29.54
N PHE B 7 45.39 -10.49 -30.56
CA PHE B 7 46.21 -9.30 -30.34
C PHE B 7 45.50 -8.32 -29.42
N VAL B 8 44.20 -8.09 -29.64
CA VAL B 8 43.45 -7.18 -28.78
C VAL B 8 43.35 -7.77 -27.38
N LYS B 9 43.17 -9.08 -27.27
CA LYS B 9 43.09 -9.73 -25.96
C LYS B 9 44.36 -9.50 -25.16
N GLU B 10 45.52 -9.77 -25.77
CA GLU B 10 46.77 -9.60 -25.05
C GLU B 10 47.05 -8.12 -24.78
N THR B 11 46.64 -7.22 -25.68
CA THR B 11 46.82 -5.79 -25.41
C THR B 11 46.01 -5.36 -24.19
N VAL B 12 44.75 -5.79 -24.11
CA VAL B 12 43.92 -5.42 -22.96
C VAL B 12 44.47 -6.06 -21.69
N ASP B 13 44.95 -7.30 -21.78
CA ASP B 13 45.53 -7.95 -20.61
C ASP B 13 46.77 -7.20 -20.13
N LYS B 14 47.62 -6.74 -21.06
CA LYS B 14 48.77 -5.94 -20.69
C LYS B 14 48.34 -4.63 -20.05
N LEU B 15 47.28 -4.01 -20.57
CA LEU B 15 46.78 -2.78 -19.98
C LEU B 15 46.34 -3.01 -18.53
N LEU B 16 45.61 -4.10 -18.28
CA LEU B 16 45.17 -4.41 -16.92
C LEU B 16 46.22 -5.13 -16.09
N LYS B 17 47.36 -5.50 -16.68
CA LYS B 17 48.41 -6.15 -15.91
C LYS B 17 49.10 -5.13 -15.01
N GLY B 18 49.24 -5.48 -13.74
CA GLY B 18 49.88 -4.58 -12.78
C GLY B 18 49.14 -3.28 -12.60
N TYR B 19 47.81 -3.31 -12.65
CA TYR B 19 46.97 -2.13 -12.50
C TYR B 19 46.43 -2.08 -11.09
N ASP B 20 46.69 -0.99 -10.39
CA ASP B 20 46.25 -0.79 -9.00
C ASP B 20 45.01 0.09 -9.01
N ILE B 21 43.84 -0.53 -8.78
CA ILE B 21 42.60 0.24 -8.71
C ILE B 21 42.58 1.19 -7.51
N ARG B 22 43.36 0.91 -6.48
CA ARG B 22 43.33 1.73 -5.27
C ARG B 22 43.86 3.13 -5.49
N LEU B 23 44.66 3.35 -6.53
CA LEU B 23 45.30 4.64 -6.79
C LEU B 23 44.64 5.31 -7.98
N ARG B 24 44.35 6.60 -7.85
CA ARG B 24 43.75 7.37 -8.93
C ARG B 24 44.80 7.70 -9.97
N PRO B 25 44.39 8.15 -11.16
CA PRO B 25 45.36 8.68 -12.11
C PRO B 25 46.12 9.85 -11.53
N ASP B 26 47.43 9.88 -11.78
CA ASP B 26 48.32 10.91 -11.25
C ASP B 26 48.22 10.98 -9.73
N PHE B 27 48.42 9.81 -9.10
CA PHE B 27 48.32 9.72 -7.65
C PHE B 27 49.48 10.47 -7.01
N GLY B 28 49.22 11.68 -6.52
CA GLY B 28 50.23 12.59 -6.04
C GLY B 28 50.57 13.71 -7.00
N GLY B 29 50.16 13.60 -8.26
CA GLY B 29 50.38 14.65 -9.25
C GLY B 29 49.27 15.68 -9.20
N PRO B 30 49.08 16.42 -10.29
CA PRO B 30 47.97 17.38 -10.34
C PRO B 30 46.63 16.68 -10.27
N PRO B 31 45.55 17.40 -9.97
CA PRO B 31 44.24 16.74 -9.91
C PRO B 31 43.82 16.20 -11.26
N VAL B 32 43.10 15.08 -11.22
CA VAL B 32 42.52 14.51 -12.44
C VAL B 32 41.22 15.25 -12.75
N CYS B 33 41.08 15.68 -14.00
CA CYS B 33 39.90 16.41 -14.43
C CYS B 33 38.88 15.45 -15.00
N VAL B 34 37.64 15.54 -14.50
CA VAL B 34 36.55 14.65 -14.88
C VAL B 34 35.43 15.49 -15.47
N GLY B 35 35.27 15.41 -16.80
CA GLY B 35 34.13 16.03 -17.43
C GLY B 35 32.89 15.16 -17.33
N MET B 36 31.73 15.80 -17.36
CA MET B 36 30.46 15.09 -17.16
C MET B 36 29.41 15.56 -18.15
N ASN B 37 28.65 14.59 -18.65
CA ASN B 37 27.49 14.83 -19.50
C ASN B 37 26.29 14.12 -18.90
N ILE B 38 25.12 14.73 -19.07
CA ILE B 38 23.85 14.14 -18.64
C ILE B 38 22.89 14.19 -19.82
N ASP B 39 22.19 13.09 -20.06
CA ASP B 39 21.11 13.02 -21.04
C ASP B 39 19.84 12.61 -20.30
N ILE B 40 18.91 13.55 -20.17
CA ILE B 40 17.71 13.32 -19.37
C ILE B 40 16.74 12.49 -20.19
N ALA B 41 16.30 11.36 -19.63
CA ALA B 41 15.29 10.52 -20.28
C ALA B 41 13.88 10.94 -19.89
N SER B 42 13.66 11.29 -18.62
CA SER B 42 12.36 11.71 -18.15
C SER B 42 12.47 12.15 -16.69
N ILE B 43 11.48 12.92 -16.26
CA ILE B 43 11.21 13.18 -14.84
C ILE B 43 9.87 12.52 -14.56
N ASP B 44 9.91 11.34 -13.94
CA ASP B 44 8.71 10.50 -13.87
C ASP B 44 7.62 11.13 -13.01
N MET B 45 8.00 11.73 -11.88
CA MET B 45 7.02 12.18 -10.91
C MET B 45 7.60 13.29 -10.05
N VAL B 46 6.72 14.10 -9.48
CA VAL B 46 7.07 15.21 -8.59
C VAL B 46 6.06 15.20 -7.45
N SER B 47 6.50 14.83 -6.25
CA SER B 47 5.62 14.65 -5.11
C SER B 47 5.81 15.78 -4.11
N GLU B 48 4.72 16.47 -3.78
CA GLU B 48 4.76 17.51 -2.75
C GLU B 48 4.78 16.93 -1.35
N VAL B 49 4.09 15.81 -1.13
CA VAL B 49 4.04 15.22 0.21
C VAL B 49 5.43 14.74 0.62
N ASN B 50 6.18 14.16 -0.32
CA ASN B 50 7.52 13.66 -0.04
C ASN B 50 8.61 14.69 -0.33
N MET B 51 8.30 15.78 -1.02
CA MET B 51 9.27 16.82 -1.37
C MET B 51 10.44 16.22 -2.15
N ASP B 52 10.11 15.57 -3.26
CA ASP B 52 11.13 14.92 -4.08
C ASP B 52 10.59 14.72 -5.49
N TYR B 53 11.49 14.33 -6.39
CA TYR B 53 11.15 14.03 -7.77
C TYR B 53 12.03 12.89 -8.26
N THR B 54 11.49 12.09 -9.18
CA THR B 54 12.20 10.96 -9.74
C THR B 54 12.72 11.33 -11.12
N LEU B 55 14.00 11.06 -11.37
CA LEU B 55 14.70 11.45 -12.59
C LEU B 55 15.44 10.24 -13.14
N THR B 56 15.26 9.98 -14.43
CA THR B 56 16.01 8.96 -15.15
C THR B 56 16.94 9.64 -16.15
N MET B 57 18.18 9.16 -16.23
CA MET B 57 19.17 9.85 -17.04
C MET B 57 20.27 8.90 -17.44
N TYR B 58 21.01 9.31 -18.47
CA TYR B 58 22.29 8.70 -18.84
C TYR B 58 23.40 9.63 -18.35
N PHE B 59 24.24 9.12 -17.47
CA PHE B 59 25.32 9.86 -16.83
C PHE B 59 26.64 9.41 -17.42
N GLN B 60 27.32 10.30 -18.14
CA GLN B 60 28.59 10.00 -18.80
C GLN B 60 29.71 10.77 -18.09
N GLN B 61 30.81 10.08 -17.84
CA GLN B 61 31.99 10.67 -17.23
C GLN B 61 33.19 10.45 -18.14
N TYR B 62 33.96 11.51 -18.36
CA TYR B 62 35.14 11.49 -19.23
CA TYR B 62 35.13 11.50 -19.23
C TYR B 62 36.36 11.86 -18.40
N TRP B 63 37.39 11.03 -18.47
CA TRP B 63 38.64 11.37 -17.79
C TRP B 63 39.79 10.70 -18.54
N ARG B 64 41.01 10.90 -18.04
CA ARG B 64 42.21 10.38 -18.68
C ARG B 64 43.03 9.59 -17.67
N ASP B 65 43.43 8.39 -18.08
CA ASP B 65 44.30 7.52 -17.28
C ASP B 65 45.45 7.07 -18.17
N LYS B 66 46.65 7.59 -17.91
CA LYS B 66 47.80 7.23 -18.73
C LYS B 66 48.15 5.76 -18.63
N ARG B 67 47.77 5.09 -17.53
CA ARG B 67 48.00 3.66 -17.41
C ARG B 67 47.22 2.85 -18.43
N LEU B 68 46.14 3.41 -18.98
CA LEU B 68 45.29 2.73 -19.96
C LEU B 68 45.54 3.22 -21.38
N ALA B 69 46.77 3.64 -21.68
CA ALA B 69 47.15 4.07 -23.01
C ALA B 69 47.78 2.90 -23.75
N TYR B 70 47.34 2.67 -24.99
CA TYR B 70 47.79 1.55 -25.79
C TYR B 70 48.11 2.02 -27.20
N SER B 71 49.17 1.44 -27.78
CA SER B 71 49.53 1.63 -29.17
C SER B 71 49.06 0.41 -29.96
N GLY B 72 49.22 0.47 -31.29
CA GLY B 72 48.76 -0.60 -32.14
C GLY B 72 47.35 -0.37 -32.65
N ILE B 73 46.37 -0.92 -31.95
CA ILE B 73 44.96 -0.88 -32.32
C ILE B 73 44.53 0.56 -32.54
N PRO B 74 44.36 1.05 -33.82
CA PRO B 74 44.07 2.46 -34.07
C PRO B 74 42.57 2.79 -34.12
N LEU B 75 41.83 2.42 -33.07
CA LEU B 75 40.42 2.75 -32.99
C LEU B 75 39.96 2.61 -31.54
N ASN B 76 38.76 3.11 -31.28
CA ASN B 76 38.24 3.11 -29.92
C ASN B 76 37.89 1.68 -29.51
N LEU B 77 38.16 1.34 -28.25
CA LEU B 77 37.86 0.02 -27.70
C LEU B 77 36.58 0.14 -26.87
N THR B 78 35.47 -0.30 -27.43
CA THR B 78 34.19 -0.34 -26.72
C THR B 78 34.12 -1.68 -25.98
N LEU B 79 34.53 -1.68 -24.72
CA LEU B 79 34.67 -2.93 -23.99
C LEU B 79 33.35 -3.34 -23.34
N ASP B 80 33.30 -4.59 -22.90
CA ASP B 80 32.12 -5.10 -22.21
C ASP B 80 31.92 -4.36 -20.89
N ASN B 81 30.66 -4.31 -20.44
CA ASN B 81 30.34 -3.56 -19.24
C ASN B 81 30.98 -4.13 -17.99
N ARG B 82 31.40 -5.40 -18.01
CA ARG B 82 31.98 -6.03 -16.82
C ARG B 82 33.44 -5.64 -16.60
N VAL B 83 34.09 -4.99 -17.57
CA VAL B 83 35.48 -4.60 -17.38
C VAL B 83 35.63 -3.48 -16.37
N ALA B 84 34.57 -2.71 -16.12
CA ALA B 84 34.65 -1.55 -15.24
C ALA B 84 35.06 -1.92 -13.82
N ASP B 85 34.85 -3.16 -13.40
CA ASP B 85 35.26 -3.58 -12.07
C ASP B 85 36.77 -3.67 -11.91
N GLN B 86 37.52 -3.70 -13.02
CA GLN B 86 38.97 -3.76 -12.98
C GLN B 86 39.63 -2.40 -13.25
N LEU B 87 38.85 -1.31 -13.24
CA LEU B 87 39.35 0.01 -13.54
C LEU B 87 38.97 0.98 -12.42
N TRP B 88 39.83 1.95 -12.18
CA TRP B 88 39.49 3.06 -11.31
C TRP B 88 38.44 3.93 -11.98
N VAL B 89 37.44 4.35 -11.20
CA VAL B 89 36.41 5.26 -11.66
C VAL B 89 36.22 6.35 -10.59
N PRO B 90 35.75 7.54 -10.93
CA PRO B 90 35.54 8.56 -9.90
C PRO B 90 34.46 8.14 -8.92
N ASP B 91 34.60 8.61 -7.68
CA ASP B 91 33.61 8.35 -6.63
C ASP B 91 32.50 9.39 -6.67
N THR B 92 31.91 9.56 -7.84
CA THR B 92 30.84 10.54 -8.02
C THR B 92 29.57 10.06 -7.34
N TYR B 93 28.82 11.00 -6.77
CA TYR B 93 27.56 10.68 -6.12
C TYR B 93 26.68 11.92 -6.10
N PHE B 94 25.39 11.68 -5.89
CA PHE B 94 24.38 12.74 -5.89
C PHE B 94 24.08 13.11 -4.45
N LEU B 95 24.35 14.38 -4.11
CA LEU B 95 24.31 14.80 -2.72
C LEU B 95 22.91 14.68 -2.13
N ASN B 96 21.89 15.08 -2.90
CA ASN B 96 20.54 15.21 -2.40
C ASN B 96 19.63 14.06 -2.82
N ASP B 97 20.20 12.91 -3.17
CA ASP B 97 19.38 11.75 -3.51
C ASP B 97 18.94 11.00 -2.26
N LYS B 98 17.73 10.45 -2.32
CA LYS B 98 17.16 9.64 -1.26
C LYS B 98 17.22 8.15 -1.56
N LYS B 99 17.22 7.79 -2.85
CA LYS B 99 17.37 6.41 -3.27
C LYS B 99 17.66 6.39 -4.76
N SER B 100 18.63 5.58 -5.18
CA SER B 100 19.05 5.54 -6.58
C SER B 100 19.49 4.13 -6.91
N PHE B 101 19.50 3.82 -8.20
CA PHE B 101 19.96 2.52 -8.66
C PHE B 101 20.35 2.62 -10.13
N VAL B 102 21.18 1.70 -10.56
CA VAL B 102 21.55 1.53 -11.96
C VAL B 102 20.74 0.40 -12.53
N HIS B 103 20.09 0.63 -13.66
CA HIS B 103 19.24 -0.39 -14.26
C HIS B 103 20.08 -1.59 -14.67
N GLY B 104 19.51 -2.78 -14.51
CA GLY B 104 20.26 -4.02 -14.65
C GLY B 104 19.57 -5.11 -15.44
N VAL B 105 18.82 -4.73 -16.49
CA VAL B 105 18.17 -5.66 -17.39
C VAL B 105 18.41 -5.17 -18.82
N THR B 106 18.86 -6.04 -19.75
CA THR B 106 19.20 -7.46 -19.55
C THR B 106 20.53 -7.63 -18.82
N VAL B 107 21.40 -6.64 -18.95
CA VAL B 107 22.69 -6.61 -18.28
C VAL B 107 22.80 -5.30 -17.51
N LYS B 108 23.85 -5.18 -16.70
CA LYS B 108 24.12 -3.92 -16.03
C LYS B 108 24.37 -2.84 -17.07
N ASN B 109 23.49 -1.83 -17.10
CA ASN B 109 23.51 -0.81 -18.14
C ASN B 109 24.68 0.13 -17.88
N ARG B 110 25.86 -0.31 -18.29
CA ARG B 110 27.08 0.47 -18.18
C ARG B 110 27.83 0.43 -19.50
N MET B 111 28.62 1.47 -19.74
CA MET B 111 29.41 1.64 -20.94
C MET B 111 30.84 1.94 -20.53
N ILE B 112 31.79 1.24 -21.13
CA ILE B 112 33.21 1.53 -21.00
C ILE B 112 33.78 1.65 -22.41
N ARG B 113 34.37 2.81 -22.71
CA ARG B 113 35.02 3.03 -23.99
C ARG B 113 36.40 3.64 -23.75
N LEU B 114 37.43 2.92 -24.16
CA LEU B 114 38.81 3.38 -24.09
C LEU B 114 39.25 3.93 -25.43
N HIS B 115 40.27 4.78 -25.39
CA HIS B 115 40.84 5.44 -26.55
C HIS B 115 42.35 5.27 -26.50
N PRO B 116 43.04 5.36 -27.65
CA PRO B 116 44.50 5.13 -27.64
C PRO B 116 45.26 6.10 -26.75
N ASP B 117 44.81 7.34 -26.63
CA ASP B 117 45.50 8.31 -25.79
C ASP B 117 45.29 8.07 -24.30
N GLY B 118 44.41 7.14 -23.92
CA GLY B 118 44.17 6.80 -22.54
C GLY B 118 42.92 7.41 -21.94
N THR B 119 42.09 8.07 -22.73
CA THR B 119 40.88 8.68 -22.20
C THR B 119 39.79 7.62 -22.05
N VAL B 120 39.20 7.57 -20.86
CA VAL B 120 38.13 6.65 -20.51
C VAL B 120 36.81 7.41 -20.55
N LEU B 121 35.82 6.83 -21.24
CA LEU B 121 34.44 7.26 -21.22
C LEU B 121 33.63 6.20 -20.51
N TYR B 122 32.92 6.60 -19.45
CA TYR B 122 32.23 5.70 -18.55
C TYR B 122 30.79 6.17 -18.43
N GLY B 123 29.86 5.36 -18.94
CA GLY B 123 28.44 5.72 -18.99
C GLY B 123 27.62 4.82 -18.10
N LEU B 124 26.59 5.40 -17.48
CA LEU B 124 25.65 4.67 -16.64
C LEU B 124 24.24 5.14 -16.95
N ARG B 125 23.26 4.27 -16.68
CA ARG B 125 21.85 4.61 -16.78
C ARG B 125 21.29 4.59 -15.37
N ILE B 126 20.93 5.75 -14.84
CA ILE B 126 20.61 5.92 -13.43
C ILE B 126 19.21 6.48 -13.30
N THR B 127 18.40 5.85 -12.45
CA THR B 127 17.15 6.40 -11.95
C THR B 127 17.36 6.77 -10.50
N THR B 128 16.99 8.00 -10.14
CA THR B 128 17.27 8.54 -8.82
C THR B 128 16.09 9.37 -8.34
N THR B 129 15.69 9.15 -7.09
CA THR B 129 14.77 10.03 -6.40
C THR B 129 15.59 11.08 -5.67
N ALA B 130 15.32 12.35 -5.95
CA ALA B 130 16.09 13.47 -5.43
C ALA B 130 15.19 14.42 -4.67
N ALA B 131 15.66 14.86 -3.51
CA ALA B 131 14.89 15.76 -2.67
C ALA B 131 14.80 17.14 -3.31
N CYS B 132 13.61 17.75 -3.22
CA CYS B 132 13.38 19.11 -3.72
C CYS B 132 12.42 19.79 -2.75
N MET B 133 12.97 20.61 -1.86
CA MET B 133 12.12 21.40 -0.97
C MET B 133 11.31 22.39 -1.80
N MET B 134 10.02 22.48 -1.51
CA MET B 134 9.08 23.28 -2.30
C MET B 134 8.42 24.33 -1.42
N ASP B 135 8.30 25.54 -1.96
CA ASP B 135 7.64 26.65 -1.27
C ASP B 135 6.20 26.71 -1.77
N LEU B 136 5.27 26.24 -0.93
CA LEU B 136 3.86 26.18 -1.27
C LEU B 136 3.09 27.41 -0.79
N ARG B 137 3.78 28.53 -0.60
CA ARG B 137 3.10 29.74 -0.12
C ARG B 137 2.14 30.29 -1.17
N ARG B 138 2.50 30.19 -2.45
CA ARG B 138 1.66 30.65 -3.56
C ARG B 138 1.03 29.49 -4.31
N TYR B 139 0.87 28.35 -3.65
CA TYR B 139 0.26 27.18 -4.29
C TYR B 139 -1.20 27.48 -4.62
N PRO B 140 -1.69 27.03 -5.80
CA PRO B 140 -1.07 26.30 -6.91
C PRO B 140 -0.49 27.23 -7.99
N LEU B 141 -0.33 28.50 -7.67
CA LEU B 141 0.21 29.50 -8.60
C LEU B 141 1.70 29.71 -8.40
N ASP B 142 2.42 28.66 -8.01
CA ASP B 142 3.82 28.75 -7.61
C ASP B 142 4.73 28.20 -8.72
N GLU B 143 6.00 28.57 -8.64
CA GLU B 143 7.06 28.00 -9.46
C GLU B 143 8.19 27.55 -8.54
N GLN B 144 8.65 26.32 -8.75
CA GLN B 144 9.64 25.68 -7.89
C GLN B 144 10.98 25.58 -8.59
N ASN B 145 12.02 25.38 -7.78
CA ASN B 145 13.39 25.23 -8.26
C ASN B 145 13.93 23.93 -7.68
N CYS B 146 14.12 22.94 -8.54
CA CYS B 146 14.59 21.61 -8.14
C CYS B 146 15.97 21.37 -8.71
N THR B 147 16.90 20.93 -7.85
CA THR B 147 18.30 20.81 -8.19
C THR B 147 18.76 19.36 -8.14
N LEU B 148 19.88 19.10 -8.79
CA LEU B 148 20.61 17.85 -8.70
C LEU B 148 22.08 18.21 -8.50
N GLU B 149 22.61 17.85 -7.34
CA GLU B 149 23.97 18.21 -6.94
C GLU B 149 24.86 16.99 -7.06
N ILE B 150 25.98 17.15 -7.77
CA ILE B 150 26.91 16.08 -8.08
C ILE B 150 28.24 16.41 -7.42
N GLU B 151 28.79 15.44 -6.68
CA GLU B 151 29.97 15.70 -5.86
C GLU B 151 30.82 14.44 -5.75
N SER B 152 32.09 14.63 -5.42
CA SER B 152 33.00 13.53 -5.12
C SER B 152 32.98 13.26 -3.62
N TYR B 153 32.83 11.99 -3.26
CA TYR B 153 32.67 11.66 -1.84
C TYR B 153 33.97 11.76 -1.08
N GLY B 154 35.07 11.28 -1.65
CA GLY B 154 36.33 11.15 -0.93
C GLY B 154 37.41 12.11 -1.34
N TYR B 155 37.45 12.48 -2.61
CA TYR B 155 38.56 13.25 -3.16
C TYR B 155 38.27 14.74 -3.08
N THR B 156 39.22 15.50 -2.55
CA THR B 156 39.11 16.94 -2.48
C THR B 156 39.51 17.56 -3.82
N THR B 157 39.46 18.89 -3.90
CA THR B 157 39.87 19.57 -5.12
C THR B 157 41.34 19.37 -5.42
N ASP B 158 42.15 19.05 -4.42
CA ASP B 158 43.56 18.75 -4.67
C ASP B 158 43.76 17.47 -5.47
N ASP B 159 42.77 16.58 -5.49
CA ASP B 159 42.88 15.29 -6.15
C ASP B 159 42.01 15.14 -7.39
N ILE B 160 40.85 15.81 -7.44
CA ILE B 160 39.90 15.66 -8.52
C ILE B 160 39.25 17.00 -8.81
N GLU B 161 38.88 17.20 -10.07
CA GLU B 161 38.19 18.42 -10.50
C GLU B 161 37.10 18.05 -11.48
N PHE B 162 35.94 18.71 -11.35
CA PHE B 162 34.77 18.47 -12.18
C PHE B 162 34.54 19.66 -13.09
N TYR B 163 34.00 19.38 -14.27
CA TYR B 163 33.57 20.44 -15.18
C TYR B 163 32.46 19.90 -16.07
N TRP B 164 31.61 20.81 -16.53
CA TRP B 164 30.52 20.46 -17.45
C TRP B 164 31.11 20.34 -18.85
N ARG B 165 31.31 19.11 -19.30
CA ARG B 165 31.88 18.88 -20.62
C ARG B 165 30.91 19.35 -21.69
N GLY B 166 31.39 20.23 -22.56
CA GLY B 166 30.54 20.89 -23.53
C GLY B 166 29.96 22.21 -23.07
N GLY B 167 30.22 22.62 -21.82
CA GLY B 167 29.70 23.88 -21.35
C GLY B 167 28.19 23.84 -21.20
N ASP B 168 27.53 24.86 -21.74
CA ASP B 168 26.07 24.94 -21.64
C ASP B 168 25.38 23.81 -22.38
N LYS B 169 26.05 23.17 -23.34
CA LYS B 169 25.51 22.04 -24.07
C LYS B 169 25.78 20.71 -23.39
N ALA B 170 26.19 20.73 -22.11
CA ALA B 170 26.54 19.50 -21.42
C ALA B 170 25.32 18.66 -21.03
N VAL B 171 24.14 19.28 -20.95
CA VAL B 171 22.91 18.59 -20.57
C VAL B 171 21.95 18.63 -21.75
N THR B 172 21.44 17.46 -22.13
CA THR B 172 20.53 17.31 -23.25
C THR B 172 19.30 16.53 -22.81
N GLY B 173 18.26 16.61 -23.62
CA GLY B 173 17.02 15.90 -23.34
C GLY B 173 16.05 16.62 -22.44
N VAL B 174 16.27 17.90 -22.16
CA VAL B 174 15.33 18.65 -21.33
C VAL B 174 13.98 18.76 -22.03
N GLU B 175 13.98 18.84 -23.36
CA GLU B 175 12.72 18.88 -24.10
C GLU B 175 11.92 17.60 -23.96
N ARG B 176 12.55 16.48 -23.60
CA ARG B 176 11.84 15.23 -23.43
C ARG B 176 10.94 15.20 -22.20
N ILE B 177 11.11 16.14 -21.27
CA ILE B 177 10.33 16.12 -20.04
C ILE B 177 8.87 16.41 -20.36
N GLU B 178 7.98 15.52 -19.94
CA GLU B 178 6.53 15.65 -20.15
C GLU B 178 5.85 15.40 -18.81
N LEU B 179 5.73 16.44 -18.00
CA LEU B 179 5.02 16.36 -16.74
C LEU B 179 3.58 16.83 -16.90
N PRO B 180 2.59 16.23 -16.21
CA PRO B 180 1.20 16.63 -16.46
C PRO B 180 0.90 18.03 -15.94
N GLN B 181 1.29 18.31 -14.70
CA GLN B 181 0.97 19.56 -14.02
C GLN B 181 2.19 20.44 -13.82
N PHE B 182 3.18 20.34 -14.70
CA PHE B 182 4.40 21.12 -14.60
C PHE B 182 4.95 21.36 -15.99
N SER B 183 5.78 22.40 -16.12
CA SER B 183 6.44 22.72 -17.37
C SER B 183 7.75 23.42 -17.05
N ILE B 184 8.84 22.91 -17.61
CA ILE B 184 10.16 23.46 -17.32
C ILE B 184 10.30 24.80 -18.03
N VAL B 185 10.55 25.86 -17.26
CA VAL B 185 10.73 27.19 -17.83
C VAL B 185 12.19 27.44 -18.18
N GLU B 186 13.11 26.95 -17.36
CA GLU B 186 14.53 27.22 -17.55
C GLU B 186 15.33 26.14 -16.85
N HIS B 187 16.54 25.90 -17.35
CA HIS B 187 17.49 25.01 -16.71
C HIS B 187 18.86 25.64 -16.72
N ARG B 188 19.63 25.40 -15.65
CA ARG B 188 20.91 26.04 -15.44
C ARG B 188 21.94 25.02 -14.97
N LEU B 189 23.20 25.28 -15.34
CA LEU B 189 24.35 24.49 -14.91
C LEU B 189 25.29 25.38 -14.13
N VAL B 190 25.81 24.84 -13.01
CA VAL B 190 26.67 25.59 -12.11
C VAL B 190 27.81 24.68 -11.65
N SER B 191 28.99 25.28 -11.46
CA SER B 191 30.16 24.57 -10.95
C SER B 191 30.75 25.37 -9.80
N ARG B 192 31.04 24.69 -8.69
CA ARG B 192 31.47 25.36 -7.47
C ARG B 192 32.47 24.48 -6.72
N ASN B 193 33.05 25.05 -5.67
CA ASN B 193 33.81 24.33 -4.68
C ASN B 193 33.15 24.54 -3.33
N VAL B 194 32.92 23.45 -2.60
CA VAL B 194 32.21 23.47 -1.33
C VAL B 194 33.16 23.02 -0.24
N VAL B 195 33.25 23.80 0.84
CA VAL B 195 34.22 23.60 1.90
C VAL B 195 33.54 22.89 3.06
N PHE B 196 34.19 21.83 3.55
CA PHE B 196 33.81 21.12 4.77
C PHE B 196 35.01 21.13 5.72
N ALA B 197 34.84 20.47 6.87
CA ALA B 197 35.96 20.35 7.80
C ALA B 197 37.08 19.51 7.19
N THR B 198 36.73 18.45 6.45
CA THR B 198 37.74 17.59 5.86
C THR B 198 38.48 18.28 4.72
N GLY B 199 37.81 19.17 3.99
CA GLY B 199 38.46 19.89 2.93
C GLY B 199 37.45 20.44 1.94
N ALA B 200 37.99 21.06 0.88
CA ALA B 200 37.19 21.60 -0.20
C ALA B 200 37.01 20.56 -1.29
N TYR B 201 35.79 20.43 -1.79
CA TYR B 201 35.41 19.42 -2.75
C TYR B 201 34.77 20.07 -3.98
N PRO B 202 34.96 19.51 -5.18
CA PRO B 202 34.29 20.08 -6.35
C PRO B 202 32.84 19.67 -6.41
N ARG B 203 32.02 20.52 -7.03
CA ARG B 203 30.60 20.25 -7.16
C ARG B 203 30.09 20.77 -8.50
N LEU B 204 29.17 20.00 -9.09
CA LEU B 204 28.35 20.46 -10.20
C LEU B 204 26.90 20.47 -9.74
N SER B 205 26.10 21.33 -10.37
CA SER B 205 24.70 21.47 -10.03
C SER B 205 23.90 21.68 -11.29
N LEU B 206 22.82 20.92 -11.44
CA LEU B 206 21.87 21.04 -12.54
C LEU B 206 20.53 21.44 -11.94
N SER B 207 20.08 22.65 -12.24
CA SER B 207 18.85 23.19 -11.67
C SER B 207 17.79 23.30 -12.76
N PHE B 208 16.54 22.99 -12.39
CA PHE B 208 15.37 23.18 -13.23
C PHE B 208 14.39 24.07 -12.52
N ARG B 209 13.76 24.99 -13.25
CA ARG B 209 12.68 25.82 -12.74
C ARG B 209 11.38 25.33 -13.36
N LEU B 210 10.46 24.87 -12.51
CA LEU B 210 9.21 24.26 -12.92
C LEU B 210 8.05 25.20 -12.61
N LYS B 211 7.22 25.45 -13.62
CA LYS B 211 6.02 26.26 -13.48
C LYS B 211 4.81 25.35 -13.50
N ARG B 212 3.92 25.54 -12.52
CA ARG B 212 2.76 24.67 -12.38
C ARG B 212 1.61 25.11 -13.27
N ASN B 213 0.96 24.13 -13.91
CA ASN B 213 -0.24 24.41 -14.67
C ASN B 213 -1.44 24.56 -13.74
N ILE B 214 -2.42 25.34 -14.19
CA ILE B 214 -3.52 25.80 -13.33
C ILE B 214 -4.87 25.25 -13.75
N GLY B 215 -4.98 24.58 -14.89
CA GLY B 215 -6.29 24.11 -15.34
C GLY B 215 -6.91 23.09 -14.40
N TYR B 216 -6.11 22.16 -13.90
CA TYR B 216 -6.63 21.13 -13.01
C TYR B 216 -7.20 21.74 -11.74
N PHE B 217 -6.51 22.73 -11.18
CA PHE B 217 -6.99 23.37 -9.96
C PHE B 217 -8.18 24.29 -10.23
N ILE B 218 -8.28 24.82 -11.45
CA ILE B 218 -9.48 25.55 -11.84
C ILE B 218 -10.67 24.61 -11.84
N LEU B 219 -10.51 23.41 -12.40
CA LEU B 219 -11.61 22.47 -12.46
C LEU B 219 -11.88 21.75 -11.13
N GLN B 220 -10.91 21.72 -10.23
CA GLN B 220 -11.01 20.93 -9.00
C GLN B 220 -11.52 21.74 -7.81
N THR B 221 -11.04 22.96 -7.62
CA THR B 221 -11.24 23.71 -6.39
C THR B 221 -12.06 24.99 -6.58
N TYR B 222 -11.69 25.83 -7.55
CA TYR B 222 -12.31 27.16 -7.64
C TYR B 222 -13.77 27.07 -8.08
N MET B 223 -14.03 26.32 -9.15
CA MET B 223 -15.38 26.27 -9.71
C MET B 223 -16.38 25.62 -8.77
N PRO B 224 -16.08 24.49 -8.11
CA PRO B 224 -17.02 23.98 -7.10
C PRO B 224 -17.33 24.99 -6.01
N SER B 225 -16.31 25.74 -5.54
CA SER B 225 -16.56 26.75 -4.53
C SER B 225 -17.49 27.84 -5.05
N ILE B 226 -17.27 28.28 -6.29
CA ILE B 226 -18.11 29.32 -6.87
C ILE B 226 -19.56 28.83 -7.00
N LEU B 227 -19.73 27.58 -7.48
CA LEU B 227 -21.08 27.07 -7.67
C LEU B 227 -21.80 26.89 -6.34
N ILE B 228 -21.09 26.44 -5.30
CA ILE B 228 -21.73 26.31 -4.00
C ILE B 228 -22.03 27.70 -3.43
N THR B 229 -21.24 28.71 -3.80
CA THR B 229 -21.58 30.08 -3.42
C THR B 229 -22.86 30.55 -4.12
N ILE B 230 -23.07 30.11 -5.36
CA ILE B 230 -24.36 30.38 -6.02
C ILE B 230 -25.48 29.69 -5.24
N LEU B 231 -25.24 28.45 -4.80
CA LEU B 231 -26.20 27.77 -3.93
C LEU B 231 -26.48 28.58 -2.68
N SER B 232 -25.45 29.24 -2.14
CA SER B 232 -25.65 30.06 -0.96
C SER B 232 -26.53 31.27 -1.27
N TRP B 233 -26.30 31.93 -2.41
CA TRP B 233 -27.07 33.15 -2.68
C TRP B 233 -28.50 32.86 -3.13
N VAL B 234 -28.76 31.70 -3.75
CA VAL B 234 -30.11 31.43 -4.21
C VAL B 234 -31.11 31.31 -3.07
N SER B 235 -30.64 31.17 -1.83
CA SER B 235 -31.53 31.23 -0.68
C SER B 235 -32.26 32.56 -0.60
N PHE B 236 -31.65 33.65 -1.08
CA PHE B 236 -32.26 34.97 -0.96
C PHE B 236 -33.57 35.06 -1.73
N TRP B 237 -33.60 34.51 -2.95
CA TRP B 237 -34.83 34.55 -3.73
C TRP B 237 -35.93 33.68 -3.14
N ILE B 238 -35.57 32.66 -2.36
CA ILE B 238 -36.57 31.92 -1.60
C ILE B 238 -37.19 32.85 -0.58
N ASN B 239 -38.43 32.59 -0.22
CA ASN B 239 -39.26 33.52 0.54
C ASN B 239 -39.30 33.19 2.03
N TYR B 240 -39.91 34.10 2.78
CA TYR B 240 -39.96 33.99 4.23
C TYR B 240 -41.01 32.98 4.67
N ASP B 241 -40.86 32.53 5.93
CA ASP B 241 -41.66 31.47 6.53
C ASP B 241 -41.29 30.09 6.01
N ALA B 242 -40.31 30.00 5.11
CA ALA B 242 -39.78 28.72 4.65
C ALA B 242 -38.54 28.38 5.44
N SER B 243 -38.69 28.27 6.76
CA SER B 243 -37.54 28.07 7.64
C SER B 243 -36.82 26.77 7.31
N ALA B 244 -37.57 25.69 7.05
CA ALA B 244 -36.94 24.41 6.74
C ALA B 244 -36.13 24.48 5.44
N ALA B 245 -36.49 25.38 4.53
CA ALA B 245 -35.81 25.50 3.25
C ALA B 245 -34.52 26.31 3.34
N ARG B 246 -34.63 27.58 3.75
CA ARG B 246 -33.49 28.49 3.71
C ARG B 246 -32.46 28.16 4.78
N VAL B 247 -32.87 27.60 5.91
CA VAL B 247 -31.90 27.15 6.91
C VAL B 247 -31.15 25.93 6.40
N ALA B 248 -31.88 24.98 5.81
CA ALA B 248 -31.25 23.77 5.30
C ALA B 248 -30.26 24.09 4.18
N LEU B 249 -30.61 25.06 3.32
CA LEU B 249 -29.71 25.43 2.23
C LEU B 249 -28.40 26.01 2.76
N GLY B 250 -28.49 26.89 3.75
CA GLY B 250 -27.28 27.44 4.34
C GLY B 250 -26.45 26.39 5.04
N ILE B 251 -27.11 25.48 5.77
CA ILE B 251 -26.41 24.38 6.43
C ILE B 251 -25.67 23.55 5.39
N THR B 252 -26.35 23.22 4.30
CA THR B 252 -25.74 22.43 3.23
C THR B 252 -24.52 23.12 2.64
N THR B 253 -24.63 24.42 2.36
CA THR B 253 -23.51 25.13 1.77
C THR B 253 -22.32 25.17 2.72
N VAL B 254 -22.57 25.41 4.02
CA VAL B 254 -21.49 25.45 4.99
C VAL B 254 -20.81 24.08 5.09
N LEU B 255 -21.61 23.01 5.15
CA LEU B 255 -21.03 21.67 5.19
C LEU B 255 -20.21 21.38 3.95
N THR B 256 -20.68 21.84 2.79
CA THR B 256 -19.92 21.61 1.56
C THR B 256 -18.59 22.35 1.59
N MET B 257 -18.57 23.58 2.11
CA MET B 257 -17.30 24.28 2.29
C MET B 257 -16.35 23.50 3.19
N THR B 258 -16.84 23.00 4.34
CA THR B 258 -15.95 22.25 5.22
C THR B 258 -15.46 20.97 4.56
N THR B 259 -16.34 20.26 3.85
CA THR B 259 -15.95 19.02 3.19
C THR B 259 -14.92 19.28 2.10
N ILE B 260 -15.11 20.33 1.31
CA ILE B 260 -14.13 20.66 0.29
C ILE B 260 -12.81 21.09 0.93
N ASN B 261 -12.88 21.82 2.04
CA ASN B 261 -11.66 22.27 2.70
C ASN B 261 -10.83 21.08 3.18
N THR B 262 -11.47 20.09 3.81
CA THR B 262 -10.70 18.93 4.26
C THR B 262 -10.27 18.04 3.10
N HIS B 263 -11.08 17.91 2.05
CA HIS B 263 -10.72 17.05 0.93
C HIS B 263 -9.69 17.71 0.02
N LEU B 264 -9.52 19.03 0.09
CA LEU B 264 -8.63 19.73 -0.83
C LEU B 264 -7.18 19.29 -0.66
N ARG B 265 -6.72 19.18 0.59
CA ARG B 265 -5.33 18.90 0.92
C ARG B 265 -5.19 17.47 1.44
N GLU B 266 -4.94 16.56 0.51
CA GLU B 266 -4.60 15.18 0.80
C GLU B 266 -3.30 14.82 0.12
N THR B 267 -3.05 15.39 -1.06
CA THR B 267 -1.80 15.27 -1.78
C THR B 267 -0.81 16.36 -1.42
N LEU B 268 -1.06 17.14 -0.34
CA LEU B 268 -0.20 18.21 0.13
C LEU B 268 0.39 17.85 1.49
N PRO B 269 1.56 18.40 1.85
CA PRO B 269 2.13 18.13 3.17
C PRO B 269 1.39 18.91 4.25
N LYS B 270 1.78 18.67 5.50
CA LYS B 270 1.19 19.34 6.66
C LYS B 270 1.96 20.61 7.00
N ILE B 271 2.09 21.48 6.00
CA ILE B 271 2.79 22.76 6.16
C ILE B 271 2.02 23.62 7.15
N PRO B 272 2.69 24.43 7.99
CA PRO B 272 1.93 25.26 8.95
C PRO B 272 1.36 26.52 8.31
N TYR B 273 2.10 27.11 7.38
CA TYR B 273 1.68 28.37 6.78
C TYR B 273 0.49 28.16 5.85
N VAL B 274 -0.21 29.25 5.54
CA VAL B 274 -1.41 29.24 4.73
C VAL B 274 -1.04 29.40 3.26
N LYS B 275 -1.74 28.67 2.41
CA LYS B 275 -1.60 28.75 0.96
C LYS B 275 -2.60 29.74 0.39
N ALA B 276 -2.38 30.14 -0.85
CA ALA B 276 -3.31 31.03 -1.53
C ALA B 276 -4.67 30.38 -1.70
N ILE B 277 -4.68 29.08 -2.02
CA ILE B 277 -5.94 28.37 -2.19
C ILE B 277 -6.71 28.34 -0.88
N ASP B 278 -6.00 28.25 0.25
CA ASP B 278 -6.65 28.31 1.55
C ASP B 278 -7.28 29.68 1.78
N MET B 279 -6.60 30.75 1.36
CA MET B 279 -7.17 32.09 1.48
C MET B 279 -8.46 32.21 0.67
N TYR B 280 -8.45 31.69 -0.56
CA TYR B 280 -9.65 31.74 -1.39
C TYR B 280 -10.78 30.94 -0.76
N LEU B 281 -10.48 29.76 -0.24
CA LEU B 281 -11.51 28.95 0.40
C LEU B 281 -12.08 29.63 1.64
N MET B 282 -11.22 30.28 2.45
CA MET B 282 -11.73 30.98 3.61
C MET B 282 -12.59 32.17 3.21
N GLY B 283 -12.22 32.85 2.13
CA GLY B 283 -13.08 33.91 1.61
C GLY B 283 -14.46 33.40 1.22
N CYS B 284 -14.49 32.27 0.49
CA CYS B 284 -15.77 31.67 0.12
C CYS B 284 -16.56 31.26 1.36
N PHE B 285 -15.87 30.71 2.36
CA PHE B 285 -16.57 30.27 3.56
C PHE B 285 -17.19 31.45 4.30
N VAL B 286 -16.45 32.56 4.44
CA VAL B 286 -17.02 33.69 5.15
C VAL B 286 -18.19 34.29 4.37
N PHE B 287 -18.12 34.26 3.03
CA PHE B 287 -19.26 34.72 2.25
C PHE B 287 -20.49 33.86 2.51
N VAL B 288 -20.31 32.53 2.53
CA VAL B 288 -21.43 31.64 2.78
C VAL B 288 -21.97 31.85 4.19
N PHE B 289 -21.07 32.02 5.17
CA PHE B 289 -21.49 32.23 6.54
C PHE B 289 -22.28 33.52 6.69
N LEU B 290 -21.84 34.58 6.02
CA LEU B 290 -22.60 35.82 6.04
C LEU B 290 -23.97 35.63 5.40
N ALA B 291 -24.03 34.83 4.33
CA ALA B 291 -25.33 34.54 3.71
C ALA B 291 -26.27 33.86 4.69
N LEU B 292 -25.78 32.88 5.44
CA LEU B 292 -26.65 32.20 6.42
C LEU B 292 -27.05 33.15 7.55
N LEU B 293 -26.10 33.92 8.07
CA LEU B 293 -26.40 34.85 9.14
C LEU B 293 -27.38 35.93 8.68
N GLU B 294 -27.41 36.23 7.38
CA GLU B 294 -28.39 37.18 6.86
C GLU B 294 -29.81 36.70 7.14
N TYR B 295 -30.12 35.46 6.75
CA TYR B 295 -31.46 34.96 7.03
C TYR B 295 -31.69 34.75 8.51
N ALA B 296 -30.66 34.40 9.28
CA ALA B 296 -30.84 34.34 10.73
C ALA B 296 -31.31 35.69 11.27
N PHE B 297 -30.66 36.77 10.81
CA PHE B 297 -31.04 38.12 11.23
C PHE B 297 -32.46 38.47 10.79
N VAL B 298 -32.82 38.14 9.54
CA VAL B 298 -34.14 38.50 9.04
C VAL B 298 -35.23 37.71 9.77
N ASN B 299 -34.99 36.44 10.05
CA ASN B 299 -35.95 35.65 10.82
C ASN B 299 -36.14 36.24 12.21
N TYR B 300 -35.03 36.61 12.86
CA TYR B 300 -35.13 37.24 14.18
C TYR B 300 -35.94 38.52 14.11
N ILE B 301 -35.73 39.34 13.08
CA ILE B 301 -36.45 40.59 12.96
C ILE B 301 -37.94 40.36 12.76
N PHE B 302 -38.30 39.52 11.79
CA PHE B 302 -39.72 39.43 11.44
C PHE B 302 -40.50 38.69 12.50
N PHE B 303 -39.95 37.58 13.03
CA PHE B 303 -40.63 36.91 14.14
C PHE B 303 -40.44 37.65 15.46
N GLY B 304 -39.38 38.44 15.60
CA GLY B 304 -39.14 39.20 16.82
C GLY B 304 -38.53 38.36 17.93
N ASP B 415 -39.26 46.96 7.42
CA ASP B 415 -37.83 46.68 7.28
C ASP B 415 -37.61 45.41 6.47
N VAL B 416 -38.45 44.41 6.72
CA VAL B 416 -38.32 43.12 6.05
C VAL B 416 -38.91 43.22 4.64
N ASN B 417 -38.41 42.38 3.74
CA ASN B 417 -38.64 42.35 2.30
C ASN B 417 -37.84 43.46 1.60
N ALA B 418 -37.12 44.32 2.33
CA ALA B 418 -36.17 45.27 1.77
C ALA B 418 -34.74 44.95 2.13
N ILE B 419 -34.50 44.38 3.32
CA ILE B 419 -33.16 43.97 3.70
C ILE B 419 -32.68 42.84 2.79
N ASP B 420 -33.59 41.96 2.36
CA ASP B 420 -33.21 40.88 1.46
C ASP B 420 -32.96 41.40 0.04
N ARG B 421 -33.64 42.47 -0.36
CA ARG B 421 -33.34 43.09 -1.64
C ARG B 421 -31.96 43.75 -1.61
N TRP B 422 -31.54 44.24 -0.44
CA TRP B 422 -30.18 44.73 -0.25
C TRP B 422 -29.16 43.60 -0.08
N SER B 423 -29.60 42.33 -0.10
CA SER B 423 -28.70 41.19 -0.04
C SER B 423 -28.49 40.50 -1.38
N ARG B 424 -29.47 40.58 -2.29
CA ARG B 424 -29.32 39.97 -3.61
C ARG B 424 -28.33 40.73 -4.49
N ILE B 425 -28.10 42.01 -4.22
CA ILE B 425 -27.30 42.86 -5.10
C ILE B 425 -25.88 43.02 -4.55
N VAL B 426 -25.74 43.04 -3.23
CA VAL B 426 -24.43 43.28 -2.62
C VAL B 426 -23.59 42.01 -2.56
N PHE B 427 -24.19 40.85 -2.35
CA PHE B 427 -23.40 39.63 -2.22
C PHE B 427 -22.66 39.27 -3.50
N PRO B 428 -23.31 39.19 -4.68
CA PRO B 428 -22.54 38.92 -5.91
C PRO B 428 -21.49 39.96 -6.21
N PHE B 429 -21.80 41.24 -5.98
CA PHE B 429 -20.84 42.29 -6.25
C PHE B 429 -19.61 42.16 -5.35
N THR B 430 -19.83 41.91 -4.06
CA THR B 430 -18.72 41.74 -3.13
C THR B 430 -17.89 40.51 -3.47
N PHE B 431 -18.55 39.42 -3.88
CA PHE B 431 -17.82 38.21 -4.26
C PHE B 431 -16.97 38.47 -5.50
N SER B 432 -17.52 39.18 -6.49
CA SER B 432 -16.75 39.52 -7.68
C SER B 432 -15.56 40.41 -7.32
N LEU B 433 -15.77 41.38 -6.43
CA LEU B 433 -14.67 42.24 -6.00
C LEU B 433 -13.58 41.42 -5.30
N PHE B 434 -13.97 40.50 -4.43
CA PHE B 434 -13.00 39.67 -3.74
C PHE B 434 -12.22 38.80 -4.73
N ASN B 435 -12.92 38.22 -5.71
CA ASN B 435 -12.22 37.42 -6.72
C ASN B 435 -11.25 38.28 -7.51
N LEU B 436 -11.66 39.49 -7.88
CA LEU B 436 -10.77 40.38 -8.63
C LEU B 436 -9.53 40.72 -7.83
N VAL B 437 -9.70 41.04 -6.54
CA VAL B 437 -8.56 41.38 -5.69
C VAL B 437 -7.63 40.19 -5.55
N TYR B 438 -8.19 39.00 -5.30
CA TYR B 438 -7.38 37.80 -5.12
C TYR B 438 -6.59 37.48 -6.40
N TRP B 439 -7.26 37.54 -7.55
CA TRP B 439 -6.61 37.14 -8.79
C TRP B 439 -5.58 38.16 -9.26
N LEU B 440 -5.78 39.46 -8.98
CA LEU B 440 -4.72 40.40 -9.29
C LEU B 440 -3.57 40.32 -8.29
N TYR B 441 -3.85 39.92 -7.05
CA TYR B 441 -2.78 39.79 -6.07
C TYR B 441 -1.87 38.61 -6.41
N TYR B 442 -2.45 37.45 -6.67
CA TYR B 442 -1.66 36.24 -6.91
C TYR B 442 -1.36 36.04 -8.39
N VAL B 443 -0.78 37.06 -9.02
CA VAL B 443 -0.31 36.96 -10.40
C VAL B 443 0.94 37.83 -10.52
N GLY C 3 27.91 -40.64 -26.66
CA GLY C 3 27.75 -39.75 -25.52
C GLY C 3 28.39 -40.31 -24.26
N ASN C 4 29.71 -40.47 -24.28
CA ASN C 4 30.43 -40.95 -23.11
C ASN C 4 30.47 -39.92 -21.99
N MET C 5 30.10 -38.67 -22.25
CA MET C 5 29.90 -37.56 -21.33
C MET C 5 31.23 -36.95 -20.87
N SER C 6 32.38 -37.55 -21.22
CA SER C 6 33.69 -36.92 -21.02
C SER C 6 34.16 -36.20 -22.27
N PHE C 7 33.85 -36.75 -23.45
CA PHE C 7 34.13 -36.04 -24.69
C PHE C 7 33.35 -34.73 -24.76
N VAL C 8 32.11 -34.72 -24.27
CA VAL C 8 31.35 -33.49 -24.22
C VAL C 8 32.04 -32.47 -23.32
N LYS C 9 32.56 -32.92 -22.18
CA LYS C 9 33.25 -32.01 -21.28
C LYS C 9 34.51 -31.45 -21.93
N GLU C 10 35.27 -32.30 -22.61
CA GLU C 10 36.44 -31.81 -23.34
C GLU C 10 36.05 -30.77 -24.39
N THR C 11 35.01 -31.07 -25.18
CA THR C 11 34.58 -30.14 -26.22
C THR C 11 34.16 -28.81 -25.64
N VAL C 12 33.35 -28.82 -24.58
CA VAL C 12 32.90 -27.57 -23.98
C VAL C 12 34.08 -26.82 -23.35
N ASP C 13 35.03 -27.56 -22.79
CA ASP C 13 36.19 -26.92 -22.19
C ASP C 13 37.02 -26.19 -23.22
N LYS C 14 37.30 -26.83 -24.36
CA LYS C 14 38.09 -26.16 -25.39
C LYS C 14 37.27 -25.19 -26.24
N LEU C 15 35.95 -25.17 -26.11
CA LEU C 15 35.20 -24.00 -26.58
C LEU C 15 35.60 -22.77 -25.77
N LEU C 16 35.65 -22.92 -24.44
CA LEU C 16 36.22 -21.93 -23.55
C LEU C 16 37.73 -22.12 -23.49
N LYS C 17 38.38 -21.52 -22.50
CA LYS C 17 39.81 -21.58 -22.20
C LYS C 17 40.62 -20.65 -23.13
N GLY C 18 40.00 -20.06 -24.15
CA GLY C 18 40.62 -19.02 -24.94
C GLY C 18 39.61 -17.95 -25.29
N TYR C 19 38.58 -17.82 -24.45
CA TYR C 19 37.41 -17.00 -24.73
C TYR C 19 37.51 -15.71 -23.93
N ASP C 20 37.47 -14.58 -24.62
CA ASP C 20 37.50 -13.26 -23.99
C ASP C 20 36.09 -12.69 -24.01
N ILE C 21 35.44 -12.66 -22.84
CA ILE C 21 34.10 -12.11 -22.74
C ILE C 21 34.09 -10.61 -23.04
N ARG C 22 35.23 -9.93 -22.91
CA ARG C 22 35.29 -8.49 -23.13
C ARG C 22 35.16 -8.10 -24.60
N LEU C 23 35.32 -9.05 -25.53
CA LEU C 23 35.32 -8.78 -26.96
C LEU C 23 34.11 -9.44 -27.60
N ARG C 24 33.40 -8.69 -28.44
CA ARG C 24 32.26 -9.22 -29.16
C ARG C 24 32.73 -10.19 -30.25
N PRO C 25 31.83 -11.03 -30.77
CA PRO C 25 32.19 -11.83 -31.94
C PRO C 25 32.57 -10.93 -33.12
N ASP C 26 33.59 -11.37 -33.85
CA ASP C 26 34.12 -10.61 -35.00
C ASP C 26 34.51 -9.19 -34.58
N PHE C 27 35.33 -9.09 -33.53
CA PHE C 27 35.82 -7.79 -33.09
C PHE C 27 36.67 -7.16 -34.17
N GLY C 28 36.28 -5.97 -34.62
CA GLY C 28 36.91 -5.32 -35.75
C GLY C 28 36.39 -5.76 -37.10
N GLY C 29 35.59 -6.83 -37.16
CA GLY C 29 35.00 -7.28 -38.40
C GLY C 29 33.64 -6.65 -38.63
N PRO C 30 32.84 -7.25 -39.49
CA PRO C 30 31.46 -6.75 -39.70
C PRO C 30 30.65 -6.87 -38.43
N PRO C 31 29.53 -6.16 -38.32
CA PRO C 31 28.74 -6.19 -37.09
C PRO C 31 28.07 -7.54 -36.89
N VAL C 32 27.80 -7.85 -35.62
CA VAL C 32 27.10 -9.08 -35.26
C VAL C 32 25.61 -8.86 -35.45
N CYS C 33 24.97 -9.73 -36.20
CA CYS C 33 23.52 -9.70 -36.41
C CYS C 33 22.86 -10.51 -35.31
N VAL C 34 22.03 -9.84 -34.50
CA VAL C 34 21.34 -10.46 -33.37
C VAL C 34 19.86 -10.43 -33.68
N GLY C 35 19.28 -11.61 -33.92
CA GLY C 35 17.84 -11.73 -34.09
C GLY C 35 17.17 -11.85 -32.74
N MET C 36 15.97 -11.28 -32.65
CA MET C 36 15.23 -11.23 -31.39
C MET C 36 13.79 -11.67 -31.62
N ASN C 37 13.24 -12.37 -30.63
CA ASN C 37 11.83 -12.73 -30.63
C ASN C 37 11.33 -12.69 -29.20
N ILE C 38 10.03 -12.41 -29.05
CA ILE C 38 9.40 -12.25 -27.75
C ILE C 38 8.19 -13.18 -27.69
N ASP C 39 7.95 -13.74 -26.52
CA ASP C 39 6.74 -14.51 -26.23
C ASP C 39 6.09 -13.88 -25.01
N ILE C 40 5.00 -13.15 -25.22
CA ILE C 40 4.37 -12.38 -24.16
C ILE C 40 3.57 -13.33 -23.26
N ALA C 41 3.83 -13.28 -21.96
CA ALA C 41 3.09 -14.09 -21.00
C ALA C 41 1.85 -13.38 -20.50
N SER C 42 1.95 -12.09 -20.18
CA SER C 42 0.80 -11.34 -19.67
C SER C 42 1.18 -9.87 -19.59
N ILE C 43 0.15 -9.03 -19.50
CA ILE C 43 0.28 -7.62 -19.16
C ILE C 43 -0.55 -7.42 -17.90
N ASP C 44 0.11 -7.31 -16.76
CA ASP C 44 -0.60 -7.36 -15.48
C ASP C 44 -1.37 -6.08 -15.21
N MET C 45 -0.76 -4.91 -15.46
CA MET C 45 -1.32 -3.64 -15.04
C MET C 45 -1.17 -2.61 -16.14
N VAL C 46 -2.11 -1.65 -16.15
CA VAL C 46 -2.02 -0.46 -16.98
C VAL C 46 -2.51 0.71 -16.13
N SER C 47 -1.56 1.49 -15.59
CA SER C 47 -1.87 2.52 -14.61
C SER C 47 -1.89 3.88 -15.29
N GLU C 48 -3.01 4.59 -15.15
CA GLU C 48 -3.10 5.96 -15.62
C GLU C 48 -2.40 6.93 -14.68
N VAL C 49 -2.44 6.65 -13.37
CA VAL C 49 -1.80 7.53 -12.40
C VAL C 49 -0.28 7.50 -12.58
N ASN C 50 0.29 6.30 -12.67
CA ASN C 50 1.72 6.15 -12.92
C ASN C 50 2.09 6.22 -14.38
N MET C 51 1.11 6.08 -15.29
CA MET C 51 1.33 6.22 -16.72
C MET C 51 2.35 5.19 -17.22
N ASP C 52 2.10 3.92 -16.89
CA ASP C 52 3.00 2.84 -17.26
C ASP C 52 2.21 1.53 -17.24
N TYR C 53 2.88 0.46 -17.67
CA TYR C 53 2.27 -0.85 -17.71
C TYR C 53 3.32 -1.91 -17.41
N THR C 54 2.89 -3.00 -16.77
CA THR C 54 3.76 -4.11 -16.42
C THR C 54 3.60 -5.23 -17.44
N LEU C 55 4.73 -5.79 -17.89
CA LEU C 55 4.76 -6.78 -18.94
C LEU C 55 5.70 -7.91 -18.55
N THR C 56 5.23 -9.14 -18.67
CA THR C 56 6.05 -10.33 -18.47
C THR C 56 6.23 -11.04 -19.81
N MET C 57 7.44 -11.51 -20.07
CA MET C 57 7.74 -12.05 -21.39
C MET C 57 8.92 -12.99 -21.32
N TYR C 58 9.01 -13.84 -22.35
CA TYR C 58 10.21 -14.59 -22.66
C TYR C 58 10.91 -13.88 -23.81
N PHE C 59 12.14 -13.42 -23.54
CA PHE C 59 12.93 -12.65 -24.48
C PHE C 59 14.06 -13.53 -24.99
N GLN C 60 14.04 -13.85 -26.29
CA GLN C 60 15.01 -14.74 -26.91
C GLN C 60 15.86 -13.94 -27.88
N GLN C 61 17.18 -13.94 -27.64
CA GLN C 61 18.17 -13.39 -28.55
C GLN C 61 18.91 -14.55 -29.20
N TYR C 62 19.41 -14.31 -30.42
CA TYR C 62 19.90 -15.39 -31.27
C TYR C 62 20.99 -14.81 -32.15
N TRP C 63 22.23 -15.27 -31.99
CA TRP C 63 23.34 -14.74 -32.76
C TRP C 63 24.30 -15.88 -33.08
N ARG C 64 25.44 -15.54 -33.69
CA ARG C 64 26.45 -16.50 -34.09
C ARG C 64 27.81 -16.07 -33.56
N ASP C 65 28.50 -16.99 -32.92
CA ASP C 65 29.85 -16.78 -32.40
C ASP C 65 30.74 -17.92 -32.89
N LYS C 66 31.66 -17.60 -33.80
CA LYS C 66 32.54 -18.63 -34.35
C LYS C 66 33.43 -19.25 -33.28
N ARG C 67 33.72 -18.50 -32.21
CA ARG C 67 34.53 -19.05 -31.13
C ARG C 67 33.85 -20.22 -30.45
N LEU C 68 32.53 -20.25 -30.43
CA LEU C 68 31.75 -21.31 -29.79
C LEU C 68 31.31 -22.38 -30.78
N ALA C 69 32.07 -22.58 -31.86
CA ALA C 69 31.78 -23.60 -32.85
C ALA C 69 32.48 -24.90 -32.48
N TYR C 70 31.75 -26.02 -32.57
CA TYR C 70 32.30 -27.34 -32.26
C TYR C 70 31.90 -28.32 -33.35
N SER C 71 32.80 -29.27 -33.62
CA SER C 71 32.55 -30.40 -34.49
C SER C 71 32.44 -31.66 -33.65
N GLY C 72 32.12 -32.78 -34.31
CA GLY C 72 31.94 -34.03 -33.60
C GLY C 72 30.50 -34.27 -33.21
N ILE C 73 30.15 -33.87 -31.99
CA ILE C 73 28.81 -34.00 -31.43
C ILE C 73 27.79 -33.42 -32.42
N PRO C 74 26.95 -34.22 -33.07
CA PRO C 74 26.04 -33.66 -34.09
C PRO C 74 24.73 -33.11 -33.57
N LEU C 75 24.55 -32.98 -32.25
CA LEU C 75 23.32 -32.49 -31.65
C LEU C 75 23.57 -31.17 -30.93
N ASN C 76 22.48 -30.44 -30.73
CA ASN C 76 22.55 -29.14 -30.06
C ASN C 76 22.80 -29.34 -28.56
N LEU C 77 23.67 -28.50 -28.00
CA LEU C 77 24.06 -28.60 -26.60
C LEU C 77 23.19 -27.65 -25.78
N THR C 78 22.29 -28.21 -24.97
CA THR C 78 21.48 -27.45 -24.03
C THR C 78 22.21 -27.45 -22.69
N LEU C 79 23.07 -26.46 -22.49
CA LEU C 79 23.89 -26.39 -21.31
C LEU C 79 23.13 -25.75 -20.15
N ASP C 80 23.70 -25.88 -18.96
CA ASP C 80 23.12 -25.23 -17.79
C ASP C 80 23.17 -23.71 -17.94
N ASN C 81 22.21 -23.03 -17.32
CA ASN C 81 22.08 -21.59 -17.49
C ASN C 81 23.30 -20.84 -16.96
N ARG C 82 24.00 -21.41 -15.98
CA ARG C 82 25.18 -20.75 -15.41
C ARG C 82 26.27 -20.51 -16.45
N VAL C 83 26.27 -21.28 -17.55
CA VAL C 83 27.23 -21.08 -18.63
C VAL C 83 27.14 -19.67 -19.19
N ALA C 84 25.96 -19.03 -19.09
CA ALA C 84 25.80 -17.66 -19.57
C ALA C 84 26.74 -16.69 -18.88
N ASP C 85 27.25 -17.02 -17.69
CA ASP C 85 28.21 -16.13 -17.03
C ASP C 85 29.56 -16.13 -17.70
N GLN C 86 29.91 -17.17 -18.47
CA GLN C 86 31.22 -17.29 -19.10
C GLN C 86 31.20 -16.98 -20.59
N LEU C 87 30.13 -16.37 -21.10
CA LEU C 87 29.99 -16.08 -22.51
C LEU C 87 29.70 -14.60 -22.73
N TRP C 88 30.06 -14.12 -23.91
CA TRP C 88 29.62 -12.80 -24.34
C TRP C 88 28.15 -12.86 -24.73
N VAL C 89 27.38 -11.89 -24.25
CA VAL C 89 25.97 -11.75 -24.61
C VAL C 89 25.74 -10.32 -25.05
N PRO C 90 24.76 -10.03 -25.91
CA PRO C 90 24.54 -8.63 -26.30
C PRO C 90 24.11 -7.79 -25.11
N ASP C 91 24.49 -6.51 -25.14
CA ASP C 91 24.11 -5.56 -24.09
C ASP C 91 22.75 -4.93 -24.37
N THR C 92 21.76 -5.79 -24.60
CA THR C 92 20.42 -5.33 -24.91
C THR C 92 19.75 -4.75 -23.67
N TYR C 93 18.94 -3.72 -23.88
CA TYR C 93 18.21 -3.12 -22.77
C TYR C 93 16.96 -2.44 -23.31
N PHE C 94 16.01 -2.22 -22.40
CA PHE C 94 14.72 -1.62 -22.73
C PHE C 94 14.77 -0.14 -22.40
N LEU C 95 14.61 0.70 -23.42
CA LEU C 95 14.90 2.12 -23.27
C LEU C 95 13.90 2.79 -22.34
N ASN C 96 12.62 2.46 -22.46
CA ASN C 96 11.55 3.15 -21.74
C ASN C 96 11.14 2.43 -20.46
N ASP C 97 11.95 1.51 -19.96
CA ASP C 97 11.61 0.80 -18.73
C ASP C 97 11.91 1.65 -17.50
N LYS C 98 11.09 1.46 -16.48
CA LYS C 98 11.24 2.14 -15.20
C LYS C 98 11.82 1.25 -14.12
N LYS C 99 11.48 -0.04 -14.13
CA LYS C 99 12.04 -1.01 -13.20
C LYS C 99 11.75 -2.40 -13.75
N SER C 100 12.79 -3.21 -13.89
CA SER C 100 12.65 -4.54 -14.47
C SER C 100 13.62 -5.48 -13.78
N PHE C 101 13.30 -6.77 -13.85
CA PHE C 101 14.12 -7.80 -13.22
C PHE C 101 13.94 -9.11 -13.97
N VAL C 102 14.90 -10.01 -13.78
CA VAL C 102 14.84 -11.36 -14.31
C VAL C 102 14.43 -12.30 -13.17
N HIS C 103 13.42 -13.12 -13.42
CA HIS C 103 12.92 -14.02 -12.39
C HIS C 103 14.01 -15.02 -11.98
N GLY C 104 14.05 -15.33 -10.69
CA GLY C 104 15.16 -16.08 -10.12
C GLY C 104 14.78 -17.18 -9.15
N VAL C 105 13.66 -17.86 -9.39
CA VAL C 105 13.24 -19.02 -8.60
C VAL C 105 12.78 -20.10 -9.58
N THR C 106 13.21 -21.36 -9.39
CA THR C 106 14.13 -21.85 -8.37
C THR C 106 15.57 -21.46 -8.67
N VAL C 107 15.86 -21.28 -9.97
CA VAL C 107 17.15 -20.78 -10.44
C VAL C 107 16.88 -19.57 -11.33
N LYS C 108 17.96 -18.92 -11.75
CA LYS C 108 17.82 -17.83 -12.71
C LYS C 108 17.21 -18.36 -14.00
N ASN C 109 16.04 -17.85 -14.35
CA ASN C 109 15.30 -18.37 -15.49
C ASN C 109 16.01 -17.91 -16.76
N ARG C 110 17.01 -18.71 -17.14
CA ARG C 110 17.85 -18.43 -18.29
C ARG C 110 17.98 -19.69 -19.13
N MET C 111 18.10 -19.50 -20.44
CA MET C 111 18.33 -20.56 -21.40
C MET C 111 19.59 -20.23 -22.18
N ILE C 112 20.49 -21.20 -22.31
CA ILE C 112 21.61 -21.15 -23.23
C ILE C 112 21.55 -22.41 -24.08
N ARG C 113 21.56 -22.25 -25.39
CA ARG C 113 21.55 -23.37 -26.31
C ARG C 113 22.56 -23.11 -27.42
N LEU C 114 23.57 -23.96 -27.50
CA LEU C 114 24.60 -23.87 -28.52
C LEU C 114 24.26 -24.82 -29.67
N HIS C 115 24.81 -24.51 -30.84
CA HIS C 115 24.66 -25.28 -32.05
C HIS C 115 26.04 -25.49 -32.66
N PRO C 116 26.23 -26.56 -33.45
CA PRO C 116 27.60 -26.89 -33.90
C PRO C 116 28.27 -25.81 -34.73
N ASP C 117 27.50 -24.95 -35.41
CA ASP C 117 28.06 -23.89 -36.23
C ASP C 117 28.32 -22.60 -35.46
N GLY C 118 28.45 -22.68 -34.14
CA GLY C 118 28.71 -21.52 -33.33
C GLY C 118 27.50 -20.68 -32.98
N THR C 119 26.31 -21.08 -33.39
CA THR C 119 25.11 -20.31 -33.11
C THR C 119 24.73 -20.43 -31.64
N VAL C 120 24.28 -19.31 -31.07
CA VAL C 120 23.91 -19.22 -29.67
C VAL C 120 22.47 -18.70 -29.58
N LEU C 121 21.64 -19.39 -28.81
CA LEU C 121 20.29 -18.97 -28.48
C LEU C 121 20.26 -18.70 -26.97
N TYR C 122 19.90 -17.47 -26.60
CA TYR C 122 19.97 -16.99 -25.22
C TYR C 122 18.59 -16.47 -24.83
N GLY C 123 17.96 -17.13 -23.87
CA GLY C 123 16.60 -16.80 -23.47
C GLY C 123 16.55 -16.32 -22.03
N LEU C 124 15.68 -15.35 -21.78
CA LEU C 124 15.46 -14.79 -20.45
C LEU C 124 13.96 -14.67 -20.20
N ARG C 125 13.58 -14.70 -18.93
CA ARG C 125 12.21 -14.46 -18.50
C ARG C 125 12.19 -13.16 -17.72
N ILE C 126 11.60 -12.12 -18.30
CA ILE C 126 11.72 -10.75 -17.80
C ILE C 126 10.35 -10.21 -17.47
N THR C 127 10.21 -9.64 -16.28
CA THR C 127 9.09 -8.78 -15.91
C THR C 127 9.61 -7.35 -15.86
N THR C 128 8.90 -6.46 -16.54
CA THR C 128 9.37 -5.08 -16.72
C THR C 128 8.19 -4.13 -16.65
N THR C 129 8.34 -3.06 -15.88
CA THR C 129 7.42 -1.92 -15.92
C THR C 129 7.95 -0.94 -16.95
N ALA C 130 7.09 -0.52 -17.87
CA ALA C 130 7.47 0.34 -18.98
C ALA C 130 6.56 1.55 -19.04
N ALA C 131 7.16 2.71 -19.25
CA ALA C 131 6.39 3.95 -19.34
C ALA C 131 5.56 3.96 -20.61
N CYS C 132 4.35 4.51 -20.50
CA CYS C 132 3.45 4.65 -21.64
C CYS C 132 2.65 5.93 -21.43
N MET C 133 3.08 7.00 -22.10
CA MET C 133 2.35 8.26 -22.02
C MET C 133 0.99 8.10 -22.66
N MET C 134 -0.04 8.59 -21.98
CA MET C 134 -1.43 8.37 -22.36
C MET C 134 -2.12 9.70 -22.61
N ASP C 135 -2.95 9.75 -23.65
CA ASP C 135 -3.77 10.90 -23.97
C ASP C 135 -5.16 10.65 -23.42
N LEU C 136 -5.54 11.38 -22.36
CA LEU C 136 -6.81 11.21 -21.69
C LEU C 136 -7.84 12.27 -22.10
N ARG C 137 -7.64 12.91 -23.27
CA ARG C 137 -8.59 13.93 -23.71
C ARG C 137 -9.97 13.34 -23.95
N ARG C 138 -10.03 12.17 -24.59
CA ARG C 138 -11.28 11.48 -24.88
C ARG C 138 -11.58 10.38 -23.87
N TYR C 139 -10.97 10.43 -22.69
CA TYR C 139 -11.20 9.43 -21.68
C TYR C 139 -12.66 9.50 -21.21
N PRO C 140 -13.32 8.35 -20.96
CA PRO C 140 -12.89 6.95 -21.03
C PRO C 140 -13.10 6.30 -22.39
N LEU C 141 -13.52 7.08 -23.39
CA LEU C 141 -13.63 6.56 -24.76
C LEU C 141 -12.34 6.80 -25.53
N ASP C 142 -11.23 6.36 -24.93
CA ASP C 142 -9.89 6.66 -25.41
C ASP C 142 -9.24 5.39 -25.95
N GLU C 143 -8.18 5.58 -26.73
CA GLU C 143 -7.48 4.49 -27.39
C GLU C 143 -6.00 4.81 -27.33
N GLN C 144 -5.25 4.02 -26.56
CA GLN C 144 -3.87 4.32 -26.22
C GLN C 144 -2.89 3.50 -27.05
N ASN C 145 -1.71 4.08 -27.28
CA ASN C 145 -0.60 3.42 -27.94
C ASN C 145 0.53 3.27 -26.94
N CYS C 146 0.90 2.03 -26.61
CA CYS C 146 2.01 1.75 -25.71
C CYS C 146 3.10 1.04 -26.49
N THR C 147 4.34 1.18 -26.03
CA THR C 147 5.50 0.69 -26.77
C THR C 147 6.53 0.10 -25.82
N LEU C 148 7.31 -0.84 -26.36
CA LEU C 148 8.52 -1.36 -25.74
C LEU C 148 9.65 -1.15 -26.73
N GLU C 149 10.70 -0.45 -26.29
CA GLU C 149 11.80 -0.04 -27.15
C GLU C 149 13.05 -0.78 -26.72
N ILE C 150 13.56 -1.65 -27.59
CA ILE C 150 14.73 -2.47 -27.35
C ILE C 150 15.90 -1.84 -28.07
N GLU C 151 17.05 -1.71 -27.38
CA GLU C 151 18.19 -0.99 -27.92
C GLU C 151 19.47 -1.59 -27.38
N SER C 152 20.57 -1.37 -28.10
CA SER C 152 21.90 -1.73 -27.65
C SER C 152 22.47 -0.56 -26.86
N TYR C 153 22.90 -0.83 -25.63
CA TYR C 153 23.39 0.25 -24.77
C TYR C 153 24.76 0.75 -25.22
N GLY C 154 25.69 -0.17 -25.49
CA GLY C 154 27.07 0.18 -25.70
C GLY C 154 27.51 0.24 -27.14
N TYR C 155 26.98 -0.66 -27.96
CA TYR C 155 27.46 -0.87 -29.32
C TYR C 155 26.61 -0.10 -30.31
N THR C 156 27.26 0.50 -31.30
CA THR C 156 26.59 1.23 -32.37
C THR C 156 26.26 0.26 -33.51
N THR C 157 25.74 0.79 -34.62
CA THR C 157 25.44 -0.06 -35.76
C THR C 157 26.69 -0.60 -36.43
N ASP C 158 27.86 0.00 -36.18
CA ASP C 158 29.10 -0.55 -36.70
C ASP C 158 29.49 -1.86 -36.05
N ASP C 159 28.93 -2.17 -34.86
CA ASP C 159 29.31 -3.34 -34.08
C ASP C 159 28.19 -4.35 -33.91
N ILE C 160 26.93 -3.93 -33.95
CA ILE C 160 25.81 -4.84 -33.70
C ILE C 160 24.62 -4.37 -34.52
N GLU C 161 23.75 -5.32 -34.87
CA GLU C 161 22.54 -5.03 -35.62
C GLU C 161 21.41 -5.92 -35.11
N PHE C 162 20.22 -5.34 -35.01
CA PHE C 162 19.03 -6.02 -34.51
C PHE C 162 18.03 -6.24 -35.64
N TYR C 163 17.34 -7.37 -35.57
CA TYR C 163 16.25 -7.67 -36.49
C TYR C 163 15.29 -8.62 -35.80
N TRP C 164 14.06 -8.67 -36.31
CA TRP C 164 13.03 -9.57 -35.80
C TRP C 164 13.13 -10.91 -36.51
N ARG C 165 13.18 -11.99 -35.73
CA ARG C 165 13.23 -13.34 -36.30
C ARG C 165 11.83 -13.75 -36.74
N GLY C 166 11.67 -14.05 -38.02
CA GLY C 166 10.38 -14.34 -38.58
C GLY C 166 9.57 -13.13 -38.96
N GLY C 167 10.13 -11.93 -38.89
CA GLY C 167 9.41 -10.72 -39.26
C GLY C 167 8.21 -10.46 -38.38
N ASP C 168 7.04 -10.35 -39.01
CA ASP C 168 5.81 -10.07 -38.27
C ASP C 168 5.42 -11.20 -37.32
N LYS C 169 5.96 -12.40 -37.50
CA LYS C 169 5.69 -13.53 -36.62
C LYS C 169 6.63 -13.61 -35.43
N ALA C 170 7.53 -12.63 -35.25
CA ALA C 170 8.52 -12.71 -34.19
C ALA C 170 7.87 -12.70 -32.81
N VAL C 171 6.85 -11.87 -32.64
CA VAL C 171 6.17 -11.71 -31.35
C VAL C 171 4.94 -12.61 -31.34
N THR C 172 4.82 -13.42 -30.29
CA THR C 172 3.69 -14.31 -30.10
C THR C 172 3.13 -14.09 -28.69
N GLY C 173 2.01 -14.75 -28.41
CA GLY C 173 1.38 -14.63 -27.11
C GLY C 173 0.54 -13.39 -26.93
N VAL C 174 0.27 -12.63 -27.99
CA VAL C 174 -0.57 -11.44 -27.87
C VAL C 174 -1.99 -11.85 -27.47
N GLU C 175 -2.44 -13.03 -27.91
CA GLU C 175 -3.75 -13.52 -27.53
C GLU C 175 -3.82 -13.90 -26.05
N ARG C 176 -2.67 -14.12 -25.39
CA ARG C 176 -2.68 -14.47 -23.97
C ARG C 176 -3.05 -13.32 -23.08
N ILE C 177 -3.02 -12.08 -23.58
CA ILE C 177 -3.29 -10.91 -22.73
C ILE C 177 -4.75 -10.93 -22.31
N GLU C 178 -4.98 -10.73 -21.01
CA GLU C 178 -6.32 -10.64 -20.42
C GLU C 178 -6.35 -9.41 -19.52
N LEU C 179 -6.60 -8.25 -20.12
CA LEU C 179 -6.76 -7.01 -19.39
C LEU C 179 -8.24 -6.75 -19.18
N PRO C 180 -8.77 -6.73 -17.95
CA PRO C 180 -10.22 -6.47 -17.80
C PRO C 180 -10.66 -5.13 -18.35
N GLN C 181 -9.82 -4.11 -18.26
CA GLN C 181 -10.20 -2.75 -18.65
C GLN C 181 -9.95 -2.47 -20.13
N PHE C 182 -9.05 -3.21 -20.77
CA PHE C 182 -8.59 -2.92 -22.12
C PHE C 182 -8.73 -4.16 -23.01
N SER C 183 -8.61 -3.93 -24.32
CA SER C 183 -8.52 -4.97 -25.31
C SER C 183 -7.53 -4.55 -26.38
N ILE C 184 -6.65 -5.45 -26.76
CA ILE C 184 -5.57 -5.13 -27.70
C ILE C 184 -6.13 -5.20 -29.11
N VAL C 185 -6.32 -4.03 -29.73
CA VAL C 185 -6.84 -3.99 -31.09
C VAL C 185 -5.80 -4.47 -32.09
N GLU C 186 -4.55 -4.04 -31.91
CA GLU C 186 -3.52 -4.28 -32.91
C GLU C 186 -2.16 -4.24 -32.24
N HIS C 187 -1.18 -4.89 -32.86
CA HIS C 187 0.20 -4.80 -32.44
C HIS C 187 1.10 -4.71 -33.67
N ARG C 188 2.24 -4.04 -33.51
CA ARG C 188 3.16 -3.77 -34.61
C ARG C 188 4.60 -3.96 -34.18
N LEU C 189 5.44 -4.28 -35.15
CA LEU C 189 6.88 -4.42 -34.96
C LEU C 189 7.59 -3.47 -35.91
N VAL C 190 8.57 -2.73 -35.40
CA VAL C 190 9.35 -1.78 -36.19
C VAL C 190 10.82 -2.00 -35.87
N SER C 191 11.67 -1.75 -36.88
CA SER C 191 13.11 -1.81 -36.74
C SER C 191 13.69 -0.55 -37.38
N ARG C 192 14.64 0.10 -36.70
CA ARG C 192 15.18 1.36 -37.19
C ARG C 192 16.56 1.58 -36.58
N ASN C 193 17.19 2.66 -37.01
CA ASN C 193 18.46 3.13 -36.46
C ASN C 193 18.26 4.55 -35.94
N VAL C 194 18.68 4.80 -34.70
CA VAL C 194 18.50 6.08 -34.04
C VAL C 194 19.86 6.73 -33.88
N VAL C 195 19.97 7.99 -34.30
CA VAL C 195 21.24 8.72 -34.32
C VAL C 195 21.38 9.52 -33.04
N PHE C 196 22.52 9.37 -32.37
CA PHE C 196 22.88 10.10 -31.17
C PHE C 196 24.17 10.87 -31.43
N ALA C 197 24.62 11.62 -30.41
CA ALA C 197 25.93 12.26 -30.51
C ALA C 197 27.04 11.23 -30.61
N THR C 198 26.94 10.14 -29.85
CA THR C 198 27.99 9.13 -29.86
C THR C 198 27.96 8.31 -31.15
N GLY C 199 26.81 8.16 -31.78
CA GLY C 199 26.71 7.44 -33.03
C GLY C 199 25.29 7.00 -33.29
N ALA C 200 25.16 6.09 -34.26
CA ALA C 200 23.87 5.53 -34.67
C ALA C 200 23.75 4.13 -34.06
N TYR C 201 22.63 3.89 -33.36
CA TYR C 201 22.39 2.67 -32.61
C TYR C 201 21.19 1.91 -33.19
N PRO C 202 21.19 0.57 -33.16
CA PRO C 202 19.99 -0.16 -33.59
C PRO C 202 18.85 0.03 -32.61
N ARG C 203 17.63 -0.15 -33.10
CA ARG C 203 16.46 -0.14 -32.24
C ARG C 203 15.38 -1.02 -32.82
N LEU C 204 14.69 -1.75 -31.95
CA LEU C 204 13.45 -2.44 -32.27
C LEU C 204 12.34 -1.86 -31.40
N SER C 205 11.13 -1.87 -31.93
CA SER C 205 9.97 -1.33 -31.23
C SER C 205 8.81 -2.29 -31.37
N LEU C 206 8.21 -2.67 -30.25
CA LEU C 206 7.00 -3.49 -30.21
C LEU C 206 5.89 -2.61 -29.65
N SER C 207 4.89 -2.32 -30.48
CA SER C 207 3.81 -1.40 -30.14
C SER C 207 2.51 -2.16 -30.00
N PHE C 208 1.70 -1.76 -29.02
CA PHE C 208 0.35 -2.26 -28.81
C PHE C 208 -0.62 -1.09 -28.84
N ARG C 209 -1.82 -1.35 -29.36
CA ARG C 209 -2.94 -0.41 -29.32
C ARG C 209 -4.02 -0.98 -28.41
N LEU C 210 -4.35 -0.26 -27.35
CA LEU C 210 -5.32 -0.70 -26.36
C LEU C 210 -6.57 0.16 -26.46
N LYS C 211 -7.72 -0.48 -26.61
CA LYS C 211 -9.03 0.18 -26.59
C LYS C 211 -9.70 -0.11 -25.26
N ARG C 212 -10.14 0.94 -24.58
CA ARG C 212 -10.71 0.80 -23.25
C ARG C 212 -12.15 0.31 -23.30
N ASN C 213 -12.50 -0.56 -22.36
CA ASN C 213 -13.87 -1.05 -22.24
C ASN C 213 -14.71 -0.03 -21.47
N ILE C 214 -15.89 0.27 -22.00
CA ILE C 214 -16.74 1.33 -21.43
C ILE C 214 -17.74 0.81 -20.41
N GLY C 215 -17.90 -0.52 -20.28
CA GLY C 215 -18.97 -1.05 -19.44
C GLY C 215 -18.86 -0.63 -17.98
N TYR C 216 -17.64 -0.62 -17.45
CA TYR C 216 -17.46 -0.26 -16.05
C TYR C 216 -17.89 1.18 -15.79
N PHE C 217 -17.56 2.09 -16.70
CA PHE C 217 -17.91 3.49 -16.50
C PHE C 217 -19.38 3.75 -16.73
N ILE C 218 -20.03 2.95 -17.58
CA ILE C 218 -21.49 2.99 -17.67
C ILE C 218 -22.09 2.56 -16.34
N LEU C 219 -21.53 1.51 -15.72
CA LEU C 219 -22.08 1.02 -14.47
C LEU C 219 -21.74 1.92 -13.29
N GLN C 220 -20.68 2.73 -13.39
CA GLN C 220 -20.15 3.51 -12.27
C GLN C 220 -20.51 4.99 -12.36
N THR C 221 -20.19 5.66 -13.46
CA THR C 221 -20.28 7.11 -13.55
C THR C 221 -21.61 7.57 -14.15
N TYR C 222 -21.91 7.14 -15.38
CA TYR C 222 -23.02 7.71 -16.13
C TYR C 222 -24.36 7.39 -15.46
N MET C 223 -24.55 6.15 -15.01
CA MET C 223 -25.86 5.75 -14.49
C MET C 223 -26.24 6.52 -13.24
N PRO C 224 -25.40 6.65 -12.21
CA PRO C 224 -25.79 7.50 -11.07
C PRO C 224 -26.04 8.94 -11.44
N SER C 225 -25.28 9.49 -12.40
CA SER C 225 -25.53 10.87 -12.82
C SER C 225 -26.91 11.02 -13.44
N ILE C 226 -27.29 10.08 -14.32
CA ILE C 226 -28.60 10.13 -14.94
C ILE C 226 -29.69 9.95 -13.89
N LEU C 227 -29.47 9.03 -12.95
CA LEU C 227 -30.48 8.78 -11.91
C LEU C 227 -30.65 10.00 -11.02
N ILE C 228 -29.56 10.67 -10.67
CA ILE C 228 -29.66 11.86 -9.83
C ILE C 228 -30.34 12.99 -10.60
N THR C 229 -30.08 13.10 -11.89
CA THR C 229 -30.77 14.10 -12.70
C THR C 229 -32.27 13.84 -12.74
N ILE C 230 -32.67 12.57 -12.86
CA ILE C 230 -34.09 12.23 -12.83
C ILE C 230 -34.69 12.53 -11.46
N LEU C 231 -33.93 12.25 -10.40
CA LEU C 231 -34.40 12.58 -9.06
C LEU C 231 -34.58 14.09 -8.90
N SER C 232 -33.72 14.87 -9.55
CA SER C 232 -33.92 16.31 -9.59
C SER C 232 -35.22 16.66 -10.33
N TRP C 233 -35.48 15.98 -11.44
CA TRP C 233 -36.71 16.22 -12.20
C TRP C 233 -37.94 15.92 -11.36
N VAL C 234 -37.85 14.98 -10.43
CA VAL C 234 -39.00 14.58 -9.63
C VAL C 234 -39.56 15.77 -8.85
N SER C 235 -38.73 16.77 -8.54
CA SER C 235 -39.18 17.93 -7.78
C SER C 235 -40.30 18.68 -8.48
N PHE C 236 -40.33 18.65 -9.82
CA PHE C 236 -41.33 19.43 -10.54
C PHE C 236 -42.75 18.91 -10.31
N TRP C 237 -42.91 17.61 -10.08
CA TRP C 237 -44.24 17.07 -9.87
C TRP C 237 -44.80 17.43 -8.51
N ILE C 238 -43.94 17.62 -7.51
CA ILE C 238 -44.40 18.01 -6.19
C ILE C 238 -45.02 19.41 -6.26
N ASN C 239 -46.02 19.64 -5.41
CA ASN C 239 -46.71 20.92 -5.41
C ASN C 239 -45.77 22.04 -4.98
N TYR C 240 -46.06 23.24 -5.47
CA TYR C 240 -45.17 24.37 -5.24
C TYR C 240 -45.07 24.74 -3.76
N ASP C 241 -46.14 24.54 -2.99
CA ASP C 241 -46.15 24.99 -1.61
C ASP C 241 -45.24 24.17 -0.71
N ALA C 242 -44.87 22.96 -1.11
CA ALA C 242 -43.97 22.12 -0.32
C ALA C 242 -42.55 22.64 -0.48
N SER C 243 -42.23 23.66 0.32
CA SER C 243 -40.92 24.29 0.21
C SER C 243 -39.80 23.35 0.62
N ALA C 244 -39.92 22.74 1.80
CA ALA C 244 -38.87 21.85 2.30
C ALA C 244 -38.67 20.66 1.39
N ALA C 245 -39.76 20.05 0.94
CA ALA C 245 -39.63 18.88 0.07
C ALA C 245 -38.97 19.25 -1.26
N ARG C 246 -39.32 20.40 -1.82
CA ARG C 246 -38.81 20.75 -3.14
C ARG C 246 -37.37 21.26 -3.08
N VAL C 247 -36.96 21.91 -2.00
CA VAL C 247 -35.56 22.32 -1.88
C VAL C 247 -34.66 21.17 -1.45
N ALA C 248 -35.21 20.19 -0.71
CA ALA C 248 -34.41 19.04 -0.30
C ALA C 248 -33.88 18.29 -1.50
N LEU C 249 -34.74 18.06 -2.51
CA LEU C 249 -34.32 17.34 -3.70
C LEU C 249 -33.18 18.07 -4.41
N GLY C 250 -33.29 19.40 -4.53
CA GLY C 250 -32.24 20.15 -5.19
C GLY C 250 -30.91 20.07 -4.45
N ILE C 251 -30.94 20.26 -3.12
CA ILE C 251 -29.68 20.25 -2.38
C ILE C 251 -29.05 18.88 -2.40
N THR C 252 -29.84 17.81 -2.28
CA THR C 252 -29.25 16.48 -2.33
C THR C 252 -28.73 16.14 -3.73
N THR C 253 -29.43 16.59 -4.77
CA THR C 253 -28.93 16.34 -6.13
C THR C 253 -27.58 17.00 -6.35
N VAL C 254 -27.46 18.28 -5.96
CA VAL C 254 -26.20 18.98 -6.21
C VAL C 254 -25.08 18.42 -5.32
N LEU C 255 -25.38 18.09 -4.06
CA LEU C 255 -24.36 17.45 -3.23
C LEU C 255 -23.91 16.12 -3.80
N THR C 256 -24.85 15.30 -4.27
CA THR C 256 -24.47 14.00 -4.82
C THR C 256 -23.63 14.19 -6.08
N MET C 257 -23.97 15.18 -6.90
CA MET C 257 -23.20 15.40 -8.12
C MET C 257 -21.78 15.85 -7.81
N THR C 258 -21.63 16.75 -6.82
CA THR C 258 -20.28 17.17 -6.42
C THR C 258 -19.50 16.01 -5.81
N THR C 259 -20.16 15.17 -5.01
CA THR C 259 -19.48 14.02 -4.43
C THR C 259 -19.02 13.06 -5.52
N ILE C 260 -19.87 12.84 -6.53
CA ILE C 260 -19.48 12.02 -7.68
C ILE C 260 -18.27 12.63 -8.36
N ASN C 261 -18.26 13.96 -8.50
CA ASN C 261 -17.14 14.63 -9.15
C ASN C 261 -15.84 14.39 -8.39
N THR C 262 -15.87 14.56 -7.07
CA THR C 262 -14.66 14.35 -6.27
C THR C 262 -14.20 12.89 -6.35
N HIS C 263 -15.13 11.95 -6.17
CA HIS C 263 -14.77 10.54 -6.22
C HIS C 263 -14.19 10.17 -7.58
N LEU C 264 -14.72 10.78 -8.65
CA LEU C 264 -14.26 10.45 -9.99
C LEU C 264 -12.89 11.05 -10.28
N ARG C 265 -12.66 12.28 -9.83
CA ARG C 265 -11.41 12.98 -10.15
C ARG C 265 -10.27 12.64 -9.21
N GLU C 266 -10.54 12.00 -8.06
CA GLU C 266 -9.49 11.62 -7.13
C GLU C 266 -8.96 10.20 -7.39
N THR C 267 -9.02 9.72 -8.63
CA THR C 267 -8.45 8.42 -8.98
C THR C 267 -7.74 8.45 -10.34
N LEU C 268 -7.27 9.62 -10.78
CA LEU C 268 -6.64 9.79 -12.08
C LEU C 268 -5.55 10.84 -11.95
N PRO C 269 -4.61 10.88 -12.90
CA PRO C 269 -3.54 11.88 -12.81
C PRO C 269 -4.07 13.30 -12.93
N LYS C 270 -3.32 14.24 -12.36
CA LYS C 270 -3.72 15.64 -12.30
C LYS C 270 -3.42 16.34 -13.63
N ILE C 271 -4.06 15.86 -14.68
CA ILE C 271 -3.89 16.41 -16.03
C ILE C 271 -4.55 17.78 -16.09
N PRO C 272 -4.04 18.75 -16.86
CA PRO C 272 -4.61 20.10 -16.84
C PRO C 272 -5.78 20.34 -17.79
N TYR C 273 -6.12 19.38 -18.65
CA TYR C 273 -7.14 19.56 -19.67
C TYR C 273 -8.41 18.80 -19.30
N VAL C 274 -9.47 19.05 -20.06
CA VAL C 274 -10.80 18.53 -19.77
C VAL C 274 -11.01 17.21 -20.50
N LYS C 275 -11.61 16.26 -19.80
CA LYS C 275 -11.97 14.96 -20.35
C LYS C 275 -13.40 14.97 -20.87
N ALA C 276 -13.76 13.92 -21.60
CA ALA C 276 -15.14 13.75 -22.03
C ALA C 276 -16.05 13.55 -20.83
N ILE C 277 -15.59 12.76 -19.85
CA ILE C 277 -16.35 12.52 -18.63
C ILE C 277 -16.60 13.83 -17.90
N ASP C 278 -15.63 14.76 -17.94
CA ASP C 278 -15.81 16.05 -17.32
C ASP C 278 -16.91 16.86 -18.03
N MET C 279 -16.93 16.82 -19.37
CA MET C 279 -17.96 17.54 -20.10
C MET C 279 -19.35 17.00 -19.75
N TYR C 280 -19.50 15.67 -19.76
CA TYR C 280 -20.80 15.08 -19.41
C TYR C 280 -21.19 15.42 -17.98
N LEU C 281 -20.23 15.35 -17.06
CA LEU C 281 -20.51 15.62 -15.65
C LEU C 281 -20.93 17.06 -15.44
N MET C 282 -20.25 18.01 -16.08
CA MET C 282 -20.65 19.41 -15.96
C MET C 282 -22.02 19.64 -16.58
N GLY C 283 -22.33 18.95 -17.68
CA GLY C 283 -23.66 19.06 -18.27
C GLY C 283 -24.74 18.62 -17.29
N CYS C 284 -24.54 17.47 -16.66
CA CYS C 284 -25.51 16.98 -15.69
C CYS C 284 -25.62 17.94 -14.50
N PHE C 285 -24.48 18.48 -14.05
CA PHE C 285 -24.50 19.43 -12.95
C PHE C 285 -25.33 20.66 -13.30
N VAL C 286 -25.12 21.23 -14.48
CA VAL C 286 -25.90 22.42 -14.83
C VAL C 286 -27.36 22.07 -15.03
N PHE C 287 -27.68 20.84 -15.43
CA PHE C 287 -29.09 20.46 -15.53
C PHE C 287 -29.76 20.45 -14.16
N VAL C 288 -29.15 19.79 -13.17
CA VAL C 288 -29.74 19.82 -11.83
C VAL C 288 -29.75 21.24 -11.27
N PHE C 289 -28.73 22.03 -11.62
CA PHE C 289 -28.69 23.43 -11.22
C PHE C 289 -29.88 24.19 -11.77
N LEU C 290 -30.20 23.97 -13.04
CA LEU C 290 -31.33 24.65 -13.66
C LEU C 290 -32.63 24.19 -13.03
N ALA C 291 -32.71 22.93 -12.62
CA ALA C 291 -33.91 22.47 -11.91
C ALA C 291 -34.10 23.24 -10.60
N LEU C 292 -33.02 23.37 -9.81
CA LEU C 292 -33.12 24.08 -8.54
C LEU C 292 -33.48 25.56 -8.77
N LEU C 293 -32.82 26.21 -9.72
CA LEU C 293 -33.16 27.60 -10.03
C LEU C 293 -34.57 27.73 -10.59
N GLU C 294 -35.08 26.71 -11.28
CA GLU C 294 -36.46 26.76 -11.75
C GLU C 294 -37.42 26.80 -10.58
N TYR C 295 -37.19 25.92 -9.59
CA TYR C 295 -38.03 25.98 -8.40
C TYR C 295 -37.91 27.32 -7.69
N ALA C 296 -36.68 27.84 -7.57
CA ALA C 296 -36.49 29.11 -6.88
C ALA C 296 -37.20 30.24 -7.60
N PHE C 297 -37.17 30.22 -8.94
CA PHE C 297 -37.84 31.26 -9.71
C PHE C 297 -39.36 31.16 -9.53
N VAL C 298 -39.90 29.94 -9.50
CA VAL C 298 -41.33 29.76 -9.25
C VAL C 298 -41.70 30.30 -7.88
N ASN C 299 -40.90 29.98 -6.86
CA ASN C 299 -41.18 30.44 -5.52
C ASN C 299 -41.12 31.96 -5.43
N TYR C 300 -40.16 32.57 -6.12
CA TYR C 300 -40.09 34.03 -6.17
C TYR C 300 -41.33 34.61 -6.84
N ILE C 301 -41.82 33.96 -7.89
CA ILE C 301 -42.94 34.51 -8.63
C ILE C 301 -44.23 34.44 -7.82
N PHE C 302 -44.49 33.32 -7.16
CA PHE C 302 -45.84 33.14 -6.62
C PHE C 302 -46.10 34.01 -5.40
N PHE C 303 -45.38 33.75 -4.30
CA PHE C 303 -45.63 34.39 -3.01
C PHE C 303 -44.29 34.86 -2.46
N GLY C 304 -44.22 36.13 -2.09
CA GLY C 304 -42.97 36.80 -1.84
C GLY C 304 -42.48 37.67 -2.98
N ARG C 305 -43.19 37.70 -4.10
CA ARG C 305 -42.84 38.56 -5.23
C ARG C 305 -42.97 40.04 -4.83
N ASP C 415 -47.84 31.89 -14.58
CA ASP C 415 -48.60 30.94 -13.78
C ASP C 415 -47.71 29.80 -13.32
N VAL C 416 -47.86 29.40 -12.05
CA VAL C 416 -47.04 28.32 -11.51
C VAL C 416 -47.34 27.01 -12.22
N ASN C 417 -48.62 26.74 -12.50
CA ASN C 417 -48.98 25.50 -13.16
C ASN C 417 -48.40 25.44 -14.58
N ALA C 418 -48.49 26.54 -15.32
CA ALA C 418 -48.00 26.55 -16.70
C ALA C 418 -46.50 26.31 -16.75
N ILE C 419 -45.75 27.03 -15.91
CA ILE C 419 -44.29 26.87 -15.93
C ILE C 419 -43.90 25.49 -15.42
N ASP C 420 -44.63 24.95 -14.44
CA ASP C 420 -44.32 23.61 -13.95
C ASP C 420 -44.52 22.57 -15.05
N ARG C 421 -45.65 22.65 -15.77
CA ARG C 421 -45.88 21.72 -16.86
C ARG C 421 -44.86 21.88 -17.97
N TRP C 422 -44.49 23.13 -18.29
CA TRP C 422 -43.48 23.36 -19.31
C TRP C 422 -42.13 22.76 -18.91
N SER C 423 -41.74 22.95 -17.65
CA SER C 423 -40.50 22.35 -17.17
C SER C 423 -40.56 20.83 -17.25
N ARG C 424 -41.70 20.25 -16.85
CA ARG C 424 -41.85 18.81 -16.86
C ARG C 424 -41.73 18.24 -18.28
N ILE C 425 -42.31 18.92 -19.27
CA ILE C 425 -42.25 18.38 -20.63
C ILE C 425 -40.88 18.68 -21.27
N VAL C 426 -40.21 19.75 -20.88
CA VAL C 426 -39.01 20.17 -21.60
C VAL C 426 -37.72 19.58 -21.03
N PHE C 427 -37.64 19.37 -19.71
CA PHE C 427 -36.38 18.91 -19.12
C PHE C 427 -35.96 17.54 -19.63
N PRO C 428 -36.83 16.50 -19.64
CA PRO C 428 -36.40 15.23 -20.25
C PRO C 428 -36.01 15.35 -21.71
N PHE C 429 -36.72 16.18 -22.48
CA PHE C 429 -36.39 16.37 -23.88
C PHE C 429 -35.01 16.99 -24.04
N THR C 430 -34.72 18.04 -23.27
CA THR C 430 -33.43 18.70 -23.37
C THR C 430 -32.30 17.78 -22.93
N PHE C 431 -32.51 17.02 -21.85
CA PHE C 431 -31.47 16.11 -21.38
C PHE C 431 -31.23 14.99 -22.38
N SER C 432 -32.30 14.46 -22.99
CA SER C 432 -32.12 13.44 -24.02
C SER C 432 -31.36 13.98 -25.21
N LEU C 433 -31.68 15.22 -25.62
CA LEU C 433 -30.95 15.84 -26.72
C LEU C 433 -29.47 16.01 -26.36
N PHE C 434 -29.18 16.45 -25.13
CA PHE C 434 -27.79 16.61 -24.71
C PHE C 434 -27.05 15.28 -24.73
N ASN C 435 -27.69 14.22 -24.20
CA ASN C 435 -27.05 12.91 -24.18
C ASN C 435 -26.80 12.41 -25.60
N LEU C 436 -27.78 12.59 -26.49
CA LEU C 436 -27.63 12.15 -27.87
C LEU C 436 -26.47 12.88 -28.55
N VAL C 437 -26.40 14.20 -28.36
CA VAL C 437 -25.32 14.98 -28.97
C VAL C 437 -23.97 14.53 -28.44
N TYR C 438 -23.87 14.35 -27.13
CA TYR C 438 -22.60 13.95 -26.52
C TYR C 438 -22.16 12.58 -27.03
N TRP C 439 -23.07 11.61 -27.03
CA TRP C 439 -22.70 10.26 -27.41
C TRP C 439 -22.39 10.15 -28.89
N LEU C 440 -23.07 10.91 -29.74
CA LEU C 440 -22.68 10.92 -31.15
C LEU C 440 -21.34 11.61 -31.34
N TYR C 441 -21.06 12.67 -30.56
CA TYR C 441 -19.79 13.37 -30.71
C TYR C 441 -18.62 12.47 -30.33
N TYR C 442 -18.75 11.72 -29.24
CA TYR C 442 -17.67 10.90 -28.72
C TYR C 442 -17.71 9.45 -29.21
N VAL C 443 -18.56 9.15 -30.19
CA VAL C 443 -18.57 7.83 -30.82
C VAL C 443 -18.67 7.99 -32.33
N ASN D 4 58.41 11.31 -4.30
CA ASN D 4 58.24 10.89 -5.68
C ASN D 4 56.98 10.04 -5.84
N MET D 5 56.48 9.95 -7.08
CA MET D 5 55.24 9.23 -7.32
C MET D 5 55.40 7.73 -7.06
N SER D 6 56.44 7.13 -7.64
CA SER D 6 56.66 5.69 -7.48
C SER D 6 56.91 5.34 -6.02
N PHE D 7 57.59 6.22 -5.28
CA PHE D 7 57.80 6.00 -3.86
C PHE D 7 56.47 5.78 -3.16
N VAL D 8 55.48 6.63 -3.45
CA VAL D 8 54.15 6.46 -2.89
C VAL D 8 53.51 5.16 -3.41
N LYS D 9 53.70 4.86 -4.70
CA LYS D 9 53.00 3.73 -5.30
C LYS D 9 53.38 2.41 -4.65
N GLU D 10 54.69 2.13 -4.53
CA GLU D 10 55.08 0.95 -3.75
C GLU D 10 54.99 1.13 -2.24
N THR D 11 54.91 2.37 -1.73
CA THR D 11 54.68 2.52 -0.29
C THR D 11 53.29 2.01 0.10
N VAL D 12 52.29 2.29 -0.73
CA VAL D 12 50.93 1.81 -0.44
C VAL D 12 50.90 0.28 -0.42
N ASP D 13 51.54 -0.34 -1.42
CA ASP D 13 51.58 -1.80 -1.46
C ASP D 13 52.37 -2.37 -0.29
N LYS D 14 53.42 -1.68 0.15
CA LYS D 14 54.13 -2.10 1.34
C LYS D 14 53.22 -2.05 2.57
N LEU D 15 52.40 -1.00 2.67
CA LEU D 15 51.48 -0.89 3.80
C LEU D 15 50.48 -2.03 3.80
N LEU D 16 49.79 -2.24 2.67
CA LEU D 16 48.73 -3.25 2.64
C LEU D 16 49.27 -4.66 2.78
N LYS D 17 50.53 -4.88 2.40
CA LYS D 17 51.12 -6.21 2.51
C LYS D 17 51.30 -6.58 3.98
N GLY D 18 51.14 -7.87 4.27
CA GLY D 18 51.35 -8.37 5.62
C GLY D 18 50.38 -7.84 6.65
N TYR D 19 49.20 -7.40 6.22
CA TYR D 19 48.19 -6.83 7.10
C TYR D 19 47.12 -7.88 7.37
N ASP D 20 46.92 -8.22 8.64
CA ASP D 20 45.91 -9.18 9.05
C ASP D 20 44.62 -8.42 9.35
N ILE D 21 43.63 -8.54 8.47
CA ILE D 21 42.35 -7.90 8.67
C ILE D 21 41.61 -8.47 9.87
N ARG D 22 41.91 -9.71 10.26
CA ARG D 22 41.14 -10.44 11.26
C ARG D 22 41.41 -9.99 12.68
N LEU D 23 42.41 -9.14 12.92
CA LEU D 23 42.82 -8.73 14.25
C LEU D 23 42.74 -7.22 14.38
N ARG D 24 42.25 -6.75 15.52
CA ARG D 24 42.09 -5.33 15.74
C ARG D 24 43.46 -4.68 15.98
N PRO D 25 43.56 -3.35 15.85
CA PRO D 25 44.79 -2.68 16.27
C PRO D 25 45.02 -2.87 17.77
N ASP D 26 46.27 -3.13 18.13
CA ASP D 26 46.66 -3.42 19.51
C ASP D 26 45.84 -4.60 20.05
N PHE D 27 46.04 -5.75 19.42
CA PHE D 27 45.23 -6.93 19.75
C PHE D 27 45.41 -7.35 21.20
N GLY D 28 46.65 -7.38 21.67
CA GLY D 28 46.95 -7.63 23.06
C GLY D 28 47.10 -6.41 23.93
N GLY D 29 47.05 -5.21 23.33
CA GLY D 29 47.29 -3.99 24.03
C GLY D 29 46.03 -3.39 24.61
N PRO D 30 46.06 -2.10 24.97
CA PRO D 30 44.86 -1.45 25.50
C PRO D 30 43.77 -1.37 24.46
N PRO D 31 42.54 -0.99 24.84
CA PRO D 31 41.47 -0.90 23.85
C PRO D 31 41.72 0.20 22.85
N VAL D 32 41.23 -0.02 21.63
CA VAL D 32 41.35 0.97 20.57
C VAL D 32 40.26 2.01 20.74
N CYS D 33 40.65 3.28 20.70
CA CYS D 33 39.72 4.40 20.86
C CYS D 33 39.21 4.82 19.49
N VAL D 34 37.88 4.86 19.35
CA VAL D 34 37.22 5.20 18.09
C VAL D 34 36.40 6.46 18.33
N GLY D 35 36.89 7.59 17.80
CA GLY D 35 36.10 8.81 17.81
C GLY D 35 35.09 8.80 16.67
N MET D 36 33.99 9.53 16.87
CA MET D 36 32.87 9.48 15.94
C MET D 36 32.31 10.86 15.68
N ASN D 37 32.01 11.14 14.41
CA ASN D 37 31.33 12.35 13.99
C ASN D 37 30.12 11.96 13.14
N ILE D 38 29.08 12.80 13.21
CA ILE D 38 27.89 12.64 12.39
C ILE D 38 27.58 14.00 11.78
N ASP D 39 27.47 14.04 10.46
CA ASP D 39 27.02 15.22 9.72
C ASP D 39 25.63 14.93 9.20
N ILE D 40 24.63 15.57 9.78
CA ILE D 40 23.24 15.26 9.50
C ILE D 40 22.85 15.91 8.17
N ALA D 41 22.53 15.10 7.17
CA ALA D 41 22.11 15.63 5.88
C ALA D 41 20.67 16.10 5.93
N SER D 42 19.78 15.26 6.45
CA SER D 42 18.36 15.59 6.52
C SER D 42 17.62 14.53 7.31
N ILE D 43 16.58 14.96 8.01
CA ILE D 43 15.53 14.08 8.54
C ILE D 43 14.32 14.31 7.64
N ASP D 44 14.08 13.38 6.71
CA ASP D 44 13.09 13.56 5.66
C ASP D 44 11.73 12.93 5.96
N MET D 45 11.56 12.32 7.13
CA MET D 45 10.27 11.73 7.48
C MET D 45 10.21 11.41 8.96
N VAL D 46 9.09 11.76 9.59
CA VAL D 46 8.81 11.42 10.99
C VAL D 46 7.38 10.91 11.08
N SER D 47 7.20 9.60 11.04
CA SER D 47 5.87 8.99 11.00
C SER D 47 5.44 8.60 12.41
N GLU D 48 4.30 9.16 12.84
CA GLU D 48 3.66 8.73 14.08
C GLU D 48 2.94 7.41 13.92
N VAL D 49 2.50 7.09 12.69
CA VAL D 49 1.83 5.82 12.45
C VAL D 49 2.78 4.67 12.73
N ASN D 50 3.90 4.61 12.02
CA ASN D 50 4.93 3.62 12.29
C ASN D 50 5.80 3.97 13.49
N MET D 51 5.69 5.20 14.01
CA MET D 51 6.43 5.63 15.19
C MET D 51 7.93 5.52 14.96
N ASP D 52 8.41 6.13 13.88
CA ASP D 52 9.83 6.11 13.56
C ASP D 52 10.15 7.27 12.65
N TYR D 53 11.44 7.59 12.56
CA TYR D 53 11.93 8.68 11.75
C TYR D 53 13.09 8.22 10.87
N THR D 54 13.14 8.73 9.65
CA THR D 54 14.21 8.42 8.71
C THR D 54 15.24 9.54 8.75
N LEU D 55 16.52 9.15 8.83
CA LEU D 55 17.62 10.08 8.99
C LEU D 55 18.73 9.71 8.02
N THR D 56 19.20 10.70 7.26
CA THR D 56 20.35 10.55 6.38
C THR D 56 21.53 11.31 6.97
N MET D 57 22.70 10.69 6.94
CA MET D 57 23.85 11.30 7.60
C MET D 57 25.14 10.77 6.99
N TYR D 58 26.20 11.53 7.22
CA TYR D 58 27.58 11.10 6.99
C TYR D 58 28.15 10.68 8.34
N PHE D 59 28.41 9.40 8.49
CA PHE D 59 28.92 8.82 9.72
C PHE D 59 30.42 8.59 9.55
N GLN D 60 31.23 9.31 10.33
CA GLN D 60 32.68 9.25 10.26
C GLN D 60 33.23 8.63 11.53
N GLN D 61 34.20 7.73 11.37
CA GLN D 61 34.88 7.07 12.49
C GLN D 61 36.38 7.25 12.32
N TYR D 62 37.01 7.76 13.37
CA TYR D 62 38.45 7.97 13.41
C TYR D 62 39.07 7.01 14.41
N TRP D 63 40.09 6.27 14.00
CA TRP D 63 40.87 5.46 14.93
C TRP D 63 42.31 5.47 14.49
N ARG D 64 43.16 4.72 15.19
CA ARG D 64 44.59 4.69 14.93
C ARG D 64 45.07 3.24 14.87
N ASP D 65 45.79 2.92 13.79
CA ASP D 65 46.33 1.58 13.56
C ASP D 65 47.82 1.71 13.27
N LYS D 66 48.65 1.12 14.12
CA LYS D 66 50.09 1.16 13.90
C LYS D 66 50.49 0.46 12.61
N ARG D 67 49.76 -0.58 12.21
CA ARG D 67 50.12 -1.34 11.03
C ARG D 67 50.03 -0.52 9.75
N LEU D 68 49.23 0.56 9.74
CA LEU D 68 49.04 1.40 8.57
C LEU D 68 49.80 2.71 8.69
N ALA D 69 50.98 2.66 9.29
CA ALA D 69 51.82 3.84 9.50
C ALA D 69 52.88 3.91 8.41
N TYR D 70 53.04 5.10 7.83
CA TYR D 70 54.04 5.36 6.81
C TYR D 70 54.73 6.68 7.10
N SER D 71 55.98 6.79 6.65
CA SER D 71 56.81 7.95 6.92
C SER D 71 57.45 8.43 5.62
N GLY D 72 57.88 9.68 5.64
CA GLY D 72 58.50 10.30 4.48
C GLY D 72 57.52 11.03 3.58
N ILE D 73 56.40 10.39 3.26
CA ILE D 73 55.38 11.00 2.40
C ILE D 73 54.68 12.07 3.24
N PRO D 74 54.67 13.35 2.84
CA PRO D 74 54.20 14.40 3.75
C PRO D 74 52.72 14.74 3.67
N LEU D 75 51.90 13.93 3.00
CA LEU D 75 50.48 14.22 2.81
C LEU D 75 49.64 12.99 3.10
N ASN D 76 48.38 13.24 3.42
CA ASN D 76 47.44 12.16 3.75
C ASN D 76 46.95 11.50 2.47
N LEU D 77 47.00 10.17 2.45
CA LEU D 77 46.65 9.41 1.25
C LEU D 77 45.16 9.08 1.27
N THR D 78 44.45 9.56 0.25
CA THR D 78 43.06 9.19 0.03
C THR D 78 43.02 8.05 -0.97
N LEU D 79 42.43 6.93 -0.57
CA LEU D 79 42.40 5.70 -1.36
C LEU D 79 41.00 5.41 -1.86
N ASP D 80 40.92 4.53 -2.85
CA ASP D 80 39.63 4.08 -3.35
C ASP D 80 38.87 3.37 -2.23
N ASN D 81 37.54 3.53 -2.23
CA ASN D 81 36.72 3.01 -1.14
C ASN D 81 36.81 1.50 -1.01
N ARG D 82 37.09 0.80 -2.11
CA ARG D 82 37.18 -0.66 -2.07
C ARG D 82 38.28 -1.14 -1.13
N VAL D 83 39.28 -0.31 -0.84
CA VAL D 83 40.32 -0.67 0.12
C VAL D 83 39.74 -0.96 1.49
N ALA D 84 38.55 -0.44 1.80
CA ALA D 84 37.91 -0.75 3.07
C ALA D 84 37.63 -2.24 3.24
N ASP D 85 37.57 -3.00 2.14
CA ASP D 85 37.36 -4.44 2.28
C ASP D 85 38.60 -5.14 2.85
N GLN D 86 39.78 -4.55 2.66
CA GLN D 86 41.02 -5.16 3.15
C GLN D 86 41.41 -4.69 4.54
N LEU D 87 40.95 -3.52 4.97
CA LEU D 87 41.32 -2.96 6.25
C LEU D 87 40.35 -3.38 7.35
N TRP D 88 40.86 -3.44 8.58
CA TRP D 88 40.00 -3.66 9.73
C TRP D 88 39.18 -2.41 10.01
N VAL D 89 37.91 -2.61 10.37
CA VAL D 89 37.03 -1.50 10.76
C VAL D 89 36.21 -1.93 11.95
N PRO D 90 35.79 -0.98 12.80
CA PRO D 90 35.00 -1.34 13.98
C PRO D 90 33.63 -1.87 13.58
N ASP D 91 33.08 -2.74 14.44
CA ASP D 91 31.77 -3.33 14.21
C ASP D 91 30.65 -2.47 14.81
N THR D 92 30.66 -1.18 14.45
CA THR D 92 29.64 -0.27 14.93
C THR D 92 28.29 -0.59 14.31
N TYR D 93 27.23 -0.42 15.10
CA TYR D 93 25.88 -0.62 14.58
C TYR D 93 24.92 0.25 15.39
N PHE D 94 23.68 0.33 14.91
CA PHE D 94 22.65 1.15 15.52
C PHE D 94 21.63 0.23 16.19
N LEU D 95 21.46 0.39 17.50
CA LEU D 95 20.64 -0.54 18.26
C LEU D 95 19.18 -0.44 17.89
N ASN D 96 18.66 0.77 17.69
CA ASN D 96 17.23 1.00 17.53
C ASN D 96 16.81 1.19 16.08
N ASP D 97 17.67 0.87 15.11
CA ASP D 97 17.29 0.98 13.71
C ASP D 97 16.39 -0.18 13.31
N LYS D 98 15.54 0.07 12.31
CA LYS D 98 14.65 -0.93 11.74
C LYS D 98 15.10 -1.36 10.35
N LYS D 99 15.27 -0.40 9.44
CA LYS D 99 15.82 -0.65 8.11
C LYS D 99 16.81 0.45 7.81
N SER D 100 17.96 0.06 7.25
CA SER D 100 19.01 1.01 6.95
C SER D 100 19.87 0.47 5.82
N PHE D 101 20.57 1.37 5.14
CA PHE D 101 21.40 1.00 4.01
C PHE D 101 22.44 2.08 3.77
N VAL D 102 23.48 1.71 3.04
CA VAL D 102 24.50 2.65 2.57
C VAL D 102 24.23 2.94 1.11
N HIS D 103 24.20 4.23 0.76
CA HIS D 103 23.90 4.62 -0.61
C HIS D 103 24.95 4.09 -1.56
N GLY D 104 24.52 3.69 -2.76
CA GLY D 104 25.36 2.94 -3.67
C GLY D 104 25.35 3.38 -5.13
N VAL D 105 25.22 4.69 -5.37
CA VAL D 105 25.31 5.27 -6.70
C VAL D 105 26.19 6.52 -6.60
N THR D 106 27.15 6.71 -7.52
CA THR D 106 27.52 5.83 -8.64
C THR D 106 28.30 4.62 -8.14
N VAL D 107 29.06 4.82 -7.06
CA VAL D 107 29.76 3.74 -6.36
C VAL D 107 29.24 3.73 -4.93
N LYS D 108 29.72 2.78 -4.13
CA LYS D 108 29.36 2.77 -2.72
C LYS D 108 29.91 4.02 -2.06
N ASN D 109 29.02 4.84 -1.50
CA ASN D 109 29.42 6.13 -0.93
C ASN D 109 30.14 5.86 0.38
N ARG D 110 31.46 5.66 0.24
CA ARG D 110 32.32 5.27 1.34
C ARG D 110 33.67 5.94 1.13
N MET D 111 34.36 6.22 2.24
CA MET D 111 35.61 6.95 2.20
C MET D 111 36.59 6.32 3.17
N ILE D 112 37.83 6.14 2.73
CA ILE D 112 38.95 5.72 3.56
C ILE D 112 40.06 6.74 3.36
N ARG D 113 40.60 7.26 4.46
CA ARG D 113 41.72 8.19 4.41
C ARG D 113 42.74 7.80 5.46
N LEU D 114 43.99 7.66 5.04
CA LEU D 114 45.10 7.32 5.90
C LEU D 114 45.96 8.55 6.17
N HIS D 115 46.66 8.52 7.29
CA HIS D 115 47.53 9.61 7.74
C HIS D 115 48.91 9.03 8.03
N PRO D 116 49.96 9.87 8.03
CA PRO D 116 51.32 9.32 8.22
C PRO D 116 51.51 8.60 9.55
N ASP D 117 50.90 9.09 10.63
CA ASP D 117 51.10 8.43 11.92
C ASP D 117 50.44 7.06 11.96
N GLY D 118 49.31 6.90 11.26
CA GLY D 118 48.55 5.66 11.27
C GLY D 118 47.07 5.87 11.51
N THR D 119 46.64 7.13 11.58
CA THR D 119 45.23 7.41 11.81
C THR D 119 44.42 7.06 10.56
N VAL D 120 43.29 6.39 10.78
CA VAL D 120 42.36 5.99 9.72
C VAL D 120 41.06 6.73 9.95
N LEU D 121 40.60 7.42 8.91
CA LEU D 121 39.28 8.05 8.85
C LEU D 121 38.42 7.23 7.91
N TYR D 122 37.24 6.82 8.39
CA TYR D 122 36.34 5.93 7.67
C TYR D 122 34.96 6.57 7.65
N GLY D 123 34.51 6.98 6.47
CA GLY D 123 33.24 7.69 6.32
C GLY D 123 32.26 6.87 5.51
N LEU D 124 30.98 6.94 5.91
CA LEU D 124 29.89 6.25 5.22
C LEU D 124 28.71 7.21 5.09
N ARG D 125 27.92 7.03 4.04
CA ARG D 125 26.68 7.78 3.85
C ARG D 125 25.52 6.82 4.11
N ILE D 126 24.81 7.04 5.21
CA ILE D 126 23.84 6.09 5.73
C ILE D 126 22.48 6.76 5.83
N THR D 127 21.46 6.09 5.30
CA THR D 127 20.06 6.41 5.55
C THR D 127 19.49 5.30 6.42
N THR D 128 18.97 5.68 7.59
CA THR D 128 18.50 4.73 8.59
C THR D 128 17.13 5.15 9.10
N THR D 129 16.24 4.18 9.24
CA THR D 129 14.90 4.40 9.81
C THR D 129 14.95 3.96 11.27
N ALA D 130 15.10 4.92 12.17
CA ALA D 130 15.24 4.65 13.59
C ALA D 130 13.89 4.75 14.28
N ALA D 131 13.64 3.80 15.19
CA ALA D 131 12.37 3.76 15.92
C ALA D 131 12.36 4.82 17.01
N CYS D 132 11.27 5.56 17.09
CA CYS D 132 11.07 6.60 18.09
C CYS D 132 9.75 6.34 18.81
N MET D 133 9.81 6.26 20.14
CA MET D 133 8.63 6.08 20.97
C MET D 133 8.01 7.45 21.25
N MET D 134 6.79 7.66 20.77
CA MET D 134 6.13 8.96 20.79
C MET D 134 5.00 8.93 21.79
N ASP D 135 5.02 9.87 22.73
CA ASP D 135 3.97 10.01 23.75
C ASP D 135 2.94 10.99 23.23
N LEU D 136 1.95 10.49 22.51
CA LEU D 136 0.91 11.33 21.90
C LEU D 136 -0.25 11.59 22.87
N ARG D 137 0.08 12.07 24.07
CA ARG D 137 -0.94 12.43 25.05
C ARG D 137 -1.38 13.88 24.93
N ARG D 138 -0.46 14.78 24.57
CA ARG D 138 -0.75 16.20 24.37
C ARG D 138 -0.76 16.56 22.89
N TYR D 139 -1.05 15.58 22.03
CA TYR D 139 -1.06 15.82 20.60
C TYR D 139 -2.19 16.78 20.23
N PRO D 140 -1.97 17.70 19.26
CA PRO D 140 -0.79 18.02 18.46
C PRO D 140 0.10 19.08 19.09
N LEU D 141 -0.04 19.29 20.40
CA LEU D 141 0.83 20.19 21.15
C LEU D 141 1.93 19.41 21.89
N ASP D 142 2.37 18.30 21.31
CA ASP D 142 3.34 17.43 21.94
C ASP D 142 4.77 17.86 21.61
N GLU D 143 5.72 17.23 22.28
CA GLU D 143 7.15 17.50 22.09
C GLU D 143 7.89 16.18 22.27
N GLN D 144 8.34 15.60 21.16
CA GLN D 144 8.91 14.26 21.18
C GLN D 144 10.42 14.32 21.41
N ASN D 145 10.98 13.20 21.87
CA ASN D 145 12.45 13.06 22.08
C ASN D 145 12.85 11.81 21.33
N CYS D 146 13.49 11.96 20.19
CA CYS D 146 13.88 10.87 19.30
C CYS D 146 15.40 10.71 19.32
N THR D 147 15.85 9.47 19.51
CA THR D 147 17.25 9.17 19.77
C THR D 147 17.78 8.16 18.77
N LEU D 148 19.09 8.22 18.55
CA LEU D 148 19.83 7.22 17.80
C LEU D 148 20.93 6.68 18.72
N GLU D 149 20.91 5.36 18.92
CA GLU D 149 21.85 4.68 19.81
C GLU D 149 22.89 3.97 18.97
N ILE D 150 24.16 4.14 19.33
CA ILE D 150 25.30 3.57 18.62
C ILE D 150 26.02 2.62 19.55
N GLU D 151 26.20 1.39 19.11
CA GLU D 151 26.74 0.30 19.92
C GLU D 151 27.82 -0.45 19.15
N SER D 152 28.61 -1.21 19.89
CA SER D 152 29.56 -2.17 19.33
C SER D 152 28.96 -3.56 19.50
N TYR D 153 28.98 -4.35 18.41
CA TYR D 153 28.27 -5.63 18.42
C TYR D 153 28.95 -6.64 19.33
N GLY D 154 30.26 -6.79 19.22
CA GLY D 154 30.98 -7.88 19.88
C GLY D 154 32.29 -7.48 20.53
N TYR D 155 32.39 -6.25 21.01
CA TYR D 155 33.57 -5.77 21.72
C TYR D 155 33.15 -5.10 23.02
N THR D 156 33.89 -5.39 24.08
CA THR D 156 33.67 -4.77 25.37
C THR D 156 34.60 -3.56 25.52
N THR D 157 34.50 -2.87 26.66
CA THR D 157 35.35 -1.71 26.91
C THR D 157 36.82 -2.11 27.04
N ASP D 158 37.12 -3.39 27.28
CA ASP D 158 38.49 -3.86 27.29
C ASP D 158 39.10 -3.98 25.90
N ASP D 159 38.30 -3.83 24.83
CA ASP D 159 38.75 -3.98 23.46
C ASP D 159 38.46 -2.78 22.57
N ILE D 160 37.51 -1.93 22.94
CA ILE D 160 37.15 -0.78 22.11
C ILE D 160 36.50 0.27 23.01
N GLU D 161 36.73 1.53 22.67
CA GLU D 161 36.16 2.66 23.39
C GLU D 161 35.60 3.66 22.40
N PHE D 162 34.38 4.13 22.66
CA PHE D 162 33.73 5.13 21.84
C PHE D 162 33.74 6.48 22.54
N TYR D 163 33.89 7.53 21.74
CA TYR D 163 33.78 8.90 22.24
C TYR D 163 33.38 9.80 21.09
N TRP D 164 32.83 10.96 21.44
CA TRP D 164 32.42 11.95 20.46
C TRP D 164 33.63 12.83 20.13
N ARG D 165 34.12 12.73 18.90
CA ARG D 165 35.27 13.52 18.49
C ARG D 165 34.87 14.98 18.39
N GLY D 166 35.51 15.83 19.20
CA GLY D 166 35.16 17.23 19.28
C GLY D 166 34.17 17.58 20.37
N GLY D 167 33.78 16.61 21.20
CA GLY D 167 32.85 16.92 22.29
C GLY D 167 31.49 17.28 21.75
N ASP D 168 30.95 18.41 22.23
CA ASP D 168 29.62 18.84 21.81
C ASP D 168 29.58 19.22 20.34
N LYS D 169 30.71 19.58 19.75
CA LYS D 169 30.78 19.93 18.33
C LYS D 169 30.96 18.72 17.43
N ALA D 170 30.83 17.51 17.96
CA ALA D 170 31.01 16.31 17.13
C ALA D 170 29.94 16.21 16.06
N VAL D 171 28.70 16.57 16.40
CA VAL D 171 27.57 16.47 15.48
C VAL D 171 27.30 17.84 14.89
N THR D 172 27.23 17.90 13.56
CA THR D 172 26.99 19.13 12.82
C THR D 172 25.86 18.91 11.82
N GLY D 173 25.42 19.99 11.19
CA GLY D 173 24.36 19.92 10.20
C GLY D 173 22.96 19.89 10.77
N VAL D 174 22.78 20.18 12.05
CA VAL D 174 21.44 20.20 12.62
C VAL D 174 20.60 21.30 12.01
N GLU D 175 21.22 22.44 11.67
CA GLU D 175 20.49 23.53 11.05
C GLU D 175 19.92 23.14 9.69
N ARG D 176 20.54 22.16 9.01
CA ARG D 176 20.04 21.71 7.73
C ARG D 176 18.69 21.03 7.83
N ILE D 177 18.29 20.57 9.01
CA ILE D 177 17.03 19.85 9.17
C ILE D 177 15.88 20.79 8.90
N GLU D 178 14.98 20.40 7.99
CA GLU D 178 13.81 21.19 7.63
C GLU D 178 12.63 20.24 7.49
N LEU D 179 11.92 20.01 8.61
CA LEU D 179 10.70 19.22 8.59
C LEU D 179 9.47 20.13 8.42
N PRO D 180 8.39 19.68 7.77
CA PRO D 180 7.24 20.56 7.60
C PRO D 180 6.53 20.86 8.91
N GLN D 181 6.24 19.82 9.68
CA GLN D 181 5.42 19.90 10.89
C GLN D 181 6.24 19.71 12.16
N PHE D 182 7.52 20.07 12.14
CA PHE D 182 8.38 19.89 13.30
C PHE D 182 9.49 20.93 13.29
N SER D 183 10.09 21.13 14.45
CA SER D 183 11.17 22.11 14.61
C SER D 183 12.16 21.58 15.64
N ILE D 184 13.41 21.41 15.23
CA ILE D 184 14.43 20.93 16.16
C ILE D 184 14.69 22.00 17.21
N VAL D 185 14.35 21.69 18.46
CA VAL D 185 14.55 22.64 19.55
C VAL D 185 15.94 22.49 20.17
N GLU D 186 16.43 21.26 20.30
CA GLU D 186 17.71 21.02 20.95
C GLU D 186 18.17 19.63 20.58
N HIS D 187 19.49 19.45 20.55
CA HIS D 187 20.10 18.14 20.34
C HIS D 187 21.15 17.92 21.41
N ARG D 188 21.34 16.66 21.80
CA ARG D 188 22.26 16.29 22.86
C ARG D 188 23.05 15.05 22.48
N LEU D 189 24.27 14.96 23.02
CA LEU D 189 25.17 13.83 22.84
C LEU D 189 25.47 13.23 24.20
N VAL D 190 25.35 11.91 24.32
CA VAL D 190 25.59 11.20 25.57
C VAL D 190 26.51 10.02 25.29
N SER D 191 27.40 9.75 26.24
CA SER D 191 28.32 8.61 26.17
C SER D 191 28.19 7.81 27.46
N ARG D 192 27.96 6.50 27.31
CA ARG D 192 27.73 5.62 28.46
C ARG D 192 28.42 4.29 28.22
N ASN D 193 28.45 3.47 29.27
CA ASN D 193 28.96 2.11 29.23
C ASN D 193 27.90 1.21 29.85
N VAL D 194 27.20 0.45 29.02
CA VAL D 194 26.18 -0.46 29.53
C VAL D 194 26.87 -1.67 30.15
N VAL D 195 26.59 -1.93 31.42
CA VAL D 195 27.33 -2.90 32.22
C VAL D 195 26.47 -4.14 32.40
N PHE D 196 27.01 -5.29 31.99
CA PHE D 196 26.43 -6.60 32.26
C PHE D 196 27.44 -7.44 33.02
N ALA D 197 27.00 -8.59 33.51
CA ALA D 197 27.92 -9.54 34.13
C ALA D 197 28.94 -10.04 33.10
N THR D 198 28.53 -10.15 31.83
CA THR D 198 29.47 -10.53 30.79
C THR D 198 30.57 -9.47 30.63
N GLY D 199 30.20 -8.20 30.69
CA GLY D 199 31.17 -7.12 30.60
C GLY D 199 30.50 -5.81 30.29
N ALA D 200 31.31 -4.76 30.28
CA ALA D 200 30.85 -3.42 29.97
C ALA D 200 31.06 -3.14 28.49
N TYR D 201 30.02 -2.63 27.83
CA TYR D 201 30.01 -2.37 26.40
C TYR D 201 29.83 -0.88 26.13
N PRO D 202 30.50 -0.30 25.13
CA PRO D 202 30.35 1.14 24.92
C PRO D 202 28.97 1.48 24.36
N ARG D 203 28.60 2.75 24.51
CA ARG D 203 27.33 3.24 24.00
C ARG D 203 27.46 4.74 23.76
N LEU D 204 26.97 5.19 22.61
CA LEU D 204 26.78 6.60 22.34
C LEU D 204 25.31 6.83 21.98
N SER D 205 24.84 8.05 22.23
CA SER D 205 23.45 8.40 21.96
C SER D 205 23.38 9.82 21.44
N LEU D 206 22.64 10.01 20.35
CA LEU D 206 22.37 11.32 19.77
C LEU D 206 20.87 11.54 19.83
N SER D 207 20.45 12.50 20.64
CA SER D 207 19.03 12.76 20.90
C SER D 207 18.64 14.11 20.33
N PHE D 208 17.40 14.20 19.83
CA PHE D 208 16.79 15.44 19.39
C PHE D 208 15.46 15.62 20.12
N ARG D 209 15.13 16.86 20.50
CA ARG D 209 13.76 17.20 20.85
C ARG D 209 13.09 17.84 19.65
N LEU D 210 11.95 17.31 19.26
CA LEU D 210 11.17 17.79 18.11
C LEU D 210 9.88 18.39 18.64
N LYS D 211 9.69 19.69 18.41
CA LYS D 211 8.46 20.39 18.77
C LYS D 211 7.57 20.48 17.54
N ARG D 212 6.31 20.09 17.70
CA ARG D 212 5.38 20.06 16.58
C ARG D 212 4.81 21.45 16.33
N ASN D 213 4.68 21.81 15.05
CA ASN D 213 4.07 23.07 14.68
C ASN D 213 2.57 23.02 14.89
N ILE D 214 1.99 24.17 15.25
CA ILE D 214 0.61 24.23 15.71
C ILE D 214 -0.33 24.88 14.70
N GLY D 215 0.19 25.65 13.73
CA GLY D 215 -0.69 26.39 12.84
C GLY D 215 -1.53 25.49 11.95
N TYR D 216 -0.93 24.40 11.45
CA TYR D 216 -1.69 23.49 10.58
C TYR D 216 -2.85 22.87 11.33
N PHE D 217 -2.64 22.47 12.57
CA PHE D 217 -3.72 21.86 13.36
C PHE D 217 -4.73 22.92 13.79
N ILE D 218 -4.30 24.16 13.97
CA ILE D 218 -5.24 25.25 14.21
C ILE D 218 -6.17 25.40 13.01
N LEU D 219 -5.64 25.27 11.80
CA LEU D 219 -6.44 25.40 10.59
C LEU D 219 -7.15 24.10 10.23
N GLN D 220 -6.83 22.98 10.86
CA GLN D 220 -7.35 21.67 10.46
C GLN D 220 -8.56 21.25 11.28
N THR D 221 -8.45 21.30 12.61
CA THR D 221 -9.46 20.76 13.51
C THR D 221 -10.14 21.83 14.37
N TYR D 222 -9.35 22.70 15.01
CA TYR D 222 -9.92 23.63 15.98
C TYR D 222 -10.84 24.64 15.31
N MET D 223 -10.39 25.22 14.19
CA MET D 223 -11.22 26.20 13.49
C MET D 223 -12.55 25.60 13.02
N PRO D 224 -12.58 24.49 12.28
CA PRO D 224 -13.90 23.94 11.90
C PRO D 224 -14.75 23.52 13.08
N SER D 225 -14.15 23.02 14.17
CA SER D 225 -14.94 22.66 15.34
C SER D 225 -15.63 23.88 15.94
N ILE D 226 -14.90 25.00 16.04
CA ILE D 226 -15.52 26.23 16.55
C ILE D 226 -16.60 26.73 15.59
N LEU D 227 -16.37 26.57 14.29
CA LEU D 227 -17.38 26.99 13.31
C LEU D 227 -18.65 26.15 13.41
N ILE D 228 -18.53 24.83 13.58
CA ILE D 228 -19.71 24.01 13.79
C ILE D 228 -20.38 24.36 15.11
N THR D 229 -19.61 24.73 16.14
CA THR D 229 -20.23 25.17 17.38
C THR D 229 -21.04 26.45 17.15
N ILE D 230 -20.55 27.35 16.33
CA ILE D 230 -21.31 28.57 16.03
C ILE D 230 -22.56 28.23 15.22
N LEU D 231 -22.46 27.24 14.32
CA LEU D 231 -23.65 26.77 13.60
C LEU D 231 -24.69 26.24 14.57
N SER D 232 -24.25 25.51 15.60
CA SER D 232 -25.17 25.09 16.66
C SER D 232 -25.74 26.30 17.39
N TRP D 233 -24.92 27.33 17.60
CA TRP D 233 -25.36 28.49 18.38
C TRP D 233 -26.48 29.23 17.68
N VAL D 234 -26.37 29.41 16.36
CA VAL D 234 -27.35 30.21 15.63
C VAL D 234 -28.74 29.58 15.63
N SER D 235 -28.87 28.32 16.08
CA SER D 235 -30.18 27.73 16.28
C SER D 235 -31.04 28.54 17.23
N PHE D 236 -30.43 29.20 18.22
CA PHE D 236 -31.21 29.90 19.23
C PHE D 236 -31.94 31.10 18.66
N TRP D 237 -31.34 31.79 17.68
CA TRP D 237 -32.03 32.92 17.06
C TRP D 237 -33.20 32.47 16.19
N ILE D 238 -33.21 31.22 15.74
CA ILE D 238 -34.33 30.68 14.99
C ILE D 238 -35.50 30.39 15.93
N ASN D 239 -36.71 30.42 15.38
CA ASN D 239 -37.92 30.41 16.18
C ASN D 239 -38.11 29.06 16.88
N TYR D 240 -38.84 29.10 18.00
CA TYR D 240 -39.22 27.87 18.67
C TYR D 240 -40.25 27.09 17.85
N ASP D 241 -41.02 27.77 17.01
CA ASP D 241 -42.04 27.10 16.21
C ASP D 241 -41.41 26.22 15.13
N ALA D 242 -40.29 26.67 14.55
CA ALA D 242 -39.67 25.97 13.43
C ALA D 242 -38.97 24.69 13.90
N SER D 243 -39.74 23.61 14.01
CA SER D 243 -39.15 22.35 14.47
C SER D 243 -38.15 21.80 13.47
N ALA D 244 -38.48 21.85 12.17
CA ALA D 244 -37.60 21.29 11.15
C ALA D 244 -36.26 22.00 11.15
N ALA D 245 -36.26 23.34 11.19
CA ALA D 245 -35.02 24.09 11.11
C ALA D 245 -34.14 23.82 12.33
N ARG D 246 -34.70 23.94 13.53
CA ARG D 246 -33.92 23.76 14.75
C ARG D 246 -33.35 22.35 14.84
N VAL D 247 -34.21 21.34 14.61
CA VAL D 247 -33.76 19.97 14.76
C VAL D 247 -32.73 19.62 13.69
N ALA D 248 -32.96 20.06 12.45
CA ALA D 248 -32.01 19.78 11.38
C ALA D 248 -30.66 20.43 11.66
N LEU D 249 -30.68 21.69 12.13
CA LEU D 249 -29.41 22.37 12.42
C LEU D 249 -28.66 21.65 13.54
N GLY D 250 -29.35 21.30 14.62
CA GLY D 250 -28.68 20.64 15.72
C GLY D 250 -28.12 19.29 15.34
N ILE D 251 -28.93 18.46 14.66
CA ILE D 251 -28.48 17.12 14.32
C ILE D 251 -27.41 17.18 13.25
N THR D 252 -27.48 18.16 12.34
CA THR D 252 -26.43 18.32 11.34
C THR D 252 -25.11 18.69 12.00
N THR D 253 -25.15 19.56 13.02
CA THR D 253 -23.92 19.86 13.75
C THR D 253 -23.38 18.62 14.44
N VAL D 254 -24.27 17.80 15.02
CA VAL D 254 -23.83 16.57 15.69
C VAL D 254 -23.16 15.63 14.67
N LEU D 255 -23.81 15.41 13.53
CA LEU D 255 -23.25 14.56 12.49
C LEU D 255 -21.92 15.09 11.99
N THR D 256 -21.82 16.41 11.80
CA THR D 256 -20.55 17.00 11.36
C THR D 256 -19.46 16.74 12.39
N MET D 257 -19.77 16.89 13.67
CA MET D 257 -18.75 16.69 14.70
C MET D 257 -18.28 15.24 14.70
N THR D 258 -19.21 14.30 14.53
CA THR D 258 -18.81 12.89 14.40
C THR D 258 -17.95 12.68 13.16
N THR D 259 -18.29 13.34 12.05
CA THR D 259 -17.54 13.11 10.81
C THR D 259 -16.10 13.61 10.92
N ILE D 260 -15.91 14.85 11.37
CA ILE D 260 -14.54 15.32 11.59
C ILE D 260 -13.84 14.55 12.70
N ASN D 261 -14.58 13.97 13.66
CA ASN D 261 -13.93 13.05 14.59
C ASN D 261 -13.40 11.82 13.84
N THR D 262 -14.17 11.31 12.88
CA THR D 262 -13.72 10.16 12.10
C THR D 262 -12.51 10.51 11.25
N HIS D 263 -12.52 11.68 10.62
CA HIS D 263 -11.34 12.11 9.85
C HIS D 263 -10.13 12.25 10.75
N LEU D 264 -10.33 12.68 11.99
CA LEU D 264 -9.25 12.62 12.96
C LEU D 264 -8.91 11.15 13.23
N ARG D 265 -7.64 10.90 13.54
CA ARG D 265 -7.05 9.58 13.71
C ARG D 265 -6.98 8.79 12.41
N GLU D 266 -7.18 9.44 11.26
CA GLU D 266 -7.11 8.73 9.99
C GLU D 266 -5.70 8.22 9.72
N THR D 267 -4.68 9.01 10.08
CA THR D 267 -3.28 8.70 9.85
C THR D 267 -2.49 8.78 11.14
N LEU D 268 -3.00 8.17 12.20
CA LEU D 268 -2.37 8.09 13.51
C LEU D 268 -2.43 6.65 13.99
N PRO D 269 -1.54 6.26 14.91
CA PRO D 269 -1.65 4.92 15.48
C PRO D 269 -2.86 4.82 16.38
N LYS D 270 -3.40 3.59 16.49
CA LYS D 270 -4.56 3.33 17.34
C LYS D 270 -4.11 3.25 18.80
N ILE D 271 -3.85 4.42 19.36
CA ILE D 271 -3.30 4.57 20.70
C ILE D 271 -4.33 4.15 21.75
N PRO D 272 -3.91 3.78 22.96
CA PRO D 272 -4.88 3.34 23.98
C PRO D 272 -5.35 4.42 24.95
N TYR D 273 -5.00 5.68 24.74
CA TYR D 273 -5.33 6.75 25.68
C TYR D 273 -5.85 7.96 24.92
N VAL D 274 -6.46 8.89 25.68
CA VAL D 274 -7.08 10.08 25.10
C VAL D 274 -6.01 11.16 24.90
N LYS D 275 -6.25 12.00 23.90
CA LYS D 275 -5.36 13.09 23.53
C LYS D 275 -6.00 14.43 23.86
N ALA D 276 -5.20 15.50 23.69
CA ALA D 276 -5.74 16.85 23.83
C ALA D 276 -6.75 17.14 22.74
N ILE D 277 -6.46 16.74 21.51
CA ILE D 277 -7.40 16.92 20.40
C ILE D 277 -8.70 16.18 20.69
N ASP D 278 -8.60 14.98 21.26
CA ASP D 278 -9.79 14.23 21.62
C ASP D 278 -10.58 14.97 22.69
N MET D 279 -9.89 15.55 23.67
CA MET D 279 -10.58 16.31 24.70
C MET D 279 -11.34 17.48 24.09
N TYR D 280 -10.71 18.21 23.18
CA TYR D 280 -11.37 19.34 22.53
C TYR D 280 -12.58 18.89 21.73
N LEU D 281 -12.43 17.82 20.93
CA LEU D 281 -13.53 17.36 20.10
C LEU D 281 -14.71 16.86 20.93
N MET D 282 -14.43 16.09 21.99
CA MET D 282 -15.52 15.66 22.86
C MET D 282 -16.17 16.83 23.58
N GLY D 283 -15.39 17.84 23.96
CA GLY D 283 -15.99 19.02 24.58
C GLY D 283 -16.94 19.76 23.65
N CYS D 284 -16.51 19.96 22.40
CA CYS D 284 -17.38 20.66 21.45
C CYS D 284 -18.60 19.80 21.09
N PHE D 285 -18.41 18.48 21.01
CA PHE D 285 -19.56 17.59 20.85
C PHE D 285 -20.54 17.77 22.01
N VAL D 286 -20.02 17.85 23.23
CA VAL D 286 -20.89 18.04 24.38
C VAL D 286 -21.65 19.36 24.26
N PHE D 287 -20.97 20.41 23.81
CA PHE D 287 -21.62 21.71 23.67
C PHE D 287 -22.78 21.66 22.67
N VAL D 288 -22.52 21.11 21.48
CA VAL D 288 -23.59 21.03 20.49
C VAL D 288 -24.70 20.09 20.96
N PHE D 289 -24.36 19.03 21.69
CA PHE D 289 -25.37 18.11 22.20
C PHE D 289 -26.29 18.80 23.20
N LEU D 290 -25.72 19.59 24.12
CA LEU D 290 -26.57 20.37 25.01
C LEU D 290 -27.38 21.43 24.27
N ALA D 291 -26.86 21.97 23.17
CA ALA D 291 -27.68 22.89 22.38
C ALA D 291 -28.92 22.20 21.84
N LEU D 292 -28.73 21.04 21.21
CA LEU D 292 -29.87 20.30 20.67
C LEU D 292 -30.82 19.86 21.78
N LEU D 293 -30.27 19.40 22.91
CA LEU D 293 -31.10 18.95 24.01
C LEU D 293 -31.88 20.11 24.62
N GLU D 294 -31.27 21.31 24.67
CA GLU D 294 -31.99 22.48 25.13
C GLU D 294 -33.17 22.80 24.22
N TYR D 295 -32.96 22.71 22.91
CA TYR D 295 -34.10 22.95 22.02
C TYR D 295 -35.18 21.90 22.24
N ALA D 296 -34.77 20.64 22.43
CA ALA D 296 -35.76 19.59 22.67
C ALA D 296 -36.54 19.86 23.94
N PHE D 297 -35.85 20.34 24.99
CA PHE D 297 -36.50 20.64 26.26
C PHE D 297 -37.51 21.77 26.12
N VAL D 298 -37.13 22.87 25.45
CA VAL D 298 -38.07 23.98 25.33
C VAL D 298 -39.25 23.60 24.46
N ASN D 299 -39.01 22.84 23.38
CA ASN D 299 -40.11 22.34 22.57
C ASN D 299 -41.02 21.43 23.37
N TYR D 300 -40.46 20.65 24.30
CA TYR D 300 -41.29 19.77 25.12
C TYR D 300 -42.19 20.58 26.04
N ILE D 301 -41.62 21.55 26.77
CA ILE D 301 -42.39 22.16 27.84
C ILE D 301 -43.29 23.30 27.32
N PHE D 302 -42.89 23.99 26.25
CA PHE D 302 -43.61 25.17 25.77
C PHE D 302 -44.39 24.94 24.48
N PHE D 303 -44.32 23.76 23.87
CA PHE D 303 -45.12 23.46 22.69
C PHE D 303 -45.88 22.14 22.87
N GLY D 304 -45.32 21.22 23.65
CA GLY D 304 -45.98 19.99 24.05
C GLY D 304 -46.52 20.08 25.46
N ARG D 305 -46.55 18.94 26.13
CA ARG D 305 -46.99 18.88 27.52
C ARG D 305 -45.93 19.49 28.45
N ASP D 415 -43.10 29.94 24.00
CA ASP D 415 -42.67 31.32 23.76
C ASP D 415 -41.28 31.55 24.35
N VAL D 416 -40.71 32.73 24.09
CA VAL D 416 -39.37 33.06 24.59
C VAL D 416 -39.59 33.72 25.95
N ASN D 417 -39.68 32.87 26.98
CA ASN D 417 -39.72 33.33 28.37
C ASN D 417 -38.32 33.39 28.97
N ALA D 418 -37.43 34.08 28.24
CA ALA D 418 -36.04 34.30 28.62
C ALA D 418 -35.16 33.06 28.47
N ILE D 419 -35.75 31.90 28.17
CA ILE D 419 -34.92 30.70 27.98
C ILE D 419 -34.10 30.82 26.69
N ASP D 420 -34.76 31.23 25.60
CA ASP D 420 -34.11 31.42 24.31
C ASP D 420 -33.38 32.76 24.21
N ARG D 421 -33.19 33.46 25.34
CA ARG D 421 -32.32 34.61 25.42
C ARG D 421 -31.22 34.34 26.45
N TRP D 422 -31.58 33.62 27.51
CA TRP D 422 -30.60 33.18 28.49
C TRP D 422 -29.58 32.24 27.86
N SER D 423 -30.04 31.31 27.02
CA SER D 423 -29.11 30.39 26.35
C SER D 423 -28.17 31.13 25.43
N ARG D 424 -28.66 32.17 24.74
CA ARG D 424 -27.84 32.90 23.77
C ARG D 424 -26.64 33.56 24.42
N ILE D 425 -26.72 33.86 25.72
CA ILE D 425 -25.62 34.50 26.44
C ILE D 425 -24.81 33.43 27.16
N VAL D 426 -25.48 32.40 27.66
CA VAL D 426 -24.78 31.37 28.44
C VAL D 426 -23.85 30.55 27.54
N PHE D 427 -24.34 30.10 26.38
CA PHE D 427 -23.56 29.19 25.56
C PHE D 427 -22.27 29.83 25.05
N PRO D 428 -22.28 31.03 24.45
CA PRO D 428 -21.00 31.66 24.07
C PRO D 428 -20.08 31.89 25.26
N PHE D 429 -20.62 32.33 26.40
CA PHE D 429 -19.80 32.58 27.56
C PHE D 429 -19.17 31.29 28.09
N THR D 430 -19.98 30.23 28.19
CA THR D 430 -19.47 28.95 28.68
C THR D 430 -18.44 28.37 27.73
N PHE D 431 -18.64 28.54 26.42
CA PHE D 431 -17.68 28.00 25.46
C PHE D 431 -16.38 28.80 25.47
N SER D 432 -16.47 30.12 25.65
CA SER D 432 -15.26 30.91 25.82
C SER D 432 -14.50 30.49 27.07
N LEU D 433 -15.23 30.20 28.16
CA LEU D 433 -14.59 29.69 29.37
C LEU D 433 -13.91 28.35 29.09
N PHE D 434 -14.58 27.46 28.36
CA PHE D 434 -14.02 26.16 28.05
C PHE D 434 -12.74 26.29 27.23
N ASN D 435 -12.77 27.15 26.21
CA ASN D 435 -11.58 27.37 25.39
C ASN D 435 -10.45 27.96 26.24
N LEU D 436 -10.78 28.92 27.12
CA LEU D 436 -9.77 29.55 27.95
C LEU D 436 -9.10 28.52 28.85
N VAL D 437 -9.89 27.68 29.53
CA VAL D 437 -9.29 26.71 30.45
C VAL D 437 -8.53 25.64 29.67
N TYR D 438 -9.03 25.24 28.50
CA TYR D 438 -8.32 24.25 27.70
C TYR D 438 -6.95 24.76 27.25
N TRP D 439 -6.92 25.96 26.66
CA TRP D 439 -5.65 26.50 26.19
C TRP D 439 -4.73 26.83 27.35
N LEU D 440 -5.28 27.22 28.51
CA LEU D 440 -4.45 27.43 29.68
C LEU D 440 -3.81 26.13 30.15
N TYR D 441 -4.57 25.04 30.13
CA TYR D 441 -4.05 23.76 30.57
C TYR D 441 -2.97 23.23 29.62
N TYR D 442 -3.27 23.23 28.33
CA TYR D 442 -2.38 22.60 27.35
C TYR D 442 -1.37 23.57 26.74
N VAL D 443 -1.42 24.86 27.07
CA VAL D 443 -0.41 25.80 26.60
C VAL D 443 -0.54 27.11 27.37
N LYS E 1 50.47 -8.95 24.30
CA LYS E 1 50.76 -10.19 25.02
C LYS E 1 51.73 -11.04 24.17
N VAL E 2 51.21 -12.02 23.43
CA VAL E 2 52.03 -12.79 22.49
C VAL E 2 52.09 -11.99 21.18
N PRO E 3 53.02 -12.28 20.28
CA PRO E 3 53.08 -11.52 19.03
C PRO E 3 51.84 -11.75 18.17
N GLU E 4 51.54 -10.74 17.33
CA GLU E 4 50.46 -10.88 16.37
C GLU E 4 50.69 -12.05 15.43
N GLY E 5 51.96 -12.35 15.13
CA GLY E 5 52.27 -13.49 14.29
C GLY E 5 51.82 -14.80 14.88
N ASP E 6 51.88 -14.93 16.21
CA ASP E 6 51.42 -16.16 16.87
C ASP E 6 49.92 -16.38 16.62
N VAL E 7 49.12 -15.34 16.84
CA VAL E 7 47.69 -15.47 16.60
C VAL E 7 47.41 -15.68 15.12
N THR E 8 48.20 -15.05 14.25
CA THR E 8 48.00 -15.24 12.81
C THR E 8 48.26 -16.69 12.39
N VAL E 9 49.35 -17.28 12.89
CA VAL E 9 49.64 -18.66 12.52
C VAL E 9 48.61 -19.59 13.12
N ILE E 10 48.14 -19.31 14.34
CA ILE E 10 47.08 -20.11 14.93
C ILE E 10 45.83 -20.04 14.08
N LEU E 11 45.46 -18.84 13.62
CA LEU E 11 44.25 -18.67 12.83
C LEU E 11 44.35 -19.40 11.50
N ASN E 12 45.48 -19.24 10.79
CA ASN E 12 45.58 -19.86 9.47
C ASN E 12 45.86 -21.35 9.54
N ASN E 13 46.34 -21.87 10.68
CA ASN E 13 46.42 -23.31 10.90
C ASN E 13 45.15 -23.88 11.50
N LEU E 14 44.20 -23.04 11.93
CA LEU E 14 42.93 -23.55 12.40
C LEU E 14 42.16 -24.24 11.27
N LEU E 15 42.01 -23.56 10.14
CA LEU E 15 41.24 -24.12 9.03
C LEU E 15 41.87 -25.38 8.48
N GLU E 16 43.03 -25.26 7.83
CA GLU E 16 43.72 -26.36 7.12
C GLU E 16 42.69 -27.09 6.27
N GLY E 17 42.62 -28.42 6.31
CA GLY E 17 41.56 -29.15 5.65
C GLY E 17 40.36 -29.30 6.57
N TYR E 18 39.37 -28.41 6.41
CA TYR E 18 38.20 -28.36 7.27
C TYR E 18 36.96 -28.97 6.61
N ASP E 19 36.63 -28.53 5.39
CA ASP E 19 35.47 -29.02 4.67
C ASP E 19 34.18 -28.78 5.46
N ASN E 20 33.82 -27.50 5.54
CA ASN E 20 32.61 -27.06 6.22
C ASN E 20 31.32 -27.70 5.71
N LYS E 21 31.37 -28.41 4.59
CA LYS E 21 30.22 -29.17 4.12
C LYS E 21 29.72 -30.17 5.17
N LEU E 22 30.63 -30.71 5.97
CA LEU E 22 30.31 -31.75 6.94
C LEU E 22 30.12 -31.16 8.33
N ARG E 23 29.09 -31.63 9.03
CA ARG E 23 28.82 -31.15 10.37
C ARG E 23 29.78 -31.77 11.38
N PRO E 24 29.92 -31.19 12.56
CA PRO E 24 30.71 -31.85 13.61
C PRO E 24 30.08 -33.17 14.01
N ASP E 25 30.92 -34.15 14.29
CA ASP E 25 30.48 -35.46 14.78
C ASP E 25 29.56 -36.15 13.77
N ILE E 26 29.85 -35.97 12.48
CA ILE E 26 29.02 -36.59 11.45
C ILE E 26 29.20 -38.10 11.50
N GLY E 27 28.08 -38.82 11.48
CA GLY E 27 28.12 -40.27 11.56
C GLY E 27 28.49 -40.83 12.91
N VAL E 28 28.49 -40.01 13.96
CA VAL E 28 28.88 -40.45 15.30
C VAL E 28 27.73 -40.21 16.27
N LYS E 29 27.32 -38.96 16.41
CA LYS E 29 26.24 -38.59 17.31
C LYS E 29 25.62 -37.29 16.81
N PRO E 30 24.38 -36.98 17.20
CA PRO E 30 23.79 -35.70 16.79
C PRO E 30 24.55 -34.52 17.37
N THR E 31 24.60 -33.45 16.59
CA THR E 31 25.25 -32.22 17.03
C THR E 31 24.30 -31.45 17.93
N LEU E 32 24.68 -31.28 19.19
CA LEU E 32 23.85 -30.57 20.16
C LEU E 32 24.14 -29.09 20.09
N ILE E 33 23.09 -28.29 19.90
CA ILE E 33 23.18 -26.84 19.78
C ILE E 33 22.35 -26.22 20.90
N HIS E 34 22.98 -25.33 21.67
CA HIS E 34 22.30 -24.60 22.72
C HIS E 34 21.91 -23.22 22.20
N THR E 35 20.61 -22.90 22.30
CA THR E 35 20.06 -21.69 21.72
C THR E 35 19.78 -20.67 22.82
N ASP E 36 20.06 -19.41 22.51
CA ASP E 36 19.84 -18.28 23.40
C ASP E 36 19.20 -17.16 22.60
N MET E 37 18.31 -16.41 23.24
CA MET E 37 17.56 -15.36 22.56
C MET E 37 17.39 -14.17 23.49
N TYR E 38 17.61 -12.97 22.94
CA TYR E 38 17.35 -11.72 23.64
C TYR E 38 16.39 -10.91 22.79
N VAL E 39 15.19 -10.65 23.32
CA VAL E 39 14.14 -9.97 22.57
C VAL E 39 14.36 -8.47 22.73
N ASN E 40 14.91 -7.84 21.68
CA ASN E 40 15.08 -6.39 21.72
C ASN E 40 13.74 -5.68 21.77
N SER E 41 12.78 -6.14 20.97
CA SER E 41 11.44 -5.55 20.97
C SER E 41 10.53 -6.43 20.13
N ILE E 42 9.27 -6.56 20.57
CA ILE E 42 8.22 -7.19 19.78
C ILE E 42 7.50 -6.06 19.06
N GLY E 43 7.61 -6.06 17.73
CA GLY E 43 7.11 -4.98 16.92
C GLY E 43 5.61 -4.88 16.90
N PRO E 44 5.06 -4.06 16.00
CA PRO E 44 3.60 -3.94 15.90
C PRO E 44 2.95 -5.26 15.50
N VAL E 45 1.75 -5.47 16.01
CA VAL E 45 0.94 -6.65 15.68
C VAL E 45 -0.02 -6.22 14.58
N ASN E 46 0.14 -6.82 13.39
CA ASN E 46 -0.69 -6.49 12.23
C ASN E 46 -1.87 -7.47 12.23
N ALA E 47 -2.98 -7.04 12.81
CA ALA E 47 -4.15 -7.90 12.88
C ALA E 47 -4.77 -8.15 11.51
N ILE E 48 -4.58 -7.22 10.58
CA ILE E 48 -5.17 -7.37 9.25
C ILE E 48 -4.52 -8.53 8.51
N ASN E 49 -3.19 -8.61 8.55
CA ASN E 49 -2.43 -9.64 7.87
C ASN E 49 -2.12 -10.85 8.75
N MET E 50 -2.53 -10.84 10.02
CA MET E 50 -2.30 -11.94 10.95
C MET E 50 -0.80 -12.22 11.09
N GLU E 51 -0.08 -11.21 11.55
CA GLU E 51 1.36 -11.31 11.71
C GLU E 51 1.81 -10.29 12.76
N TYR E 52 3.04 -10.49 13.23
CA TYR E 52 3.65 -9.55 14.16
C TYR E 52 5.15 -9.53 13.91
N THR E 53 5.74 -8.35 14.09
CA THR E 53 7.18 -8.18 13.92
C THR E 53 7.90 -8.33 15.26
N ILE E 54 9.13 -8.82 15.20
CA ILE E 54 9.92 -9.04 16.40
C ILE E 54 11.39 -8.88 16.04
N ASP E 55 12.13 -8.20 16.90
CA ASP E 55 13.57 -7.99 16.73
C ASP E 55 14.30 -8.75 17.83
N ILE E 56 15.26 -9.60 17.45
CA ILE E 56 15.93 -10.48 18.38
C ILE E 56 17.43 -10.51 18.12
N PHE E 57 18.18 -10.84 19.18
CA PHE E 57 19.55 -11.32 19.08
C PHE E 57 19.51 -12.81 19.35
N PHE E 58 19.92 -13.60 18.36
CA PHE E 58 19.81 -15.05 18.38
C PHE E 58 21.22 -15.64 18.40
N ALA E 59 21.52 -16.44 19.41
CA ALA E 59 22.84 -17.01 19.62
C ALA E 59 22.75 -18.53 19.67
N GLN E 60 23.74 -19.19 19.09
CA GLN E 60 23.82 -20.65 19.05
C GLN E 60 25.22 -21.07 19.48
N THR E 61 25.29 -22.05 20.37
CA THR E 61 26.55 -22.57 20.90
C THR E 61 26.65 -24.05 20.59
N TRP E 62 27.81 -24.48 20.09
CA TRP E 62 28.01 -25.90 19.81
C TRP E 62 29.49 -26.22 19.82
N TYR E 63 29.80 -27.48 20.02
CA TYR E 63 31.19 -27.95 20.10
C TYR E 63 31.64 -28.50 18.76
N ASP E 64 32.82 -28.09 18.33
CA ASP E 64 33.44 -28.56 17.09
C ASP E 64 34.90 -28.90 17.42
N ARG E 65 35.19 -30.19 17.53
CA ARG E 65 36.55 -30.61 17.87
C ARG E 65 37.56 -30.26 16.79
N ARG E 66 37.11 -30.01 15.55
CA ARG E 66 38.03 -29.64 14.48
C ARG E 66 38.62 -28.26 14.68
N LEU E 67 38.02 -27.42 15.53
CA LEU E 67 38.48 -26.06 15.77
C LEU E 67 39.25 -25.92 17.09
N LYS E 68 39.68 -27.03 17.68
CA LYS E 68 40.54 -26.95 18.86
C LYS E 68 41.86 -26.28 18.50
N PHE E 69 42.30 -25.35 19.34
CA PHE E 69 43.60 -24.71 19.18
C PHE E 69 44.25 -24.59 20.55
N ASN E 70 45.56 -24.82 20.60
CA ASN E 70 46.33 -24.81 21.84
C ASN E 70 47.20 -23.56 21.86
N SER E 71 46.92 -22.67 22.80
CA SER E 71 47.73 -21.46 23.01
C SER E 71 47.29 -20.83 24.32
N THR E 72 48.06 -19.83 24.75
CA THR E 72 47.67 -19.05 25.92
C THR E 72 46.43 -18.22 25.66
N ILE E 73 46.12 -17.94 24.39
CA ILE E 73 44.88 -17.23 24.05
C ILE E 73 43.71 -18.19 24.29
N LYS E 74 42.77 -17.78 25.13
CA LYS E 74 41.65 -18.62 25.53
C LYS E 74 40.39 -18.39 24.69
N VAL E 75 40.41 -17.45 23.75
CA VAL E 75 39.25 -17.19 22.91
C VAL E 75 39.70 -16.36 21.72
N LEU E 76 39.08 -16.62 20.57
CA LEU E 76 39.40 -15.94 19.33
C LEU E 76 38.12 -15.41 18.70
N ARG E 77 38.15 -14.14 18.31
CA ARG E 77 37.07 -13.51 17.57
C ARG E 77 37.38 -13.57 16.08
N LEU E 78 36.48 -14.19 15.32
CA LEU E 78 36.62 -14.34 13.88
C LEU E 78 35.79 -13.29 13.16
N ASN E 79 36.36 -12.70 12.12
CA ASN E 79 35.64 -11.73 11.32
C ASN E 79 34.55 -12.44 10.52
N SER E 80 33.75 -11.65 9.79
CA SER E 80 32.64 -12.23 9.03
C SER E 80 33.12 -13.08 7.86
N ASN E 81 34.39 -12.97 7.47
CA ASN E 81 34.89 -13.79 6.37
C ASN E 81 34.88 -15.27 6.73
N MET E 82 35.29 -15.62 7.95
CA MET E 82 35.31 -17.01 8.36
C MET E 82 33.94 -17.53 8.79
N VAL E 83 32.93 -16.68 8.90
CA VAL E 83 31.58 -17.20 9.13
C VAL E 83 31.15 -18.06 7.95
N GLY E 84 31.62 -17.74 6.75
CA GLY E 84 31.37 -18.52 5.56
C GLY E 84 32.41 -19.58 5.25
N LYS E 85 33.37 -19.83 6.16
CA LYS E 85 34.41 -20.84 5.94
C LYS E 85 34.32 -22.02 6.90
N ILE E 86 33.47 -21.94 7.93
CA ILE E 86 33.26 -23.05 8.84
C ILE E 86 31.81 -23.51 8.74
N TRP E 87 31.53 -24.66 9.35
CA TRP E 87 30.16 -25.16 9.41
C TRP E 87 29.38 -24.38 10.46
N ILE E 88 28.19 -23.94 10.10
CA ILE E 88 27.26 -23.31 11.02
C ILE E 88 25.90 -23.99 10.86
N PRO E 89 25.04 -24.02 11.87
CA PRO E 89 23.72 -24.64 11.68
C PRO E 89 22.89 -23.89 10.66
N ASP E 90 21.96 -24.62 10.04
CA ASP E 90 21.04 -24.06 9.05
C ASP E 90 19.70 -23.71 9.67
N THR E 91 19.73 -23.21 10.91
CA THR E 91 18.52 -22.87 11.63
C THR E 91 17.69 -21.85 10.86
N PHE E 92 16.38 -22.08 10.80
CA PHE E 92 15.45 -21.19 10.15
C PHE E 92 14.17 -21.16 10.96
N PHE E 93 13.41 -20.07 10.79
CA PHE E 93 12.18 -19.85 11.53
C PHE E 93 11.00 -20.33 10.70
N ARG E 94 10.27 -21.31 11.23
CA ARG E 94 9.28 -22.02 10.44
C ARG E 94 8.12 -21.13 10.06
N ASN E 95 7.67 -20.27 10.97
CA ASN E 95 6.48 -19.46 10.77
C ASN E 95 6.81 -18.01 10.40
N SER E 96 7.97 -17.77 9.83
CA SER E 96 8.39 -16.43 9.44
C SER E 96 7.99 -16.17 8.00
N LYS E 97 7.09 -15.20 7.79
CA LYS E 97 6.73 -14.81 6.43
C LYS E 97 7.86 -14.04 5.76
N LYS E 98 8.61 -13.26 6.52
CA LYS E 98 9.73 -12.48 5.98
C LYS E 98 10.67 -12.16 7.13
N ALA E 99 11.95 -12.49 6.96
CA ALA E 99 12.97 -12.23 7.95
C ALA E 99 14.17 -11.57 7.29
N ASP E 100 14.84 -10.71 8.04
CA ASP E 100 15.97 -9.93 7.54
C ASP E 100 17.09 -9.93 8.56
N ALA E 101 18.32 -9.81 8.07
CA ALA E 101 19.51 -9.60 8.88
C ALA E 101 20.05 -8.20 8.59
N HIS E 102 20.59 -7.57 9.62
CA HIS E 102 21.07 -6.20 9.52
C HIS E 102 22.53 -6.19 9.09
N TRP E 103 22.91 -5.16 8.33
CA TRP E 103 24.15 -5.17 7.57
C TRP E 103 25.07 -3.99 7.79
N ILE E 104 24.62 -2.85 8.35
CA ILE E 104 25.47 -1.69 8.58
C ILE E 104 25.92 -1.68 10.04
N THR E 105 27.07 -1.08 10.34
CA THR E 105 28.09 -0.61 9.39
C THR E 105 28.80 -1.82 8.78
N THR E 106 28.96 -2.84 9.60
CA THR E 106 29.40 -4.17 9.21
C THR E 106 28.24 -5.14 9.40
N PRO E 107 28.38 -6.38 8.90
CA PRO E 107 27.32 -7.38 9.17
C PRO E 107 27.15 -7.61 10.67
N ASN E 108 25.92 -7.41 11.14
CA ASN E 108 25.62 -7.50 12.57
C ASN E 108 25.60 -8.96 12.98
N ARG E 109 26.78 -9.53 13.15
CA ARG E 109 26.93 -10.91 13.58
C ARG E 109 28.29 -11.06 14.26
N MET E 110 28.42 -12.13 15.02
CA MET E 110 29.63 -12.39 15.80
C MET E 110 29.90 -13.89 15.82
N LEU E 111 31.18 -14.23 15.83
CA LEU E 111 31.62 -15.63 15.87
C LEU E 111 32.84 -15.70 16.78
N ARG E 112 32.72 -16.45 17.87
CA ARG E 112 33.80 -16.65 18.83
C ARG E 112 34.10 -18.13 18.94
N ILE E 113 35.39 -18.46 19.10
CA ILE E 113 35.83 -19.85 19.25
C ILE E 113 36.74 -19.93 20.47
N TRP E 114 36.52 -20.95 21.29
CA TRP E 114 37.32 -21.21 22.48
C TRP E 114 38.32 -22.33 22.20
N ASN E 115 39.38 -22.37 23.02
CA ASN E 115 40.45 -23.35 22.80
C ASN E 115 39.96 -24.78 22.97
N ASP E 116 38.95 -25.00 23.83
CA ASP E 116 38.41 -26.34 23.98
C ASP E 116 37.68 -26.82 22.73
N GLY E 117 37.29 -25.90 21.84
CA GLY E 117 36.56 -26.23 20.63
C GLY E 117 35.16 -25.66 20.58
N ARG E 118 34.68 -25.02 21.65
CA ARG E 118 33.35 -24.44 21.65
C ARG E 118 33.28 -23.29 20.66
N VAL E 119 32.12 -23.15 20.02
CA VAL E 119 31.87 -22.12 19.02
C VAL E 119 30.56 -21.43 19.41
N LEU E 120 30.59 -20.11 19.46
CA LEU E 120 29.41 -19.28 19.71
C LEU E 120 29.18 -18.41 18.47
N TYR E 121 27.96 -18.44 17.95
CA TYR E 121 27.59 -17.71 16.75
C TYR E 121 26.34 -16.89 17.06
N THR E 122 26.46 -15.57 16.99
CA THR E 122 25.39 -14.65 17.35
C THR E 122 24.99 -13.82 16.13
N LEU E 123 23.70 -13.54 16.03
CA LEU E 123 23.11 -12.87 14.88
C LEU E 123 22.03 -11.92 15.37
N ARG E 124 21.77 -10.87 14.60
CA ARG E 124 20.71 -9.92 14.87
C ARG E 124 19.66 -10.02 13.76
N LEU E 125 18.41 -10.24 14.13
CA LEU E 125 17.35 -10.56 13.18
C LEU E 125 16.11 -9.74 13.45
N THR E 126 15.39 -9.43 12.37
CA THR E 126 14.05 -8.87 12.42
C THR E 126 13.14 -9.80 11.63
N ILE E 127 12.09 -10.29 12.28
CA ILE E 127 11.28 -11.39 11.77
C ILE E 127 9.82 -10.97 11.81
N ASP E 128 9.10 -11.19 10.71
CA ASP E 128 7.65 -10.99 10.64
C ASP E 128 7.01 -12.36 10.70
N ALA E 129 6.62 -12.78 11.90
CA ALA E 129 6.09 -14.11 12.13
C ALA E 129 4.57 -14.08 12.11
N GLU E 130 3.97 -15.06 11.44
CA GLU E 130 2.51 -15.14 11.36
C GLU E 130 1.92 -15.59 12.68
N CYS E 131 0.76 -15.05 13.01
CA CYS E 131 0.04 -15.38 14.23
C CYS E 131 -1.45 -15.39 13.92
N GLN E 132 -2.03 -16.58 13.83
CA GLN E 132 -3.45 -16.70 13.56
C GLN E 132 -4.23 -16.24 14.78
N LEU E 133 -5.20 -15.34 14.57
CA LEU E 133 -5.92 -14.69 15.64
C LEU E 133 -7.38 -15.12 15.62
N GLN E 134 -7.87 -15.59 16.76
CA GLN E 134 -9.28 -15.92 16.94
C GLN E 134 -9.97 -14.67 17.48
N LEU E 135 -10.48 -13.86 16.56
CA LEU E 135 -11.02 -12.54 16.89
C LEU E 135 -12.52 -12.61 17.19
N HIS E 136 -12.91 -13.51 18.10
CA HIS E 136 -14.29 -13.63 18.52
C HIS E 136 -14.63 -12.67 19.66
N ASN E 137 -13.73 -12.54 20.63
CA ASN E 137 -13.90 -11.62 21.75
C ASN E 137 -13.28 -10.25 21.49
N PHE E 138 -13.02 -9.92 20.23
CA PHE E 138 -12.43 -8.63 19.90
C PHE E 138 -13.40 -7.52 20.30
N PRO E 139 -12.93 -6.45 20.99
CA PRO E 139 -11.58 -6.01 21.31
C PRO E 139 -11.13 -6.41 22.73
N MET E 140 -11.69 -7.51 23.24
CA MET E 140 -11.32 -8.07 24.53
C MET E 140 -10.69 -9.45 24.36
N ASP E 141 -9.80 -9.56 23.38
CA ASP E 141 -9.23 -10.84 22.96
C ASP E 141 -7.76 -10.92 23.35
N GLU E 142 -7.35 -12.05 23.90
CA GLU E 142 -5.96 -12.37 24.17
C GLU E 142 -5.47 -13.41 23.17
N HIS E 143 -4.19 -13.35 22.85
CA HIS E 143 -3.57 -14.25 21.89
C HIS E 143 -2.26 -14.77 22.45
N SER E 144 -1.84 -15.93 21.93
CA SER E 144 -0.57 -16.56 22.27
C SER E 144 0.16 -16.78 20.95
N CYS E 145 0.94 -15.79 20.54
CA CYS E 145 1.56 -15.82 19.23
C CYS E 145 2.88 -16.60 19.29
N PRO E 146 3.13 -17.56 18.40
CA PRO E 146 4.37 -18.35 18.50
C PRO E 146 5.51 -17.79 17.66
N LEU E 147 6.70 -18.31 17.95
CA LEU E 147 7.88 -18.12 17.12
C LEU E 147 8.63 -19.45 17.15
N GLU E 148 8.60 -20.16 16.03
CA GLU E 148 9.17 -21.49 15.91
C GLU E 148 10.46 -21.44 15.09
N PHE E 149 11.37 -22.34 15.40
CA PHE E 149 12.56 -22.49 14.57
C PHE E 149 13.09 -23.92 14.68
N SER E 150 13.86 -24.30 13.66
CA SER E 150 14.45 -25.64 13.60
C SER E 150 15.49 -25.66 12.49
N SER E 151 16.24 -26.74 12.43
CA SER E 151 17.19 -26.95 11.35
C SER E 151 16.45 -27.37 10.09
N TYR E 152 16.79 -26.73 8.97
CA TYR E 152 16.07 -27.03 7.73
C TYR E 152 16.45 -28.40 7.18
N GLY E 153 17.74 -28.72 7.16
CA GLY E 153 18.23 -29.90 6.47
C GLY E 153 18.45 -31.10 7.35
N TYR E 154 18.91 -30.88 8.57
CA TYR E 154 19.39 -31.96 9.43
C TYR E 154 18.24 -32.50 10.28
N PRO E 155 17.89 -33.81 10.19
CA PRO E 155 16.80 -34.32 11.03
C PRO E 155 17.21 -34.48 12.48
N ARG E 156 16.33 -35.06 13.29
CA ARG E 156 16.58 -35.21 14.73
CA ARG E 156 16.61 -35.17 14.73
C ARG E 156 17.79 -36.08 15.01
N GLU E 157 18.08 -37.03 14.12
CA GLU E 157 19.23 -37.91 14.32
C GLU E 157 20.56 -37.19 14.11
N GLU E 158 20.56 -35.98 13.53
CA GLU E 158 21.77 -35.27 13.17
C GLU E 158 21.98 -33.98 13.97
N ILE E 159 20.93 -33.23 14.26
CA ILE E 159 21.02 -32.01 15.05
C ILE E 159 19.89 -32.01 16.08
N VAL E 160 20.22 -31.62 17.30
CA VAL E 160 19.26 -31.48 18.39
C VAL E 160 19.48 -30.12 19.02
N TYR E 161 18.39 -29.38 19.23
CA TYR E 161 18.41 -28.09 19.88
C TYR E 161 18.00 -28.24 21.34
N GLN E 162 18.63 -27.45 22.21
CA GLN E 162 18.29 -27.39 23.63
C GLN E 162 18.19 -25.94 24.07
N TRP E 163 17.29 -25.67 25.00
CA TRP E 163 17.15 -24.34 25.57
C TRP E 163 18.18 -24.16 26.66
N LYS E 164 19.08 -23.19 26.47
CA LYS E 164 20.02 -22.84 27.53
C LYS E 164 19.26 -22.35 28.75
N ARG E 165 19.87 -22.49 29.92
CA ARG E 165 19.24 -22.01 31.14
C ARG E 165 19.08 -20.50 31.07
N SER E 166 17.87 -20.02 31.37
CA SER E 166 17.50 -18.62 31.19
C SER E 166 17.73 -18.20 29.72
N SER E 167 16.97 -18.85 28.83
CA SER E 167 17.19 -18.68 27.40
C SER E 167 16.67 -17.35 26.90
N VAL E 168 15.36 -17.11 27.05
CA VAL E 168 14.71 -15.95 26.46
C VAL E 168 14.81 -14.80 27.46
N GLU E 169 15.77 -13.90 27.22
CA GLU E 169 15.84 -12.65 27.97
C GLU E 169 14.95 -11.61 27.29
N VAL E 170 14.29 -10.79 28.11
CA VAL E 170 13.53 -9.64 27.65
C VAL E 170 14.00 -8.43 28.43
N GLY E 171 14.32 -7.35 27.71
CA GLY E 171 14.79 -6.14 28.35
C GLY E 171 13.65 -5.36 28.97
N ASP E 172 13.76 -4.03 28.95
CA ASP E 172 12.68 -3.19 29.45
C ASP E 172 11.50 -3.27 28.49
N THR E 173 10.37 -3.78 28.99
CA THR E 173 9.18 -3.90 28.15
C THR E 173 8.61 -2.55 27.74
N ARG E 174 8.94 -1.49 28.48
CA ARG E 174 8.41 -0.16 28.13
C ARG E 174 8.97 0.34 26.81
N SER E 175 10.18 -0.09 26.44
CA SER E 175 10.80 0.36 25.20
C SER E 175 10.27 -0.37 23.97
N TRP E 176 9.42 -1.37 24.14
CA TRP E 176 8.95 -2.16 23.01
C TRP E 176 8.00 -1.33 22.15
N ARG E 177 7.86 -1.75 20.89
CA ARG E 177 7.10 -1.01 19.90
C ARG E 177 5.61 -1.30 19.95
N LEU E 178 5.15 -2.20 20.82
CA LEU E 178 3.73 -2.45 20.97
C LEU E 178 3.02 -1.20 21.49
N TYR E 179 1.87 -0.88 20.88
CA TYR E 179 1.01 0.18 21.38
C TYR E 179 -0.46 -0.21 21.44
N GLN E 180 -0.91 -1.21 20.68
CA GLN E 180 -2.28 -1.68 20.73
C GLN E 180 -2.47 -2.86 21.69
N PHE E 181 -1.42 -3.64 21.94
CA PHE E 181 -1.45 -4.80 22.80
C PHE E 181 -0.53 -4.58 23.99
N SER E 182 -0.64 -5.47 24.97
CA SER E 182 0.22 -5.48 26.14
C SER E 182 0.80 -6.88 26.31
N PHE E 183 2.08 -6.94 26.66
CA PHE E 183 2.80 -8.21 26.75
C PHE E 183 2.64 -8.77 28.16
N VAL E 184 1.99 -9.93 28.26
CA VAL E 184 1.72 -10.55 29.55
C VAL E 184 2.89 -11.42 30.01
N GLY E 185 3.32 -12.34 29.16
CA GLY E 185 4.42 -13.24 29.51
C GLY E 185 4.83 -14.04 28.30
N LEU E 186 5.69 -15.02 28.54
CA LEU E 186 6.17 -15.89 27.48
C LEU E 186 6.45 -17.28 28.03
N ARG E 187 6.47 -18.27 27.14
CA ARG E 187 6.77 -19.64 27.51
CA ARG E 187 6.77 -19.64 27.51
C ARG E 187 7.45 -20.35 26.37
N ASN E 188 8.46 -21.16 26.69
CA ASN E 188 9.23 -21.91 25.71
C ASN E 188 8.81 -23.37 25.71
N THR E 189 8.89 -24.00 24.53
CA THR E 189 8.61 -25.42 24.41
C THR E 189 9.52 -26.01 23.34
N THR E 190 9.65 -27.34 23.39
CA THR E 190 10.37 -28.11 22.39
C THR E 190 9.53 -29.32 22.01
N GLU E 191 9.64 -29.75 20.76
CA GLU E 191 8.86 -30.88 20.29
C GLU E 191 9.55 -31.46 19.06
N VAL E 192 8.98 -32.55 18.55
CA VAL E 192 9.47 -33.23 17.36
C VAL E 192 8.34 -33.26 16.33
N VAL E 193 8.63 -32.79 15.12
CA VAL E 193 7.66 -32.71 14.03
C VAL E 193 8.11 -33.65 12.93
N LYS E 194 7.20 -34.51 12.48
CA LYS E 194 7.47 -35.45 11.41
C LYS E 194 7.05 -34.85 10.08
N THR E 195 7.95 -34.88 9.11
CA THR E 195 7.72 -34.35 7.78
C THR E 195 8.15 -35.39 6.75
N THR E 196 8.11 -35.01 5.47
CA THR E 196 8.47 -35.94 4.41
C THR E 196 9.95 -36.32 4.48
N SER E 197 10.81 -35.34 4.78
CA SER E 197 12.25 -35.58 4.79
C SER E 197 12.75 -36.22 6.08
N GLY E 198 11.95 -36.23 7.14
CA GLY E 198 12.34 -36.86 8.38
C GLY E 198 11.66 -36.18 9.56
N ASP E 199 12.17 -36.50 10.74
CA ASP E 199 11.69 -35.93 12.00
C ASP E 199 12.67 -34.86 12.47
N TYR E 200 12.15 -33.69 12.83
CA TYR E 200 12.95 -32.52 13.13
C TYR E 200 12.58 -31.99 14.52
N VAL E 201 13.59 -31.52 15.24
CA VAL E 201 13.37 -30.90 16.54
C VAL E 201 12.98 -29.45 16.32
N VAL E 202 11.78 -29.08 16.80
CA VAL E 202 11.23 -27.73 16.64
C VAL E 202 11.21 -27.07 18.02
N MET E 203 11.72 -25.85 18.09
CA MET E 203 11.79 -25.09 19.33
C MET E 203 10.92 -23.86 19.16
N SER E 204 10.01 -23.65 20.12
CA SER E 204 8.98 -22.62 20.03
C SER E 204 9.03 -21.70 21.23
N VAL E 205 8.76 -20.42 20.99
CA VAL E 205 8.60 -19.42 22.05
C VAL E 205 7.25 -18.74 21.81
N TYR E 206 6.34 -18.89 22.77
CA TYR E 206 5.02 -18.28 22.70
C TYR E 206 5.03 -16.99 23.52
N PHE E 207 4.50 -15.92 22.94
CA PHE E 207 4.32 -14.64 23.61
C PHE E 207 2.84 -14.39 23.82
N ASP E 208 2.45 -14.10 25.06
CA ASP E 208 1.07 -13.82 25.39
C ASP E 208 0.82 -12.32 25.25
N LEU E 209 -0.18 -11.96 24.45
CA LEU E 209 -0.52 -10.57 24.17
C LEU E 209 -1.99 -10.34 24.48
N SER E 210 -2.30 -9.13 24.98
CA SER E 210 -3.66 -8.75 25.35
C SER E 210 -3.97 -7.38 24.77
N ARG E 211 -5.06 -7.30 24.02
CA ARG E 211 -5.43 -6.06 23.38
C ARG E 211 -5.90 -5.03 24.40
N ARG E 212 -5.63 -3.77 24.10
CA ARG E 212 -6.02 -2.64 24.95
C ARG E 212 -7.31 -2.01 24.41
N MET E 213 -8.16 -1.57 25.33
CA MET E 213 -9.54 -1.19 25.02
C MET E 213 -9.73 0.28 24.70
N GLY E 214 -8.71 1.12 24.86
CA GLY E 214 -8.93 2.55 24.84
C GLY E 214 -9.44 3.07 23.50
N TYR E 215 -8.81 2.64 22.40
CA TYR E 215 -9.16 3.17 21.09
C TYR E 215 -10.60 2.84 20.73
N PHE E 216 -10.98 1.57 20.85
CA PHE E 216 -12.31 1.15 20.45
C PHE E 216 -13.37 1.66 21.41
N THR E 217 -13.03 1.77 22.69
CA THR E 217 -13.96 2.37 23.64
C THR E 217 -14.23 3.83 23.29
N ILE E 218 -13.19 4.57 22.90
CA ILE E 218 -13.38 5.98 22.57
C ILE E 218 -14.13 6.13 21.26
N GLN E 219 -13.83 5.28 20.27
CA GLN E 219 -14.22 5.56 18.89
C GLN E 219 -15.47 4.82 18.43
N THR E 220 -15.90 3.77 19.12
CA THR E 220 -17.09 3.01 18.72
C THR E 220 -18.16 2.95 19.79
N TYR E 221 -17.80 2.58 21.02
CA TYR E 221 -18.82 2.34 22.04
C TYR E 221 -19.50 3.64 22.46
N ILE E 222 -18.71 4.66 22.79
CA ILE E 222 -19.25 5.93 23.26
C ILE E 222 -20.02 6.61 22.15
N PRO E 223 -19.51 6.69 20.91
CA PRO E 223 -20.36 7.22 19.82
C PRO E 223 -21.66 6.45 19.64
N CYS E 224 -21.63 5.12 19.74
CA CYS E 224 -22.86 4.36 19.59
C CYS E 224 -23.87 4.73 20.67
N THR E 225 -23.41 4.82 21.92
CA THR E 225 -24.31 5.17 23.01
C THR E 225 -24.86 6.58 22.84
N LEU E 226 -24.02 7.53 22.42
CA LEU E 226 -24.48 8.91 22.29
C LEU E 226 -25.46 9.06 21.13
N ILE E 227 -25.24 8.36 20.03
CA ILE E 227 -26.22 8.42 18.95
C ILE E 227 -27.51 7.71 19.35
N VAL E 228 -27.43 6.67 20.17
CA VAL E 228 -28.66 6.05 20.67
C VAL E 228 -29.41 7.04 21.57
N VAL E 229 -28.69 7.82 22.37
CA VAL E 229 -29.33 8.85 23.19
C VAL E 229 -29.96 9.91 22.28
N LEU E 230 -29.27 10.26 21.19
CA LEU E 230 -29.84 11.14 20.19
C LEU E 230 -31.14 10.58 19.65
N SER E 231 -31.19 9.27 19.44
CA SER E 231 -32.44 8.64 19.01
C SER E 231 -33.52 8.80 20.08
N TRP E 232 -33.17 8.60 21.35
CA TRP E 232 -34.17 8.75 22.41
C TRP E 232 -34.66 10.18 22.55
N VAL E 233 -33.87 11.17 22.11
CA VAL E 233 -34.29 12.57 22.23
C VAL E 233 -35.60 12.82 21.47
N SER E 234 -35.88 12.03 20.43
CA SER E 234 -37.07 12.25 19.62
C SER E 234 -38.35 12.11 20.42
N PHE E 235 -38.37 11.27 21.46
CA PHE E 235 -39.60 11.02 22.20
C PHE E 235 -40.11 12.25 22.93
N TRP E 236 -39.24 13.22 23.24
CA TRP E 236 -39.66 14.44 23.93
C TRP E 236 -40.12 15.54 22.97
N ILE E 237 -40.05 15.31 21.65
CA ILE E 237 -40.54 16.26 20.67
C ILE E 237 -42.05 16.04 20.51
N ASN E 238 -42.75 17.09 20.10
CA ASN E 238 -44.19 17.01 19.94
C ASN E 238 -44.56 16.04 18.83
N LYS E 239 -45.78 15.49 18.94
CA LYS E 239 -46.24 14.50 17.98
C LYS E 239 -46.42 15.10 16.59
N ASP E 240 -46.74 16.39 16.50
CA ASP E 240 -47.04 17.03 15.23
C ASP E 240 -45.80 17.44 14.45
N ALA E 241 -44.61 17.38 15.05
CA ALA E 241 -43.36 17.73 14.36
C ALA E 241 -42.89 16.50 13.57
N VAL E 242 -43.64 16.20 12.52
CA VAL E 242 -43.41 15.00 11.71
C VAL E 242 -42.05 15.05 11.02
N PRO E 243 -41.70 16.12 10.27
CA PRO E 243 -40.41 16.10 9.58
C PRO E 243 -39.23 16.02 10.53
N ALA E 244 -39.32 16.67 11.69
CA ALA E 244 -38.20 16.67 12.63
C ALA E 244 -37.95 15.27 13.19
N ARG E 245 -39.00 14.60 13.66
CA ARG E 245 -38.84 13.28 14.25
C ARG E 245 -38.44 12.26 13.18
N THR E 246 -39.00 12.37 11.99
CA THR E 246 -38.60 11.50 10.90
C THR E 246 -37.12 11.68 10.57
N SER E 247 -36.67 12.94 10.53
CA SER E 247 -35.25 13.22 10.27
C SER E 247 -34.38 12.63 11.37
N LEU E 248 -34.81 12.77 12.63
CA LEU E 248 -34.05 12.19 13.73
C LEU E 248 -33.87 10.69 13.56
N GLY E 249 -34.97 9.97 13.31
CA GLY E 249 -34.88 8.52 13.18
C GLY E 249 -34.03 8.08 12.00
N ILE E 250 -34.28 8.67 10.83
CA ILE E 250 -33.58 8.24 9.63
C ILE E 250 -32.08 8.57 9.74
N THR E 251 -31.77 9.75 10.26
CA THR E 251 -30.37 10.14 10.45
C THR E 251 -29.67 9.22 11.44
N THR E 252 -30.37 8.83 12.53
CA THR E 252 -29.74 7.93 13.48
C THR E 252 -29.44 6.57 12.86
N VAL E 253 -30.34 6.03 12.02
CA VAL E 253 -30.03 4.74 11.41
C VAL E 253 -28.87 4.86 10.41
N LEU E 254 -28.82 5.98 9.66
CA LEU E 254 -27.64 6.20 8.82
C LEU E 254 -26.36 6.28 9.64
N THR E 255 -26.41 6.94 10.79
CA THR E 255 -25.24 7.02 11.64
C THR E 255 -24.83 5.64 12.15
N MET E 256 -25.81 4.80 12.50
CA MET E 256 -25.49 3.44 12.92
C MET E 256 -24.83 2.65 11.79
N THR E 257 -25.34 2.78 10.56
CA THR E 257 -24.72 2.07 9.44
C THR E 257 -23.29 2.54 9.22
N THR E 258 -23.07 3.86 9.24
CA THR E 258 -21.72 4.38 9.05
C THR E 258 -20.79 3.92 10.16
N LEU E 259 -21.26 3.94 11.41
CA LEU E 259 -20.46 3.47 12.53
C LEU E 259 -20.13 1.99 12.39
N SER E 260 -21.09 1.18 11.94
CA SER E 260 -20.84 -0.24 11.74
C SER E 260 -19.73 -0.45 10.71
N THR E 261 -19.80 0.29 9.60
CA THR E 261 -18.79 0.13 8.56
C THR E 261 -17.40 0.54 9.06
N ILE E 262 -17.30 1.70 9.70
CA ILE E 262 -15.97 2.15 10.13
C ILE E 262 -15.46 1.35 11.32
N ALA E 263 -16.34 0.70 12.08
CA ALA E 263 -15.89 -0.19 13.14
C ALA E 263 -15.37 -1.50 12.56
N ARG E 264 -16.06 -2.06 11.56
CA ARG E 264 -15.67 -3.35 11.02
C ARG E 264 -14.52 -3.26 10.03
N LYS E 265 -14.20 -2.06 9.51
CA LYS E 265 -13.06 -1.96 8.61
C LYS E 265 -11.72 -2.02 9.33
N SER E 266 -11.70 -2.15 10.66
CA SER E 266 -10.47 -2.28 11.45
C SER E 266 -10.13 -3.74 11.72
N LEU E 267 -10.47 -4.66 10.83
CA LEU E 267 -10.25 -6.08 11.03
C LEU E 267 -10.00 -6.72 9.68
N PRO E 268 -9.54 -7.97 9.66
CA PRO E 268 -9.61 -8.75 8.42
C PRO E 268 -11.05 -9.11 8.10
N LYS E 269 -11.24 -9.63 6.89
CA LYS E 269 -12.58 -9.98 6.40
C LYS E 269 -13.01 -11.36 6.90
N VAL E 270 -13.10 -11.49 8.22
CA VAL E 270 -13.54 -12.73 8.83
C VAL E 270 -15.05 -12.85 8.69
N SER E 271 -15.52 -14.09 8.61
CA SER E 271 -16.93 -14.40 8.32
C SER E 271 -17.69 -14.80 9.57
N TYR E 272 -17.39 -14.17 10.71
CA TYR E 272 -18.14 -14.38 11.94
C TYR E 272 -18.30 -13.05 12.65
N VAL E 273 -19.20 -13.04 13.64
CA VAL E 273 -19.49 -11.82 14.38
C VAL E 273 -18.45 -11.64 15.48
N THR E 274 -18.30 -10.39 15.92
CA THR E 274 -17.44 -10.02 17.04
C THR E 274 -18.26 -9.24 18.07
N ALA E 275 -17.61 -8.89 19.18
CA ALA E 275 -18.31 -8.18 20.23
C ALA E 275 -18.76 -6.81 19.77
N MET E 276 -17.91 -6.09 19.03
CA MET E 276 -18.30 -4.78 18.54
C MET E 276 -19.44 -4.86 17.55
N ASP E 277 -19.42 -5.88 16.67
CA ASP E 277 -20.52 -6.06 15.74
C ASP E 277 -21.83 -6.31 16.49
N LEU E 278 -21.76 -7.11 17.57
CA LEU E 278 -22.95 -7.37 18.37
C LEU E 278 -23.46 -6.10 19.04
N PHE E 279 -22.55 -5.30 19.61
CA PHE E 279 -22.95 -4.05 20.24
C PHE E 279 -23.59 -3.10 19.23
N VAL E 280 -22.99 -3.00 18.05
CA VAL E 280 -23.53 -2.12 17.01
C VAL E 280 -24.89 -2.62 16.54
N SER E 281 -25.05 -3.95 16.44
CA SER E 281 -26.33 -4.51 16.04
C SER E 281 -27.41 -4.19 17.06
N VAL E 282 -27.10 -4.31 18.34
CA VAL E 282 -28.09 -4.01 19.37
C VAL E 282 -28.44 -2.53 19.35
N CYS E 283 -27.45 -1.66 19.18
CA CYS E 283 -27.73 -0.23 19.09
C CYS E 283 -28.60 0.10 17.88
N PHE E 284 -28.33 -0.55 16.74
CA PHE E 284 -29.15 -0.35 15.56
C PHE E 284 -30.58 -0.81 15.82
N ILE E 285 -30.73 -1.93 16.52
CA ILE E 285 -32.06 -2.43 16.87
C ILE E 285 -32.79 -1.40 17.74
N PHE E 286 -32.09 -0.79 18.70
CA PHE E 286 -32.72 0.21 19.55
C PHE E 286 -33.22 1.41 18.75
N VAL E 287 -32.36 1.96 17.88
CA VAL E 287 -32.78 3.15 17.14
C VAL E 287 -33.88 2.81 16.14
N PHE E 288 -33.82 1.63 15.52
CA PHE E 288 -34.87 1.22 14.60
C PHE E 288 -36.19 1.02 15.34
N SER E 289 -36.11 0.50 16.56
CA SER E 289 -37.32 0.36 17.39
C SER E 289 -37.91 1.72 17.69
N ALA E 290 -37.07 2.72 17.99
CA ALA E 290 -37.58 4.06 18.22
C ALA E 290 -38.25 4.63 16.97
N LEU E 291 -37.64 4.41 15.81
CA LEU E 291 -38.21 4.94 14.56
C LEU E 291 -39.56 4.31 14.26
N VAL E 292 -39.64 2.98 14.33
CA VAL E 292 -40.92 2.32 14.05
C VAL E 292 -41.94 2.65 15.13
N GLU E 293 -41.49 2.92 16.37
CA GLU E 293 -42.41 3.38 17.40
C GLU E 293 -43.04 4.70 17.01
N TYR E 294 -42.25 5.66 16.53
CA TYR E 294 -42.83 6.92 16.12
C TYR E 294 -43.74 6.73 14.91
N GLY E 295 -43.35 5.86 13.98
CA GLY E 295 -44.21 5.59 12.83
C GLY E 295 -45.56 5.04 13.23
N THR E 296 -45.56 4.09 14.16
CA THR E 296 -46.81 3.52 14.67
C THR E 296 -47.65 4.59 15.37
N LEU E 297 -47.01 5.45 16.17
CA LEU E 297 -47.74 6.52 16.84
C LEU E 297 -48.39 7.45 15.83
N HIS E 298 -47.64 7.86 14.82
CA HIS E 298 -48.18 8.78 13.82
C HIS E 298 -49.33 8.14 13.05
N TYR E 299 -49.20 6.86 12.68
CA TYR E 299 -50.27 6.19 11.97
C TYR E 299 -51.54 6.10 12.81
N PHE E 300 -51.41 5.63 14.05
CA PHE E 300 -52.59 5.42 14.89
C PHE E 300 -53.19 6.71 15.41
N VAL E 301 -52.45 7.82 15.38
CA VAL E 301 -52.99 9.09 15.85
C VAL E 301 -53.58 9.90 14.69
N SER E 302 -52.96 9.86 13.51
CA SER E 302 -53.37 10.72 12.39
C SER E 302 -54.39 10.03 11.47
N ASN E 303 -54.00 8.90 10.89
CA ASN E 303 -54.77 8.29 9.81
C ASN E 303 -55.86 7.34 10.28
N ARG E 304 -56.00 7.13 11.59
CA ARG E 304 -57.02 6.22 12.12
C ARG E 304 -57.59 6.81 13.40
N LYS E 305 -58.77 6.31 13.76
CA LYS E 305 -59.44 6.73 14.99
C LYS E 305 -58.65 6.31 16.21
N CYS E 349 -60.79 -28.34 37.50
CA CYS E 349 -61.07 -26.99 36.93
C CYS E 349 -60.14 -25.95 37.59
N LEU E 350 -60.68 -24.79 37.98
CA LEU E 350 -59.84 -23.70 38.53
C LEU E 350 -60.23 -23.27 39.94
N ASP E 351 -59.26 -23.15 40.86
CA ASP E 351 -59.54 -22.57 42.20
C ASP E 351 -59.99 -21.14 41.95
N GLY E 352 -59.33 -20.47 40.99
CA GLY E 352 -59.72 -19.09 40.63
C GLY E 352 -61.12 -19.11 40.06
N LYS E 353 -61.93 -18.10 40.37
CA LYS E 353 -63.36 -18.17 39.98
C LYS E 353 -63.54 -18.21 38.45
N ASP E 354 -62.78 -17.43 37.66
CA ASP E 354 -63.00 -17.54 36.19
C ASP E 354 -61.71 -18.01 35.51
N CYS E 355 -61.78 -19.06 34.69
CA CYS E 355 -60.51 -19.58 34.13
C CYS E 355 -59.79 -18.56 33.22
N ALA E 356 -60.51 -17.85 32.36
CA ALA E 356 -59.73 -16.94 31.48
C ALA E 356 -59.02 -15.84 32.27
N SER E 357 -59.69 -15.23 33.25
CA SER E 357 -58.99 -14.11 33.92
C SER E 357 -57.75 -14.62 34.66
N PHE E 358 -57.91 -15.75 35.35
CA PHE E 358 -56.79 -16.30 36.14
C PHE E 358 -55.62 -16.70 35.24
N PHE E 359 -55.91 -17.29 34.09
CA PHE E 359 -54.80 -17.83 33.27
C PHE E 359 -54.96 -17.36 31.82
N PHE E 362 -57.93 -10.37 28.78
CA PHE E 362 -58.56 -9.69 27.62
C PHE E 362 -59.59 -8.71 28.10
N GLU E 363 -59.19 -7.47 28.34
CA GLU E 363 -60.20 -6.43 28.66
C GLU E 363 -59.82 -5.28 27.72
N ASP E 364 -60.12 -5.44 26.42
CA ASP E 364 -59.68 -4.44 25.39
C ASP E 364 -58.18 -4.63 25.19
N HIS E 376 -58.89 2.80 20.65
CA HIS E 376 -57.72 2.29 21.37
C HIS E 376 -57.73 2.77 22.81
N ILE E 377 -56.82 2.21 23.62
CA ILE E 377 -56.88 2.39 25.07
C ILE E 377 -55.89 3.47 25.50
N ARG E 378 -54.59 3.21 25.28
CA ARG E 378 -53.52 4.12 25.71
C ARG E 378 -52.42 4.18 24.65
N ILE E 379 -52.79 4.02 23.37
CA ILE E 379 -51.80 4.14 22.30
C ILE E 379 -51.29 5.58 22.21
N ALA E 380 -52.15 6.56 22.49
CA ALA E 380 -51.70 7.95 22.54
C ALA E 380 -50.69 8.19 23.65
N LYS E 381 -50.69 7.35 24.69
CA LYS E 381 -49.74 7.47 25.79
C LYS E 381 -48.39 6.81 25.48
N MET E 382 -48.17 6.36 24.25
CA MET E 382 -46.99 5.53 23.96
C MET E 382 -45.71 6.33 24.20
N ASP E 383 -45.66 7.58 23.75
CA ASP E 383 -44.48 8.40 23.98
C ASP E 383 -44.27 8.68 25.45
N SER E 384 -45.34 8.66 26.25
CA SER E 384 -45.23 9.01 27.66
C SER E 384 -44.35 8.01 28.41
N TYR E 385 -44.63 6.72 28.27
CA TYR E 385 -43.88 5.67 28.94
C TYR E 385 -42.79 5.06 28.08
N ALA E 386 -42.68 5.44 26.80
CA ALA E 386 -41.53 5.06 26.00
C ALA E 386 -40.26 5.82 26.38
N ARG E 387 -40.38 6.89 27.17
CA ARG E 387 -39.22 7.65 27.59
C ARG E 387 -38.43 6.96 28.69
N ILE E 388 -39.00 5.94 29.34
CA ILE E 388 -38.33 5.17 30.38
C ILE E 388 -38.12 3.72 29.99
N PHE E 389 -38.88 3.20 29.03
CA PHE E 389 -38.68 1.82 28.57
C PHE E 389 -37.34 1.67 27.85
N PHE E 390 -37.07 2.55 26.88
CA PHE E 390 -35.86 2.41 26.08
C PHE E 390 -34.59 2.62 26.90
N PRO E 391 -34.46 3.69 27.72
CA PRO E 391 -33.22 3.85 28.50
C PRO E 391 -32.95 2.71 29.45
N THR E 392 -33.96 2.19 30.15
CA THR E 392 -33.70 1.11 31.10
C THR E 392 -33.43 -0.20 30.37
N ALA E 393 -34.05 -0.41 29.20
CA ALA E 393 -33.69 -1.56 28.38
C ALA E 393 -32.22 -1.48 27.96
N PHE E 394 -31.78 -0.30 27.54
CA PHE E 394 -30.38 -0.14 27.14
C PHE E 394 -29.44 -0.34 28.31
N CYS E 395 -29.80 0.16 29.49
CA CYS E 395 -28.97 -0.04 30.66
C CYS E 395 -28.86 -1.52 31.01
N LEU E 396 -29.97 -2.25 30.93
CA LEU E 396 -29.94 -3.68 31.20
C LEU E 396 -29.05 -4.41 30.20
N PHE E 397 -29.18 -4.07 28.92
CA PHE E 397 -28.34 -4.70 27.90
C PHE E 397 -26.87 -4.41 28.15
N ASN E 398 -26.53 -3.16 28.48
CA ASN E 398 -25.13 -2.82 28.73
C ASN E 398 -24.60 -3.57 29.93
N LEU E 399 -25.39 -3.65 31.01
CA LEU E 399 -24.96 -4.38 32.20
C LEU E 399 -24.67 -5.83 31.87
N VAL E 400 -25.61 -6.51 31.21
CA VAL E 400 -25.44 -7.93 30.90
C VAL E 400 -24.25 -8.13 29.96
N TYR E 401 -24.14 -7.29 28.94
CA TYR E 401 -23.07 -7.42 27.95
C TYR E 401 -21.69 -7.28 28.59
N TRP E 402 -21.49 -6.19 29.36
CA TRP E 402 -20.18 -5.95 29.94
C TRP E 402 -19.86 -6.98 31.01
N VAL E 403 -20.85 -7.37 31.83
CA VAL E 403 -20.60 -8.39 32.84
C VAL E 403 -20.24 -9.72 32.16
N SER E 404 -20.85 -10.00 31.01
CA SER E 404 -20.58 -11.25 30.32
C SER E 404 -19.15 -11.28 29.77
N TYR E 405 -18.72 -10.22 29.08
CA TYR E 405 -17.37 -10.25 28.50
C TYR E 405 -16.27 -9.96 29.51
N LEU E 406 -16.35 -8.84 30.25
CA LEU E 406 -15.19 -8.36 30.99
C LEU E 406 -14.74 -9.32 32.09
N TYR E 407 -15.59 -10.27 32.51
CA TYR E 407 -15.27 -11.20 33.59
C TYR E 407 -15.07 -12.62 33.08
N LEU E 408 -16.08 -13.21 32.44
CA LEU E 408 -16.00 -14.56 31.90
C LEU E 408 -15.60 -14.53 30.43
N GLY E 409 -14.43 -13.95 30.17
CA GLY E 409 -13.91 -13.84 28.83
C GLY E 409 -12.91 -12.69 28.68
N ASP F 1 -8.00 -31.52 42.72
CA ASP F 1 -9.46 -31.57 42.67
C ASP F 1 -9.94 -32.92 42.14
N SER F 2 -9.21 -33.47 41.17
CA SER F 2 -9.55 -34.74 40.53
C SER F 2 -10.92 -34.56 39.87
N ARG F 3 -11.88 -35.47 40.06
CA ARG F 3 -13.20 -35.40 39.43
C ARG F 3 -14.30 -35.28 40.48
N ASP F 4 -14.03 -34.58 41.57
CA ASP F 4 -14.99 -34.44 42.66
C ASP F 4 -15.95 -33.30 42.35
N TYR F 5 -17.17 -33.66 41.93
CA TYR F 5 -18.23 -32.69 41.65
C TYR F 5 -19.38 -32.77 42.63
N SER F 6 -19.35 -33.70 43.60
CA SER F 6 -20.50 -33.93 44.47
C SER F 6 -20.78 -32.71 45.33
N THR F 7 -19.74 -32.03 45.81
CA THR F 7 -19.94 -30.86 46.67
C THR F 7 -20.68 -29.75 45.92
N GLU F 8 -20.31 -29.52 44.65
CA GLU F 8 -20.97 -28.50 43.85
C GLU F 8 -22.46 -28.80 43.68
N LEU F 9 -22.78 -30.05 43.34
CA LEU F 9 -24.18 -30.45 43.20
C LEU F 9 -24.92 -30.28 44.51
N SER F 10 -24.28 -30.67 45.63
CA SER F 10 -24.94 -30.57 46.93
C SER F 10 -25.27 -29.13 47.28
N VAL F 11 -24.29 -28.23 47.16
CA VAL F 11 -24.52 -26.84 47.56
C VAL F 11 -25.51 -26.17 46.61
N THR F 12 -25.42 -26.47 45.30
CA THR F 12 -26.36 -25.89 44.36
C THR F 12 -27.78 -26.36 44.64
N VAL F 13 -27.96 -27.66 44.93
CA VAL F 13 -29.29 -28.17 45.26
C VAL F 13 -29.80 -27.53 46.54
N ALA F 14 -28.90 -27.33 47.51
CA ALA F 14 -29.31 -26.73 48.79
C ALA F 14 -29.83 -25.32 48.58
N VAL F 15 -29.05 -24.48 47.88
CA VAL F 15 -29.48 -23.10 47.67
C VAL F 15 -30.73 -23.05 46.80
N GLY F 16 -30.81 -23.92 45.79
CA GLY F 16 -32.00 -23.95 44.96
C GLY F 16 -33.25 -24.32 45.74
N ALA F 17 -33.13 -25.34 46.60
CA ALA F 17 -34.26 -25.73 47.43
C ALA F 17 -34.64 -24.64 48.41
N SER F 18 -33.65 -23.93 48.95
CA SER F 18 -33.94 -22.82 49.85
C SER F 18 -34.72 -21.73 49.14
N LEU F 19 -34.28 -21.34 47.95
CA LEU F 19 -34.99 -20.32 47.19
C LEU F 19 -36.39 -20.77 46.82
N LEU F 20 -36.53 -22.03 46.40
CA LEU F 20 -37.85 -22.56 46.05
C LEU F 20 -38.78 -22.57 47.26
N PHE F 21 -38.26 -22.94 48.43
CA PHE F 21 -39.07 -22.91 49.64
C PHE F 21 -39.48 -21.50 49.99
N LEU F 22 -38.58 -20.52 49.79
CA LEU F 22 -38.96 -19.13 50.02
C LEU F 22 -40.09 -18.70 49.09
N ASN F 23 -40.00 -19.06 47.81
CA ASN F 23 -41.05 -18.67 46.87
C ASN F 23 -42.37 -19.34 47.22
N ILE F 24 -42.33 -20.62 47.58
CA ILE F 24 -43.54 -21.33 47.95
C ILE F 24 -44.13 -20.77 49.24
N LEU F 25 -43.30 -20.33 50.18
CA LEU F 25 -43.81 -19.71 51.38
C LEU F 25 -44.51 -18.40 51.06
N ALA F 26 -43.92 -17.58 50.17
CA ALA F 26 -44.59 -16.34 49.78
C ALA F 26 -45.91 -16.64 49.07
N PHE F 27 -45.92 -17.62 48.18
CA PHE F 27 -47.14 -17.98 47.46
C PHE F 27 -48.21 -18.47 48.43
N ALA F 28 -47.82 -19.29 49.40
CA ALA F 28 -48.77 -19.79 50.40
C ALA F 28 -49.33 -18.65 51.24
N ALA F 29 -48.47 -17.71 51.64
CA ALA F 29 -48.94 -16.53 52.37
C ALA F 29 -49.89 -15.69 51.51
N LEU F 30 -49.75 -15.75 50.19
CA LEU F 30 -50.64 -14.99 49.32
C LEU F 30 -52.00 -15.68 49.11
N TYR F 31 -51.99 -16.89 48.55
CA TYR F 31 -53.21 -17.42 47.96
C TYR F 31 -54.22 -17.94 48.97
N TYR F 32 -53.85 -18.14 50.24
CA TYR F 32 -54.83 -18.43 51.28
C TYR F 32 -54.60 -17.66 52.57
N LYS F 33 -53.48 -16.95 52.73
CA LYS F 33 -53.25 -16.10 53.89
C LYS F 33 -53.25 -16.90 55.19
N ARG G 1 -49.33 -2.77 53.06
CA ARG G 1 -48.63 -3.83 53.79
C ARG G 1 -48.39 -5.03 52.86
N ASN G 2 -49.46 -5.68 52.45
CA ASN G 2 -49.35 -6.89 51.63
C ASN G 2 -48.74 -6.55 50.27
N SER G 3 -49.40 -5.69 49.50
CA SER G 3 -48.96 -5.39 48.15
C SER G 3 -47.59 -4.71 48.14
N ARG G 4 -47.42 -3.69 48.98
CA ARG G 4 -46.24 -2.84 48.89
C ARG G 4 -44.96 -3.56 49.30
N ALA G 5 -45.08 -4.68 50.01
CA ALA G 5 -43.94 -5.52 50.36
C ALA G 5 -43.79 -6.73 49.45
N ILE G 6 -44.90 -7.38 49.09
CA ILE G 6 -44.82 -8.56 48.24
C ILE G 6 -44.33 -8.18 46.85
N GLY G 7 -44.72 -7.01 46.36
CA GLY G 7 -44.23 -6.58 45.05
C GLY G 7 -42.72 -6.35 45.05
N VAL G 8 -42.21 -5.71 46.10
CA VAL G 8 -40.77 -5.49 46.19
C VAL G 8 -40.03 -6.82 46.30
N LEU G 9 -40.57 -7.75 47.10
CA LEU G 9 -39.94 -9.05 47.23
C LEU G 9 -39.92 -9.79 45.90
N TRP G 10 -41.05 -9.76 45.17
CA TRP G 10 -41.11 -10.42 43.88
C TRP G 10 -40.14 -9.79 42.89
N ALA G 11 -40.03 -8.47 42.90
CA ALA G 11 -39.10 -7.79 41.99
C ALA G 11 -37.66 -8.17 42.30
N ILE G 12 -37.28 -8.15 43.58
CA ILE G 12 -35.92 -8.49 43.97
C ILE G 12 -35.61 -9.93 43.57
N PHE G 13 -36.54 -10.84 43.84
CA PHE G 13 -36.28 -12.24 43.52
C PHE G 13 -36.30 -12.49 42.01
N THR G 14 -37.07 -11.71 41.24
CA THR G 14 -37.02 -11.83 39.79
C THR G 14 -35.67 -11.36 39.27
N ILE G 15 -35.12 -10.30 39.87
CA ILE G 15 -33.77 -9.88 39.51
C ILE G 15 -32.77 -11.00 39.79
N CYS G 16 -32.93 -11.66 40.95
CA CYS G 16 -32.04 -12.77 41.27
C CYS G 16 -32.20 -13.92 40.28
N PHE G 17 -33.44 -14.21 39.87
CA PHE G 17 -33.69 -15.26 38.90
C PHE G 17 -33.01 -14.94 37.57
N ALA G 18 -33.11 -13.70 37.12
CA ALA G 18 -32.47 -13.31 35.87
C ALA G 18 -30.95 -13.42 35.98
N ILE G 19 -30.40 -13.05 37.15
CA ILE G 19 -28.96 -13.14 37.35
C ILE G 19 -28.50 -14.59 37.22
N ILE G 20 -29.18 -15.51 37.93
CA ILE G 20 -28.76 -16.90 37.84
C ILE G 20 -29.00 -17.46 36.44
N ASN G 21 -30.02 -16.95 35.74
CA ASN G 21 -30.29 -17.43 34.38
C ASN G 21 -29.16 -17.06 33.44
N VAL G 22 -28.71 -15.80 33.47
CA VAL G 22 -27.60 -15.41 32.61
C VAL G 22 -26.34 -16.16 33.03
N VAL G 23 -26.16 -16.37 34.34
CA VAL G 23 -24.97 -17.07 34.82
C VAL G 23 -24.93 -18.50 34.28
N VAL G 24 -26.05 -19.22 34.36
CA VAL G 24 -26.06 -20.58 33.84
C VAL G 24 -25.94 -20.57 32.32
N PHE G 25 -26.37 -19.49 31.66
CA PHE G 25 -26.20 -19.42 30.22
C PHE G 25 -24.73 -19.34 29.83
N ILE G 26 -23.98 -18.42 30.45
CA ILE G 26 -22.60 -18.17 30.00
C ILE G 26 -21.56 -19.03 30.70
N GLN G 27 -21.98 -19.99 31.54
CA GLN G 27 -21.03 -20.80 32.30
C GLN G 27 -20.69 -22.07 31.52
N PRO G 28 -19.40 -22.34 31.22
CA PRO G 28 -19.10 -23.55 30.43
C PRO G 28 -19.37 -24.86 31.16
N TYR G 29 -19.43 -24.86 32.49
CA TYR G 29 -19.47 -26.12 33.23
C TYR G 29 -20.86 -26.74 33.26
N TRP G 30 -21.18 -27.56 32.25
CA TRP G 30 -22.47 -28.23 32.16
C TRP G 30 -22.36 -29.75 32.27
N VAL G 31 -21.49 -30.37 31.48
CA VAL G 31 -21.39 -31.83 31.38
C VAL G 31 -19.91 -32.19 31.50
N GLY G 32 -19.51 -32.65 32.69
CA GLY G 32 -18.14 -33.06 32.92
C GLY G 32 -17.95 -34.54 32.68
N ASP G 33 -16.75 -35.02 33.03
CA ASP G 33 -16.40 -36.43 32.93
C ASP G 33 -15.85 -36.90 34.27
N SER G 34 -16.30 -38.06 34.71
CA SER G 34 -15.90 -38.62 36.01
C SER G 34 -14.53 -39.26 35.87
N VAL G 35 -14.13 -40.05 36.87
CA VAL G 35 -12.82 -40.71 36.84
C VAL G 35 -12.72 -41.64 35.64
N SER G 36 -13.82 -42.31 35.29
CA SER G 36 -13.86 -43.17 34.11
C SER G 36 -14.10 -42.29 32.88
N THR G 37 -13.02 -41.69 32.39
CA THR G 37 -13.05 -40.76 31.27
C THR G 37 -11.99 -41.17 30.24
N PRO G 38 -12.34 -41.24 28.93
CA PRO G 38 -11.28 -41.41 27.93
C PRO G 38 -10.31 -40.24 27.90
N LYS G 39 -10.83 -39.03 28.05
CA LYS G 39 -10.05 -37.80 28.08
C LYS G 39 -10.61 -36.86 29.13
N PRO G 40 -9.79 -35.99 29.72
CA PRO G 40 -10.30 -35.05 30.71
C PRO G 40 -10.83 -33.77 30.09
N GLY G 41 -11.71 -33.10 30.84
CA GLY G 41 -12.29 -31.83 30.43
C GLY G 41 -13.76 -31.76 30.77
N TYR G 42 -14.30 -30.55 30.59
CA TYR G 42 -15.70 -30.24 30.81
C TYR G 42 -16.32 -29.73 29.52
N PHE G 43 -17.65 -29.63 29.51
CA PHE G 43 -18.41 -29.29 28.31
C PHE G 43 -19.52 -28.30 28.66
N GLY G 44 -19.78 -27.39 27.72
CA GLY G 44 -20.80 -26.37 27.89
C GLY G 44 -21.74 -26.34 26.70
N LEU G 45 -22.66 -25.37 26.73
CA LEU G 45 -23.63 -25.23 25.65
C LEU G 45 -22.93 -24.93 24.32
N PHE G 46 -21.93 -24.05 24.36
CA PHE G 46 -21.20 -23.67 23.15
C PHE G 46 -19.70 -23.55 23.39
N HIS G 47 -19.19 -23.96 24.55
CA HIS G 47 -17.79 -23.78 24.91
C HIS G 47 -17.30 -25.11 25.50
N TYR G 48 -16.54 -25.87 24.72
CA TYR G 48 -16.00 -27.15 25.13
C TYR G 48 -14.51 -27.01 25.39
N CYS G 49 -14.06 -27.52 26.53
CA CYS G 49 -12.65 -27.51 26.92
C CYS G 49 -12.20 -28.95 27.10
N VAL G 50 -11.36 -29.42 26.18
CA VAL G 50 -10.88 -30.79 26.17
C VAL G 50 -9.44 -30.79 26.68
N GLY G 51 -9.21 -31.43 27.82
CA GLY G 51 -7.87 -31.55 28.35
C GLY G 51 -7.02 -32.40 27.43
N SER G 52 -5.90 -31.85 26.97
CA SER G 52 -4.99 -32.63 26.11
C SER G 52 -4.40 -33.80 26.87
N GLY G 53 -3.99 -33.58 28.12
CA GLY G 53 -3.42 -34.63 28.92
C GLY G 53 -1.99 -34.99 28.59
N LEU G 54 -1.28 -34.14 27.83
CA LEU G 54 0.08 -34.44 27.41
C LEU G 54 1.01 -34.52 28.62
N ALA G 55 1.22 -33.40 29.31
CA ALA G 55 2.05 -33.33 30.51
C ALA G 55 1.36 -32.62 31.66
N GLY G 56 0.59 -31.56 31.38
CA GLY G 56 -0.03 -30.75 32.42
C GLY G 56 -1.52 -30.54 32.21
N ARG G 57 -2.17 -31.51 31.55
CA ARG G 57 -3.60 -31.52 31.25
C ARG G 57 -4.12 -30.17 30.76
N GLU G 58 -3.34 -29.51 29.89
CA GLU G 58 -3.76 -28.23 29.34
C GLU G 58 -4.99 -28.42 28.46
N LEU G 59 -5.95 -27.51 28.60
CA LEU G 59 -7.23 -27.61 27.92
C LEU G 59 -7.24 -26.72 26.69
N THR G 60 -7.58 -27.31 25.54
CA THR G 60 -7.74 -26.56 24.29
C THR G 60 -9.17 -26.03 24.21
N CYS G 61 -9.44 -25.02 25.05
CA CYS G 61 -10.77 -24.43 25.09
C CYS G 61 -11.09 -23.78 23.74
N ARG G 62 -12.28 -24.09 23.22
CA ARG G 62 -12.69 -23.61 21.91
C ARG G 62 -14.20 -23.65 21.83
N GLY G 63 -14.77 -22.63 21.18
CA GLY G 63 -16.22 -22.53 20.99
C GLY G 63 -16.79 -21.23 21.48
N SER G 64 -17.85 -20.75 20.84
CA SER G 64 -18.50 -19.52 21.24
C SER G 64 -19.83 -19.41 20.51
N PHE G 65 -20.84 -18.89 21.22
CA PHE G 65 -22.15 -18.68 20.61
C PHE G 65 -22.10 -17.65 19.49
N THR G 66 -21.08 -16.79 19.49
CA THR G 66 -20.93 -15.77 18.45
C THR G 66 -20.71 -16.39 17.08
N ASP G 67 -20.32 -17.66 16.99
CA ASP G 67 -20.16 -18.36 15.72
C ASP G 67 -20.75 -19.76 15.87
N PHE G 68 -21.78 -20.06 15.08
CA PHE G 68 -22.38 -21.39 15.11
C PHE G 68 -21.46 -22.46 14.54
N SER G 69 -20.50 -22.08 13.69
CA SER G 69 -19.62 -23.07 13.09
C SER G 69 -18.79 -23.81 14.13
N THR G 70 -18.44 -23.15 15.23
CA THR G 70 -17.68 -23.79 16.29
C THR G 70 -18.54 -24.71 17.16
N ILE G 71 -19.85 -24.53 17.16
CA ILE G 71 -20.71 -25.39 17.97
C ILE G 71 -20.74 -26.79 17.35
N PRO G 72 -20.65 -27.90 18.14
CA PRO G 72 -20.59 -29.22 17.51
C PRO G 72 -21.87 -29.61 16.77
N SER G 73 -23.03 -29.51 17.44
CA SER G 73 -24.28 -30.05 16.92
C SER G 73 -25.37 -28.99 16.94
N SER G 74 -26.32 -29.14 16.02
CA SER G 74 -27.44 -28.20 15.92
C SER G 74 -28.34 -28.24 17.15
N ALA G 75 -28.35 -29.35 17.89
CA ALA G 75 -29.13 -29.40 19.12
C ALA G 75 -28.60 -28.38 20.13
N PHE G 76 -27.28 -28.26 20.24
CA PHE G 76 -26.70 -27.23 21.10
C PHE G 76 -27.06 -25.84 20.60
N LYS G 77 -27.11 -25.65 19.28
CA LYS G 77 -27.51 -24.37 18.72
C LYS G 77 -28.92 -24.01 19.16
N ALA G 78 -29.84 -24.98 19.04
CA ALA G 78 -31.23 -24.73 19.45
C ALA G 78 -31.33 -24.46 20.95
N ALA G 79 -30.58 -25.22 21.75
CA ALA G 79 -30.63 -25.03 23.20
C ALA G 79 -30.15 -23.64 23.59
N ALA G 80 -29.01 -23.22 23.02
CA ALA G 80 -28.50 -21.88 23.32
C ALA G 80 -29.45 -20.81 22.81
N PHE G 81 -30.05 -21.02 21.65
CA PHE G 81 -31.00 -20.07 21.10
C PHE G 81 -32.20 -19.89 22.02
N PHE G 82 -32.75 -20.98 22.54
CA PHE G 82 -33.93 -20.86 23.39
C PHE G 82 -33.57 -20.34 24.78
N VAL G 83 -32.37 -20.64 25.28
CA VAL G 83 -31.92 -20.00 26.52
C VAL G 83 -31.80 -18.51 26.31
N LEU G 84 -31.29 -18.09 25.16
CA LEU G 84 -31.21 -16.67 24.83
C LEU G 84 -32.59 -16.04 24.79
N LEU G 85 -33.56 -16.74 24.21
CA LEU G 85 -34.93 -16.23 24.19
C LEU G 85 -35.48 -16.05 25.60
N SER G 86 -35.26 -17.05 26.47
CA SER G 86 -35.75 -16.94 27.84
C SER G 86 -35.11 -15.78 28.58
N MET G 87 -33.80 -15.60 28.40
CA MET G 87 -33.10 -14.51 29.07
C MET G 87 -33.54 -13.16 28.51
N VAL G 88 -33.83 -13.09 27.21
CA VAL G 88 -34.39 -11.87 26.63
C VAL G 88 -35.73 -11.56 27.29
N LEU G 89 -36.56 -12.57 27.51
CA LEU G 89 -37.89 -12.34 28.06
C LEU G 89 -37.82 -11.87 29.52
N ILE G 90 -37.01 -12.54 30.33
CA ILE G 90 -36.90 -12.12 31.73
C ILE G 90 -36.30 -10.72 31.81
N LEU G 91 -35.31 -10.43 30.97
CA LEU G 91 -34.81 -9.05 30.91
C LEU G 91 -35.87 -8.10 30.41
N GLY G 92 -36.82 -8.58 29.61
CA GLY G 92 -37.94 -7.74 29.22
C GLY G 92 -38.78 -7.32 30.41
N CYS G 93 -39.03 -8.23 31.35
CA CYS G 93 -39.70 -7.80 32.58
C CYS G 93 -38.85 -6.86 33.44
N ILE G 94 -37.57 -7.18 33.66
CA ILE G 94 -36.78 -6.24 34.48
C ILE G 94 -36.66 -4.89 33.78
N THR G 95 -36.80 -4.84 32.46
CA THR G 95 -37.05 -3.57 31.78
C THR G 95 -38.41 -3.00 32.17
N CYS G 96 -39.44 -3.85 32.19
CA CYS G 96 -40.82 -3.38 32.42
C CYS G 96 -41.10 -2.97 33.85
N PHE G 97 -40.18 -3.23 34.80
CA PHE G 97 -40.39 -2.80 36.17
C PHE G 97 -40.55 -1.29 36.27
N SER G 98 -39.93 -0.54 35.36
CA SER G 98 -40.12 0.90 35.32
C SER G 98 -41.50 1.28 34.77
N LEU G 99 -42.14 0.37 34.01
CA LEU G 99 -43.39 0.69 33.36
C LEU G 99 -44.58 0.71 34.32
N PHE G 100 -44.40 0.15 35.53
CA PHE G 100 -45.47 0.18 36.54
C PHE G 100 -45.93 1.60 36.84
N PHE G 101 -45.01 2.56 36.85
CA PHE G 101 -45.34 3.91 37.30
C PHE G 101 -46.28 4.64 36.33
N PHE G 102 -46.50 4.11 35.13
CA PHE G 102 -47.33 4.74 34.11
C PHE G 102 -48.63 4.00 33.85
N CYS G 103 -48.56 2.69 33.64
CA CYS G 103 -49.71 1.89 33.23
C CYS G 103 -50.44 1.32 34.45
N ASN G 104 -51.55 0.63 34.19
CA ASN G 104 -52.29 -0.05 35.25
C ASN G 104 -51.45 -1.18 35.81
N THR G 105 -51.53 -1.39 37.13
CA THR G 105 -50.62 -2.32 37.80
C THR G 105 -50.98 -3.77 37.52
N ALA G 106 -52.27 -4.11 37.62
CA ALA G 106 -52.68 -5.51 37.50
C ALA G 106 -52.40 -6.05 36.11
N THR G 107 -52.65 -5.26 35.07
CA THR G 107 -52.44 -5.74 33.71
C THR G 107 -50.97 -6.00 33.43
N VAL G 108 -50.07 -5.15 33.97
CA VAL G 108 -48.65 -5.39 33.73
C VAL G 108 -48.15 -6.58 34.57
N TYR G 109 -48.69 -6.75 35.78
CA TYR G 109 -48.48 -8.01 36.50
C TYR G 109 -48.85 -9.20 35.63
N LYS G 110 -49.98 -9.12 34.93
CA LYS G 110 -50.36 -10.21 34.04
C LYS G 110 -49.45 -10.29 32.82
N ILE G 111 -48.90 -9.16 32.37
CA ILE G 111 -48.01 -9.15 31.22
C ILE G 111 -46.77 -9.98 31.50
N CYS G 112 -46.10 -9.70 32.63
CA CYS G 112 -45.02 -10.62 33.03
C CYS G 112 -45.47 -11.96 33.57
N ALA G 113 -46.72 -12.13 34.00
CA ALA G 113 -47.18 -13.50 34.23
C ALA G 113 -47.09 -14.31 32.94
N TRP G 114 -47.57 -13.73 31.85
CA TRP G 114 -47.57 -14.46 30.56
C TRP G 114 -46.16 -14.57 30.02
N MET G 115 -45.40 -13.49 30.09
CA MET G 115 -44.10 -13.53 29.43
C MET G 115 -43.08 -14.28 30.29
N GLN G 116 -43.28 -14.37 31.61
CA GLN G 116 -42.57 -15.33 32.42
C GLN G 116 -42.94 -16.75 32.03
N LEU G 117 -44.21 -17.01 31.71
CA LEU G 117 -44.58 -18.35 31.26
C LEU G 117 -43.89 -18.69 29.94
N LEU G 118 -43.83 -17.74 29.00
CA LEU G 118 -43.09 -18.01 27.76
C LEU G 118 -41.60 -18.20 28.01
N ALA G 119 -41.02 -17.42 28.94
CA ALA G 119 -39.62 -17.62 29.27
C ALA G 119 -39.38 -19.02 29.84
N ALA G 120 -40.28 -19.46 30.72
CA ALA G 120 -40.19 -20.80 31.28
C ALA G 120 -40.32 -21.86 30.19
N LEU G 121 -41.23 -21.65 29.25
CA LEU G 121 -41.41 -22.61 28.16
C LEU G 121 -40.15 -22.69 27.30
N CYS G 122 -39.56 -21.54 26.99
CA CYS G 122 -38.34 -21.54 26.19
C CYS G 122 -37.20 -22.23 26.92
N LEU G 123 -37.05 -21.96 28.22
CA LEU G 123 -35.99 -22.63 28.99
C LEU G 123 -36.24 -24.13 29.06
N VAL G 124 -37.50 -24.54 29.23
CA VAL G 124 -37.84 -25.95 29.25
C VAL G 124 -37.44 -26.61 27.94
N LEU G 125 -37.86 -26.01 26.82
CA LEU G 125 -37.62 -26.61 25.52
C LEU G 125 -36.13 -26.71 25.23
N GLY G 126 -35.37 -25.67 25.58
CA GLY G 126 -33.92 -25.74 25.44
C GLY G 126 -33.31 -26.83 26.29
N CYS G 127 -33.79 -26.98 27.52
CA CYS G 127 -33.19 -27.96 28.42
C CYS G 127 -33.48 -29.39 27.98
N MET G 128 -34.67 -29.65 27.43
CA MET G 128 -34.92 -30.99 26.88
C MET G 128 -34.23 -31.21 25.54
N ILE G 129 -33.98 -30.16 24.75
CA ILE G 129 -33.24 -30.36 23.51
C ILE G 129 -31.74 -30.54 23.76
N PHE G 130 -31.23 -30.03 24.89
CA PHE G 130 -29.80 -30.17 25.17
C PHE G 130 -29.30 -31.61 25.21
N PRO G 131 -30.00 -32.58 25.82
CA PRO G 131 -29.53 -33.97 25.73
C PRO G 131 -29.39 -34.50 24.31
N ASP G 132 -30.17 -33.98 23.37
CA ASP G 132 -30.10 -34.44 21.99
C ASP G 132 -28.72 -34.23 21.37
N GLY G 133 -27.95 -33.27 21.88
CA GLY G 133 -26.67 -32.94 21.31
C GLY G 133 -25.51 -33.86 21.67
N TRP G 134 -25.72 -34.83 22.55
CA TRP G 134 -24.63 -35.71 22.96
C TRP G 134 -24.40 -36.84 21.95
N ASP G 135 -24.20 -36.47 20.68
CA ASP G 135 -23.92 -37.42 19.62
C ASP G 135 -22.84 -36.96 18.65
N ALA G 136 -22.39 -35.70 18.72
CA ALA G 136 -21.38 -35.21 17.80
C ALA G 136 -20.06 -35.94 18.03
N GLU G 137 -19.13 -35.74 17.10
CA GLU G 137 -17.84 -36.43 17.17
C GLU G 137 -17.06 -36.01 18.40
N THR G 138 -17.17 -34.74 18.80
CA THR G 138 -16.43 -34.25 19.95
C THR G 138 -16.86 -34.97 21.23
N ILE G 139 -18.17 -35.02 21.49
CA ILE G 139 -18.67 -35.68 22.69
C ILE G 139 -18.35 -37.17 22.66
N ARG G 140 -18.54 -37.81 21.50
CA ARG G 140 -18.24 -39.23 21.38
C ARG G 140 -16.75 -39.51 21.58
N ASP G 141 -15.89 -38.53 21.29
CA ASP G 141 -14.45 -38.74 21.45
C ASP G 141 -14.02 -38.54 22.90
N MET G 142 -14.33 -37.38 23.47
CA MET G 142 -13.79 -37.07 24.80
C MET G 142 -14.48 -37.87 25.89
N CYS G 143 -15.81 -38.03 25.79
CA CYS G 143 -16.58 -38.74 26.81
C CYS G 143 -16.79 -40.21 26.48
N GLY G 144 -16.32 -40.68 25.34
CA GLY G 144 -16.42 -42.09 24.97
C GLY G 144 -17.61 -42.35 24.06
N ALA G 145 -17.50 -43.44 23.29
CA ALA G 145 -18.56 -43.82 22.36
C ALA G 145 -19.83 -44.28 23.08
N LYS G 146 -19.75 -44.57 24.38
CA LYS G 146 -20.96 -44.92 25.13
C LYS G 146 -21.97 -43.78 25.13
N THR G 147 -21.49 -42.54 25.05
CA THR G 147 -22.39 -41.40 24.95
C THR G 147 -23.17 -41.47 23.64
N GLY G 148 -24.45 -41.10 23.71
CA GLY G 148 -25.29 -41.15 22.54
C GLY G 148 -26.46 -40.20 22.69
N LYS G 149 -27.36 -40.26 21.71
CA LYS G 149 -28.54 -39.41 21.72
C LYS G 149 -29.39 -39.72 22.94
N TYR G 150 -29.53 -38.74 23.83
CA TYR G 150 -30.22 -38.91 25.12
C TYR G 150 -29.61 -40.07 25.91
N SER G 151 -28.28 -40.17 25.87
CA SER G 151 -27.55 -41.20 26.60
C SER G 151 -26.31 -40.57 27.19
N LEU G 152 -26.27 -40.45 28.52
CA LEU G 152 -25.15 -39.80 29.18
C LEU G 152 -23.85 -40.59 29.02
N GLY G 153 -23.91 -41.91 29.01
CA GLY G 153 -22.70 -42.70 28.90
C GLY G 153 -21.81 -42.48 30.11
N ASP G 154 -20.53 -42.19 29.86
CA ASP G 154 -19.56 -41.97 30.91
C ASP G 154 -19.53 -40.52 31.39
N CYS G 155 -20.36 -39.64 30.83
CA CYS G 155 -20.40 -38.25 31.26
C CYS G 155 -21.08 -38.13 32.63
N SER G 156 -20.91 -36.95 33.24
CA SER G 156 -21.50 -36.64 34.52
C SER G 156 -22.11 -35.25 34.47
N VAL G 157 -23.22 -35.07 35.18
CA VAL G 157 -23.94 -33.81 35.18
C VAL G 157 -23.27 -32.85 36.16
N ARG G 158 -22.96 -31.65 35.69
CA ARG G 158 -22.39 -30.61 36.52
C ARG G 158 -23.49 -29.72 37.08
N TRP G 159 -23.08 -28.71 37.86
CA TRP G 159 -24.02 -27.84 38.55
C TRP G 159 -24.90 -27.03 37.61
N ALA G 160 -24.47 -26.76 36.38
CA ALA G 160 -25.21 -25.85 35.52
C ALA G 160 -26.52 -26.46 35.04
N TYR G 161 -26.53 -27.75 34.71
CA TYR G 161 -27.75 -28.37 34.20
C TYR G 161 -28.83 -28.44 35.28
N ILE G 162 -28.45 -28.88 36.48
CA ILE G 162 -29.40 -28.89 37.59
C ILE G 162 -29.81 -27.47 37.96
N LEU G 163 -28.88 -26.51 37.82
CA LEU G 163 -29.23 -25.11 38.04
C LEU G 163 -30.30 -24.66 37.06
N ALA G 164 -30.19 -25.08 35.80
CA ALA G 164 -31.19 -24.74 34.81
C ALA G 164 -32.52 -25.42 35.11
N ILE G 165 -32.49 -26.65 35.63
CA ILE G 165 -33.72 -27.34 35.97
C ILE G 165 -34.45 -26.62 37.10
N ILE G 166 -33.73 -26.27 38.16
CA ILE G 166 -34.38 -25.51 39.24
C ILE G 166 -34.77 -24.13 38.74
N GLY G 167 -34.07 -23.59 37.75
CA GLY G 167 -34.49 -22.34 37.14
C GLY G 167 -35.82 -22.48 36.40
N ILE G 168 -36.02 -23.63 35.75
CA ILE G 168 -37.31 -23.91 35.11
C ILE G 168 -38.41 -23.95 36.15
N LEU G 169 -38.19 -24.70 37.23
CA LEU G 169 -39.20 -24.79 38.28
C LEU G 169 -39.46 -23.42 38.90
N ASN G 170 -38.40 -22.66 39.16
CA ASN G 170 -38.53 -21.33 39.72
C ASN G 170 -39.29 -20.40 38.77
N ALA G 171 -39.04 -20.53 37.47
CA ALA G 171 -39.76 -19.72 36.50
C ALA G 171 -41.26 -20.03 36.54
N LEU G 172 -41.60 -21.32 36.65
CA LEU G 172 -43.01 -21.69 36.75
C LEU G 172 -43.65 -21.09 38.00
N ILE G 173 -42.96 -21.20 39.14
CA ILE G 173 -43.50 -20.66 40.39
C ILE G 173 -43.63 -19.14 40.30
N LEU G 174 -42.64 -18.47 39.71
CA LEU G 174 -42.71 -17.03 39.56
C LEU G 174 -43.86 -16.60 38.66
N SER G 175 -44.09 -17.34 37.57
CA SER G 175 -45.21 -17.05 36.70
C SER G 175 -46.54 -17.20 37.45
N PHE G 176 -46.66 -18.26 38.24
CA PHE G 176 -47.90 -18.45 39.02
C PHE G 176 -48.07 -17.34 40.04
N LEU G 177 -46.97 -16.93 40.69
CA LEU G 177 -47.04 -15.85 41.67
C LEU G 177 -47.48 -14.55 41.01
N ALA G 178 -46.94 -14.26 39.83
CA ALA G 178 -47.36 -13.06 39.10
C ALA G 178 -48.83 -13.14 38.71
N PHE G 179 -49.27 -14.32 38.28
CA PHE G 179 -50.68 -14.51 37.93
C PHE G 179 -51.59 -14.19 39.11
N VAL G 180 -51.30 -14.78 40.28
CA VAL G 180 -52.18 -14.57 41.42
C VAL G 180 -52.08 -13.13 41.92
N LEU G 181 -50.90 -12.52 41.87
CA LEU G 181 -50.78 -11.12 42.29
C LEU G 181 -51.60 -10.21 41.38
N GLY G 182 -51.55 -10.46 40.07
CA GLY G 182 -52.36 -9.67 39.16
C GLY G 182 -53.84 -9.87 39.36
N ASN G 183 -54.27 -11.12 39.56
CA ASN G 183 -55.69 -11.43 39.62
C ASN G 183 -56.31 -10.98 40.95
N ARG G 184 -55.65 -11.25 42.07
CA ARG G 184 -56.27 -11.05 43.36
C ARG G 184 -56.25 -9.59 43.80
N GLN G 185 -55.15 -8.87 43.52
CA GLN G 185 -55.00 -7.52 44.03
C GLN G 185 -56.02 -6.54 43.44
N THR G 186 -56.62 -6.87 42.29
CA THR G 186 -57.69 -6.04 41.77
C THR G 186 -58.90 -6.05 42.71
N ASP G 187 -59.22 -7.20 43.27
CA ASP G 187 -60.37 -7.33 44.17
C ASP G 187 -60.09 -6.65 45.51
N GLN H 1 -0.36 8.81 -37.63
CA GLN H 1 0.25 9.55 -38.77
C GLN H 1 0.01 11.04 -38.60
N VAL H 2 0.89 11.85 -39.18
CA VAL H 2 0.84 13.31 -39.05
C VAL H 2 1.06 13.93 -40.42
N GLN H 3 0.28 14.97 -40.71
CA GLN H 3 0.45 15.78 -41.92
C GLN H 3 0.86 17.19 -41.50
N LEU H 4 1.91 17.71 -42.12
CA LEU H 4 2.47 19.02 -41.81
C LEU H 4 2.44 19.89 -43.06
N VAL H 5 1.97 21.12 -42.90
CA VAL H 5 1.97 22.11 -43.98
C VAL H 5 2.50 23.42 -43.41
N GLU H 6 3.54 23.96 -44.05
CA GLU H 6 4.21 25.18 -43.59
C GLU H 6 4.07 26.29 -44.61
N SER H 7 3.79 27.49 -44.12
CA SER H 7 3.53 28.65 -44.95
C SER H 7 3.96 29.90 -44.19
N GLY H 8 3.55 31.06 -44.67
CA GLY H 8 3.93 32.32 -44.05
C GLY H 8 5.40 32.64 -44.20
N GLY H 9 5.97 32.38 -45.38
CA GLY H 9 7.36 32.66 -45.63
C GLY H 9 7.64 34.14 -45.83
N GLY H 403 13.04 42.53 -42.65
CA GLY H 403 13.18 41.11 -42.42
C GLY H 403 12.58 40.68 -41.10
N SER H 404 11.27 40.41 -41.11
CA SER H 404 10.52 39.97 -39.94
C SER H 404 9.62 38.80 -40.32
N LEU H 405 10.18 37.82 -41.01
CA LEU H 405 9.41 36.67 -41.44
C LEU H 405 8.91 35.87 -40.25
N ARG H 406 7.68 35.39 -40.35
CA ARG H 406 7.04 34.56 -39.31
C ARG H 406 6.47 33.34 -40.00
N LEU H 407 7.29 32.30 -40.16
CA LEU H 407 6.81 31.06 -40.73
C LEU H 407 5.89 30.35 -39.75
N SER H 408 4.93 29.61 -40.29
CA SER H 408 3.95 28.88 -39.47
C SER H 408 3.74 27.51 -40.06
N CYS H 409 3.96 26.48 -39.25
CA CYS H 409 3.76 25.08 -39.64
C CYS H 409 2.57 24.53 -38.88
N ALA H 410 1.54 24.12 -39.61
CA ALA H 410 0.34 23.54 -39.04
C ALA H 410 0.40 22.01 -39.16
N ALA H 411 0.10 21.33 -38.06
CA ALA H 411 0.14 19.88 -37.97
C ALA H 411 -1.25 19.34 -37.73
N SER H 412 -1.56 18.21 -38.37
CA SER H 412 -2.82 17.52 -38.19
C SER H 412 -2.56 16.03 -38.06
N GLY H 413 -3.47 15.34 -37.39
CA GLY H 413 -3.37 13.90 -37.20
C GLY H 413 -2.99 13.51 -35.79
N HIS H 414 -2.23 12.43 -35.64
CA HIS H 414 -1.81 11.93 -34.33
C HIS H 414 -0.63 12.77 -33.82
N THR H 415 -0.96 13.99 -33.39
CA THR H 415 0.06 14.88 -32.86
C THR H 415 0.58 14.43 -31.51
N PHE H 416 -0.19 13.65 -30.76
CA PHE H 416 0.25 13.22 -29.43
C PHE H 416 1.45 12.28 -29.53
N ASN H 417 1.45 11.38 -30.50
CA ASN H 417 2.53 10.41 -30.63
C ASN H 417 3.84 11.03 -31.08
N TYR H 418 3.83 12.28 -31.56
CA TYR H 418 5.02 12.96 -32.07
C TYR H 418 5.11 14.32 -31.39
N PRO H 419 5.46 14.34 -30.09
CA PRO H 419 5.42 15.61 -29.34
C PRO H 419 6.40 16.67 -29.82
N ILE H 420 7.68 16.34 -29.93
CA ILE H 420 8.67 17.34 -30.33
C ILE H 420 8.47 17.70 -31.80
N MET H 421 8.60 18.99 -32.09
CA MET H 421 8.55 19.51 -33.45
C MET H 421 9.85 20.26 -33.70
N GLY H 422 10.25 20.36 -34.96
CA GLY H 422 11.55 20.94 -35.28
C GLY H 422 11.57 21.60 -36.63
N TRP H 423 12.29 22.72 -36.70
CA TRP H 423 12.52 23.47 -37.93
C TRP H 423 13.92 23.18 -38.43
N PHE H 424 14.01 22.79 -39.71
CA PHE H 424 15.25 22.50 -40.40
C PHE H 424 15.39 23.42 -41.61
N ARG H 425 16.63 23.61 -42.04
CA ARG H 425 16.98 24.52 -43.13
C ARG H 425 17.87 23.80 -44.13
N GLN H 426 17.59 23.99 -45.41
CA GLN H 426 18.38 23.44 -46.50
C GLN H 426 18.72 24.57 -47.46
N ALA H 427 20.00 24.95 -47.50
CA ALA H 427 20.46 25.97 -48.43
C ALA H 427 20.57 25.39 -49.83
N PRO H 428 20.65 26.25 -50.86
CA PRO H 428 20.72 25.72 -52.24
C PRO H 428 21.96 24.87 -52.45
N GLY H 429 21.75 23.60 -52.78
CA GLY H 429 22.85 22.68 -52.99
C GLY H 429 23.73 22.48 -51.77
N LYS H 430 23.13 22.37 -50.60
CA LYS H 430 23.86 22.13 -49.36
C LYS H 430 23.05 21.20 -48.48
N GLU H 431 23.74 20.55 -47.54
CA GLU H 431 23.12 19.55 -46.69
C GLU H 431 22.11 20.19 -45.76
N ARG H 432 21.06 19.43 -45.43
CA ARG H 432 20.09 19.88 -44.44
C ARG H 432 20.77 20.13 -43.11
N GLU H 433 20.36 21.21 -42.44
CA GLU H 433 20.89 21.60 -41.15
C GLU H 433 19.75 21.92 -40.19
N PHE H 434 20.04 21.80 -38.90
CA PHE H 434 19.05 21.94 -37.84
C PHE H 434 18.98 23.41 -37.42
N VAL H 435 17.79 23.99 -37.49
CA VAL H 435 17.57 25.37 -37.06
C VAL H 435 17.09 25.42 -35.61
N GLY H 436 16.00 24.73 -35.30
CA GLY H 436 15.47 24.82 -33.95
C GLY H 436 14.52 23.68 -33.64
N ALA H 437 14.16 23.59 -32.36
CA ALA H 437 13.27 22.53 -31.89
C ALA H 437 12.43 23.04 -30.73
N ILE H 438 11.18 22.60 -30.69
CA ILE H 438 10.21 23.00 -29.68
C ILE H 438 9.55 21.75 -29.12
N SER H 439 9.33 21.76 -27.81
CA SER H 439 8.78 20.61 -27.10
C SER H 439 7.26 20.57 -27.24
N TRP H 440 6.62 19.69 -26.48
CA TRP H 440 5.18 19.53 -26.44
C TRP H 440 4.67 19.99 -25.09
N SER H 441 3.66 20.87 -25.10
CA SER H 441 2.98 21.31 -23.89
C SER H 441 3.95 21.96 -22.91
N GLY H 442 4.45 23.13 -23.32
CA GLY H 442 5.36 23.92 -22.51
C GLY H 442 6.40 24.66 -23.32
N GLY H 443 6.63 24.21 -24.56
CA GLY H 443 7.48 24.95 -25.47
C GLY H 443 8.92 25.11 -25.02
N SER H 444 9.48 24.10 -24.37
CA SER H 444 10.90 24.10 -24.08
C SER H 444 11.67 24.04 -25.39
N THR H 445 12.51 25.05 -25.63
CA THR H 445 13.07 25.32 -26.94
C THR H 445 14.57 25.04 -26.94
N SER H 446 15.07 24.54 -28.07
CA SER H 446 16.49 24.36 -28.31
C SER H 446 16.85 24.97 -29.66
N TYR H 447 18.07 25.51 -29.75
CA TYR H 447 18.50 26.28 -30.91
C TYR H 447 19.84 25.76 -31.40
N ALA H 448 20.15 26.10 -32.65
CA ALA H 448 21.50 25.93 -33.16
C ALA H 448 22.36 27.13 -32.75
N ASP H 449 23.68 26.91 -32.78
CA ASP H 449 24.59 27.99 -32.39
C ASP H 449 24.51 29.17 -33.34
N SER H 450 24.25 28.91 -34.63
CA SER H 450 24.25 29.98 -35.62
C SER H 450 23.13 30.99 -35.36
N VAL H 451 21.95 30.51 -34.98
CA VAL H 451 20.73 31.32 -34.99
C VAL H 451 20.24 31.64 -33.58
N LYS H 452 21.09 31.49 -32.57
CA LYS H 452 20.67 31.83 -31.22
C LYS H 452 20.46 33.33 -31.09
N ASP H 453 19.38 33.70 -30.40
CA ASP H 453 19.02 35.11 -30.14
C ASP H 453 18.74 35.89 -31.42
N ARG H 454 18.44 35.20 -32.52
CA ARG H 454 17.97 35.83 -33.76
C ARG H 454 16.67 35.22 -34.25
N PHE H 455 16.51 33.91 -34.15
CA PHE H 455 15.27 33.21 -34.48
C PHE H 455 14.65 32.68 -33.20
N THR H 456 13.31 32.64 -33.18
CA THR H 456 12.57 32.13 -32.03
C THR H 456 11.48 31.19 -32.52
N ILE H 457 11.16 30.20 -31.70
CA ILE H 457 10.11 29.23 -32.00
C ILE H 457 9.10 29.24 -30.85
N SER H 458 7.82 29.23 -31.20
CA SER H 458 6.74 29.19 -30.23
C SER H 458 5.69 28.16 -30.67
N ARG H 459 4.98 27.63 -29.69
CA ARG H 459 3.95 26.60 -29.91
C ARG H 459 2.61 27.14 -29.44
N ASP H 460 1.56 26.84 -30.21
CA ASP H 460 0.21 27.32 -29.93
C ASP H 460 -0.61 26.32 -29.12
N ASN H 461 -0.63 25.05 -29.53
CA ASN H 461 -1.35 23.97 -28.88
C ASN H 461 -2.87 24.14 -28.91
N ALA H 462 -3.38 25.11 -29.67
CA ALA H 462 -4.81 25.31 -29.87
C ALA H 462 -5.20 25.13 -31.32
N LYS H 463 -4.55 25.83 -32.23
CA LYS H 463 -4.64 25.55 -33.66
C LYS H 463 -3.70 24.44 -34.09
N ASN H 464 -2.87 23.93 -33.17
CA ASN H 464 -1.83 22.93 -33.49
C ASN H 464 -0.89 23.47 -34.55
N THR H 465 -0.22 24.57 -34.20
CA THR H 465 0.70 25.26 -35.09
C THR H 465 1.98 25.61 -34.32
N VAL H 466 3.06 25.72 -35.07
CA VAL H 466 4.36 26.13 -34.56
C VAL H 466 4.83 27.33 -35.38
N TYR H 467 5.18 28.41 -34.69
CA TYR H 467 5.57 29.66 -35.33
C TYR H 467 7.06 29.90 -35.15
N LEU H 468 7.76 30.08 -36.27
CA LEU H 468 9.18 30.43 -36.30
C LEU H 468 9.29 31.90 -36.70
N GLU H 469 9.62 32.75 -35.73
CA GLU H 469 9.79 34.18 -35.95
C GLU H 469 11.26 34.47 -36.22
N MET H 470 11.50 35.22 -37.30
CA MET H 470 12.83 35.46 -37.84
C MET H 470 13.18 36.93 -37.69
N ASN H 471 14.32 37.22 -37.08
CA ASN H 471 14.80 38.58 -36.87
C ASN H 471 16.28 38.66 -37.21
N ASN H 472 16.72 39.88 -37.55
CA ASN H 472 18.11 40.14 -37.92
C ASN H 472 18.56 39.26 -39.08
N LEU H 473 17.79 39.32 -40.16
CA LEU H 473 18.02 38.48 -41.32
C LEU H 473 19.38 38.78 -41.96
N LYS H 474 19.94 37.78 -42.62
CA LYS H 474 21.23 37.85 -43.27
C LYS H 474 21.11 37.24 -44.66
N PRO H 475 22.03 37.58 -45.58
CA PRO H 475 21.99 36.93 -46.90
C PRO H 475 22.16 35.43 -46.85
N GLU H 476 22.93 34.91 -45.89
CA GLU H 476 23.09 33.47 -45.77
C GLU H 476 21.80 32.76 -45.36
N ASP H 477 20.83 33.50 -44.81
CA ASP H 477 19.53 32.93 -44.43
C ASP H 477 18.59 32.92 -45.64
N THR H 478 19.03 32.27 -46.70
CA THR H 478 18.29 32.14 -47.96
C THR H 478 18.25 30.64 -48.28
N ALA H 479 17.10 30.01 -48.06
CA ALA H 479 17.07 28.56 -48.05
C ALA H 479 15.63 28.07 -48.02
N VAL H 480 15.45 26.76 -48.13
CA VAL H 480 14.16 26.11 -47.99
C VAL H 480 14.04 25.61 -46.56
N TYR H 481 12.97 26.03 -45.89
CA TYR H 481 12.74 25.71 -44.48
C TYR H 481 11.63 24.68 -44.37
N TYR H 482 11.91 23.61 -43.63
CA TYR H 482 10.98 22.51 -43.40
C TYR H 482 10.64 22.41 -41.92
N CYS H 483 9.45 21.90 -41.63
CA CYS H 483 9.05 21.52 -40.28
C CYS H 483 8.83 20.02 -40.25
N ALA H 484 9.33 19.37 -39.19
CA ALA H 484 9.27 17.92 -39.07
C ALA H 484 8.97 17.53 -37.63
N ALA H 485 8.33 16.37 -37.49
CA ALA H 485 7.91 15.85 -36.20
C ALA H 485 8.77 14.66 -35.82
N LYS H 486 8.93 14.47 -34.50
CA LYS H 486 9.79 13.43 -33.95
C LYS H 486 9.03 12.64 -32.90
N GLY H 487 9.29 11.34 -32.84
CA GLY H 487 8.65 10.49 -31.86
C GLY H 487 9.21 10.72 -30.46
N ARG H 488 8.54 10.10 -29.49
CA ARG H 488 8.93 10.29 -28.10
C ARG H 488 10.32 9.72 -27.82
N TYR H 489 10.60 8.54 -28.37
CA TYR H 489 11.89 7.87 -28.22
C TYR H 489 12.54 7.82 -29.60
N SER H 490 13.26 8.87 -29.94
CA SER H 490 14.05 8.95 -31.16
C SER H 490 15.49 9.34 -30.89
N GLY H 491 15.73 10.22 -29.93
CA GLY H 491 17.09 10.56 -29.54
C GLY H 491 17.72 11.58 -30.45
N GLY H 492 18.27 12.65 -29.89
CA GLY H 492 18.95 13.64 -30.68
C GLY H 492 17.98 14.59 -31.35
N LEU H 493 18.24 15.89 -31.25
CA LEU H 493 17.43 16.90 -31.90
C LEU H 493 18.01 17.37 -33.23
N TYR H 494 19.31 17.19 -33.44
CA TYR H 494 20.03 17.83 -34.54
C TYR H 494 20.12 16.96 -35.79
N TYR H 495 19.57 15.75 -35.76
CA TYR H 495 19.78 14.76 -36.81
C TYR H 495 18.50 14.56 -37.60
N PRO H 496 18.45 14.87 -38.91
CA PRO H 496 17.17 14.74 -39.63
C PRO H 496 16.61 13.34 -39.68
N THR H 497 17.46 12.31 -39.67
CA THR H 497 16.98 10.94 -39.82
C THR H 497 16.08 10.50 -38.66
N ASN H 498 16.21 11.12 -37.49
CA ASN H 498 15.37 10.78 -36.36
C ASN H 498 13.93 11.26 -36.53
N TYR H 499 13.64 12.10 -37.52
CA TYR H 499 12.33 12.68 -37.72
C TYR H 499 11.56 11.86 -38.76
N ASP H 500 10.27 11.62 -38.50
CA ASP H 500 9.46 10.74 -39.32
C ASP H 500 8.77 11.47 -40.46
N TYR H 501 8.07 12.56 -40.15
CA TYR H 501 7.24 13.29 -41.11
C TYR H 501 7.85 14.64 -41.41
N TRP H 502 7.72 15.08 -42.66
CA TRP H 502 8.35 16.29 -43.16
C TRP H 502 7.34 17.12 -43.93
N GLY H 503 7.52 18.45 -43.85
CA GLY H 503 6.76 19.35 -44.68
C GLY H 503 7.35 19.46 -46.07
N GLN H 504 6.59 20.10 -46.97
CA GLN H 504 7.06 20.27 -48.34
C GLN H 504 8.27 21.19 -48.40
N GLY H 505 8.24 22.30 -47.67
CA GLY H 505 9.36 23.25 -47.61
C GLY H 505 8.95 24.58 -48.19
N THR H 506 9.22 25.65 -47.44
CA THR H 506 8.95 27.00 -47.88
C THR H 506 10.27 27.70 -48.23
N GLN H 507 10.33 28.26 -49.43
CA GLN H 507 11.53 28.96 -49.87
C GLN H 507 11.57 30.37 -49.27
N VAL H 508 12.77 30.80 -48.90
CA VAL H 508 13.00 32.15 -48.39
C VAL H 508 14.22 32.71 -49.11
N THR H 509 14.06 33.88 -49.73
CA THR H 509 15.12 34.54 -50.46
C THR H 509 15.54 35.87 -49.85
N VAL H 510 14.77 36.42 -48.92
CA VAL H 510 15.12 37.68 -48.28
C VAL H 510 16.29 37.47 -47.32
N GLN I 1 20.07 38.01 -6.33
CA GLN I 1 18.75 37.33 -6.13
C GLN I 1 18.29 37.40 -4.67
N VAL I 2 19.23 37.69 -3.76
CA VAL I 2 18.89 37.98 -2.37
C VAL I 2 19.75 39.14 -1.90
N GLN I 3 19.17 40.33 -1.85
CA GLN I 3 19.87 41.52 -1.39
C GLN I 3 19.75 41.61 0.13
N LEU I 4 20.89 41.73 0.80
CA LEU I 4 20.97 41.83 2.25
C LEU I 4 21.52 43.20 2.62
N VAL I 5 20.82 43.90 3.52
CA VAL I 5 21.29 45.17 4.06
C VAL I 5 21.06 45.17 5.56
N GLU I 6 22.08 45.50 6.33
CA GLU I 6 22.03 45.47 7.79
C GLU I 6 22.36 46.83 8.38
N SER I 7 21.79 47.06 9.56
CA SER I 7 21.85 48.35 10.25
C SER I 7 22.16 48.09 11.71
N GLY I 8 22.01 49.14 12.53
CA GLY I 8 22.32 49.06 13.96
C GLY I 8 23.70 49.64 14.26
N GLY I 9 24.69 48.76 14.47
CA GLY I 9 26.04 49.19 14.72
C GLY I 9 26.67 49.88 13.53
N LEU I 405 25.52 46.33 20.52
CA LEU I 405 24.25 46.90 20.07
C LEU I 405 23.44 45.85 19.29
N ARG I 406 22.12 46.00 19.31
CA ARG I 406 21.23 45.06 18.65
C ARG I 406 21.27 45.31 17.14
N LEU I 407 22.00 44.44 16.43
CA LEU I 407 22.07 44.53 14.98
C LEU I 407 20.82 43.92 14.35
N SER I 408 20.61 44.24 13.07
CA SER I 408 19.50 43.69 12.31
C SER I 408 19.90 43.66 10.84
N CYS I 409 19.42 42.64 10.12
CA CYS I 409 19.78 42.41 8.72
C CYS I 409 18.52 42.06 7.94
N ALA I 410 18.08 42.97 7.08
CA ALA I 410 16.90 42.76 6.24
C ALA I 410 17.32 42.14 4.91
N ALA I 411 16.59 41.10 4.50
CA ALA I 411 16.81 40.40 3.26
C ALA I 411 15.63 40.63 2.32
N SER I 412 15.91 40.61 1.02
CA SER I 412 14.87 40.83 0.02
C SER I 412 15.21 40.00 -1.22
N GLY I 413 14.29 39.13 -1.61
CA GLY I 413 14.45 38.30 -2.79
C GLY I 413 14.10 36.85 -2.56
N HIS I 414 14.81 35.94 -3.24
CA HIS I 414 14.57 34.50 -3.12
C HIS I 414 15.20 33.99 -1.81
N THR I 415 14.57 34.36 -0.70
CA THR I 415 15.05 33.93 0.60
C THR I 415 14.79 32.45 0.86
N PHE I 416 13.88 31.83 0.10
CA PHE I 416 13.58 30.42 0.31
C PHE I 416 14.76 29.53 -0.11
N ASN I 417 15.39 29.86 -1.23
CA ASN I 417 16.54 29.07 -1.70
C ASN I 417 17.78 29.26 -0.85
N TYR I 418 17.79 30.23 0.06
CA TYR I 418 18.93 30.52 0.92
C TYR I 418 18.44 30.57 2.36
N PRO I 419 18.08 29.42 2.92
CA PRO I 419 17.48 29.43 4.27
C PRO I 419 18.46 29.82 5.37
N ILE I 420 19.70 29.35 5.29
CA ILE I 420 20.65 29.57 6.37
C ILE I 420 21.18 30.99 6.27
N MET I 421 21.09 31.74 7.38
CA MET I 421 21.59 33.10 7.46
C MET I 421 22.71 33.13 8.49
N GLY I 422 23.69 34.01 8.27
CA GLY I 422 24.91 33.96 9.06
C GLY I 422 25.49 35.34 9.29
N TRP I 423 26.13 35.49 10.44
CA TRP I 423 26.85 36.69 10.83
C TRP I 423 28.33 36.38 10.91
N PHE I 424 29.15 37.20 10.25
CA PHE I 424 30.59 37.10 10.26
C PHE I 424 31.19 38.41 10.75
N ARG I 425 32.45 38.35 11.18
CA ARG I 425 33.18 39.50 11.69
C ARG I 425 34.51 39.61 10.96
N GLN I 426 34.94 40.85 10.70
CA GLN I 426 36.25 41.09 10.09
C GLN I 426 36.85 42.33 10.74
N ALA I 427 37.95 42.13 11.47
CA ALA I 427 38.71 43.22 12.07
C ALA I 427 39.82 43.65 11.13
N PRO I 428 40.41 44.83 11.33
CA PRO I 428 41.55 45.23 10.49
C PRO I 428 42.72 44.25 10.63
N GLY I 429 43.37 43.99 9.50
CA GLY I 429 44.48 43.03 9.48
C GLY I 429 44.06 41.58 9.30
N LYS I 430 43.10 41.13 10.08
CA LYS I 430 42.62 39.75 9.99
C LYS I 430 41.66 39.60 8.81
N GLU I 431 41.19 38.38 8.59
CA GLU I 431 40.21 38.05 7.57
C GLU I 431 38.84 37.87 8.21
N ARG I 432 37.87 37.46 7.41
CA ARG I 432 36.53 37.23 7.93
C ARG I 432 36.51 35.98 8.79
N GLU I 433 35.77 36.04 9.90
CA GLU I 433 35.63 34.92 10.82
C GLU I 433 34.17 34.71 11.17
N PHE I 434 33.82 33.45 11.38
CA PHE I 434 32.45 33.08 11.73
C PHE I 434 32.09 33.66 13.11
N VAL I 435 30.88 34.23 13.20
CA VAL I 435 30.32 34.70 14.46
C VAL I 435 29.08 33.92 14.86
N GLY I 436 28.20 33.63 13.91
CA GLY I 436 27.02 32.84 14.25
C GLY I 436 26.18 32.54 13.02
N ALA I 437 25.18 31.70 13.22
CA ALA I 437 24.31 31.27 12.14
C ALA I 437 22.96 30.83 12.69
N ILE I 438 21.92 31.08 11.88
CA ILE I 438 20.54 30.79 12.23
C ILE I 438 19.88 30.10 11.04
N SER I 439 19.00 29.14 11.34
CA SER I 439 18.39 28.30 10.35
C SER I 439 17.09 28.92 9.82
N TRP I 440 16.32 28.15 9.06
CA TRP I 440 15.07 28.64 8.51
C TRP I 440 14.02 28.80 9.59
N SER I 441 13.68 27.71 10.29
CA SER I 441 12.71 27.78 11.38
C SER I 441 13.20 28.64 12.54
N GLY I 442 14.51 28.77 12.71
CA GLY I 442 15.08 29.54 13.79
C GLY I 442 15.32 28.75 15.07
N GLY I 443 14.79 27.54 15.18
CA GLY I 443 15.03 26.74 16.36
C GLY I 443 16.49 26.34 16.50
N SER I 444 17.16 26.07 15.38
CA SER I 444 18.56 25.69 15.38
C SER I 444 19.43 26.92 15.20
N THR I 445 20.41 27.10 16.08
CA THR I 445 21.32 28.22 16.04
C THR I 445 22.71 27.74 16.43
N SER I 446 23.73 28.38 15.86
CA SER I 446 25.12 28.04 16.14
C SER I 446 25.91 29.31 16.34
N TYR I 447 26.94 29.23 17.20
CA TYR I 447 27.78 30.36 17.54
C TYR I 447 29.23 29.92 17.57
N ALA I 448 30.13 30.88 17.34
CA ALA I 448 31.55 30.61 17.46
C ALA I 448 31.94 30.45 18.93
N ASP I 449 33.12 29.87 19.14
CA ASP I 449 33.58 29.60 20.50
C ASP I 449 33.77 30.89 21.29
N SER I 450 34.28 31.93 20.65
CA SER I 450 34.56 33.18 21.35
C SER I 450 33.29 33.83 21.87
N VAL I 451 32.22 33.79 21.09
CA VAL I 451 30.99 34.53 21.40
C VAL I 451 29.96 33.65 22.10
N LYS I 452 30.38 32.53 22.70
CA LYS I 452 29.45 31.71 23.46
C LYS I 452 28.96 32.47 24.68
N ASP I 453 27.64 32.52 24.86
CA ASP I 453 26.99 33.17 26.00
C ASP I 453 27.30 34.67 26.06
N ARG I 454 27.72 35.28 24.96
CA ARG I 454 27.95 36.72 24.87
C ARG I 454 27.00 37.39 23.90
N PHE I 455 26.91 36.89 22.67
CA PHE I 455 25.96 37.35 21.67
C PHE I 455 24.85 36.32 21.52
N THR I 456 23.72 36.75 20.97
CA THR I 456 22.64 35.84 20.63
C THR I 456 22.04 36.27 19.30
N ILE I 457 21.41 35.32 18.62
CA ILE I 457 20.83 35.53 17.30
C ILE I 457 19.39 35.06 17.31
N SER I 458 18.51 35.84 16.69
CA SER I 458 17.10 35.50 16.55
C SER I 458 16.67 35.81 15.12
N ARG I 459 15.58 35.18 14.69
CA ARG I 459 15.03 35.36 13.35
C ARG I 459 13.57 35.74 13.43
N ASP I 460 13.16 36.68 12.57
CA ASP I 460 11.77 37.13 12.45
C ASP I 460 11.39 37.07 10.98
N ASN I 461 10.72 35.98 10.59
CA ASN I 461 10.30 35.81 9.21
C ASN I 461 9.10 36.68 8.84
N ALA I 462 8.48 37.34 9.82
CA ALA I 462 7.36 38.23 9.53
C ALA I 462 7.81 39.38 8.62
N LYS I 463 9.00 39.93 8.90
CA LYS I 463 9.62 40.95 8.06
C LYS I 463 11.05 40.50 7.72
N ASN I 464 11.21 39.19 7.49
CA ASN I 464 12.39 38.50 6.98
C ASN I 464 13.73 39.11 7.42
N THR I 465 13.94 39.18 8.74
CA THR I 465 15.14 39.77 9.31
C THR I 465 15.76 38.83 10.32
N VAL I 466 17.06 39.04 10.58
CA VAL I 466 17.77 38.34 11.66
C VAL I 466 18.39 39.40 12.55
N TYR I 467 18.20 39.25 13.85
CA TYR I 467 18.70 40.18 14.86
C TYR I 467 19.86 39.54 15.60
N LEU I 468 21.02 40.21 15.59
CA LEU I 468 22.19 39.82 16.36
C LEU I 468 22.27 40.75 17.56
N GLU I 469 21.77 40.28 18.70
CA GLU I 469 21.80 41.06 19.93
C GLU I 469 23.16 40.84 20.60
N MET I 470 23.90 41.92 20.80
CA MET I 470 25.26 41.89 21.30
C MET I 470 25.24 42.33 22.76
N ASN I 471 25.62 41.42 23.65
CA ASN I 471 25.65 41.67 25.08
C ASN I 471 27.03 41.31 25.63
N ASN I 472 27.37 41.90 26.78
CA ASN I 472 28.66 41.69 27.43
C ASN I 472 29.79 42.06 26.47
N LEU I 473 29.85 43.34 26.14
CA LEU I 473 30.74 43.85 25.10
C LEU I 473 32.16 44.00 25.62
N LYS I 474 33.13 43.61 24.79
CA LYS I 474 34.56 43.66 25.09
C LYS I 474 35.29 44.64 24.18
N PRO I 475 36.52 45.06 24.53
CA PRO I 475 37.25 45.96 23.64
C PRO I 475 37.75 45.32 22.36
N GLU I 476 37.80 43.99 22.27
CA GLU I 476 38.35 43.31 21.11
C GLU I 476 37.32 42.98 20.05
N ASP I 477 36.14 43.62 20.09
CA ASP I 477 35.09 43.43 19.10
C ASP I 477 35.09 44.52 18.03
N THR I 478 36.12 45.36 17.98
CA THR I 478 36.19 46.43 16.98
C THR I 478 36.38 45.81 15.61
N ALA I 479 35.34 45.89 14.76
CA ALA I 479 35.39 45.20 13.47
C ALA I 479 34.15 45.57 12.68
N VAL I 480 34.17 45.19 11.40
CA VAL I 480 32.99 45.31 10.53
C VAL I 480 32.26 43.97 10.54
N TYR I 481 30.95 44.04 10.76
CA TYR I 481 30.12 42.85 10.89
C TYR I 481 29.30 42.66 9.61
N TYR I 482 29.43 41.47 9.02
CA TYR I 482 28.81 41.15 7.74
C TYR I 482 27.67 40.16 7.93
N CYS I 483 26.64 40.33 7.11
CA CYS I 483 25.48 39.46 7.06
C CYS I 483 25.49 38.72 5.72
N ALA I 484 25.41 37.39 5.78
CA ALA I 484 25.55 36.56 4.59
C ALA I 484 24.49 35.47 4.59
N ALA I 485 24.20 34.95 3.40
CA ALA I 485 23.19 33.91 3.20
C ALA I 485 23.82 32.74 2.47
N LYS I 486 23.46 31.52 2.90
CA LYS I 486 24.02 30.28 2.37
C LYS I 486 22.94 29.47 1.69
N GLY I 487 23.35 28.70 0.68
CA GLY I 487 22.43 27.85 -0.03
C GLY I 487 22.00 26.64 0.79
N ARG I 488 21.05 25.90 0.24
CA ARG I 488 20.46 24.78 0.97
C ARG I 488 21.43 23.61 1.07
N TYR I 489 22.38 23.49 0.15
CA TYR I 489 23.27 22.34 0.06
C TYR I 489 24.75 22.69 0.11
N SER I 490 25.11 23.96 0.09
CA SER I 490 26.52 24.36 0.20
C SER I 490 26.94 24.17 1.66
N GLY I 491 27.43 22.98 1.96
CA GLY I 491 27.68 22.61 3.34
C GLY I 491 28.83 23.37 3.96
N GLY I 492 28.82 23.43 5.28
CA GLY I 492 29.84 24.10 6.05
C GLY I 492 29.42 25.49 6.50
N LEU I 493 29.12 25.64 7.79
CA LEU I 493 28.69 26.93 8.31
C LEU I 493 29.85 27.91 8.48
N TYR I 494 31.00 27.40 8.89
CA TYR I 494 32.08 28.22 9.42
C TYR I 494 33.00 28.78 8.33
N TYR I 495 32.66 28.59 7.06
CA TYR I 495 33.54 28.92 5.94
C TYR I 495 32.90 30.03 5.10
N PRO I 496 33.50 31.21 4.97
CA PRO I 496 32.84 32.28 4.21
C PRO I 496 32.63 31.97 2.74
N THR I 497 33.42 31.07 2.15
CA THR I 497 33.32 30.82 0.72
C THR I 497 32.01 30.14 0.36
N ASN I 498 31.42 29.39 1.29
CA ASN I 498 30.16 28.71 1.00
C ASN I 498 28.98 29.67 0.90
N TYR I 499 29.13 30.90 1.42
CA TYR I 499 28.04 31.85 1.42
C TYR I 499 28.03 32.63 0.10
N ASP I 500 26.85 32.75 -0.50
CA ASP I 500 26.72 33.35 -1.83
C ASP I 500 26.63 34.87 -1.78
N TYR I 501 25.65 35.39 -1.06
CA TYR I 501 25.34 36.81 -1.04
C TYR I 501 25.80 37.43 0.27
N TRP I 502 26.45 38.58 0.18
CA TRP I 502 27.02 39.29 1.31
C TRP I 502 26.44 40.69 1.41
N GLY I 503 26.27 41.15 2.66
CA GLY I 503 25.86 42.51 2.91
C GLY I 503 27.04 43.47 2.88
N GLN I 504 26.73 44.76 3.00
CA GLN I 504 27.75 45.79 3.02
C GLN I 504 28.43 45.78 4.40
N GLY I 505 29.48 46.55 4.56
CA GLY I 505 30.23 46.57 5.80
C GLY I 505 29.71 47.59 6.80
N THR I 506 29.22 47.11 7.93
CA THR I 506 28.78 47.97 9.04
C THR I 506 29.81 47.90 10.15
N GLN I 507 30.39 49.05 10.49
CA GLN I 507 31.47 49.13 11.45
C GLN I 507 30.93 49.19 12.87
N VAL I 508 31.65 48.55 13.80
CA VAL I 508 31.43 48.71 15.23
C VAL I 508 32.79 48.95 15.85
N THR I 509 32.92 50.05 16.60
CA THR I 509 34.17 50.48 17.19
C THR I 509 34.08 50.38 18.71
N VAL I 510 35.05 49.70 19.32
CA VAL I 510 35.11 49.53 20.76
C VAL I 510 36.56 49.56 21.23
N GLN J 1 -14.68 -28.26 -17.67
CA GLN J 1 -15.26 -29.23 -18.64
C GLN J 1 -16.22 -28.51 -19.57
N VAL J 2 -15.82 -28.36 -20.82
CA VAL J 2 -16.62 -27.68 -21.84
C VAL J 2 -16.94 -28.67 -22.95
N GLN J 3 -18.20 -28.63 -23.40
CA GLN J 3 -18.68 -29.40 -24.53
C GLN J 3 -18.92 -28.46 -25.69
N LEU J 4 -18.35 -28.79 -26.85
CA LEU J 4 -18.42 -27.96 -28.05
C LEU J 4 -19.28 -28.65 -29.10
N VAL J 5 -20.22 -27.91 -29.67
CA VAL J 5 -21.08 -28.41 -30.74
C VAL J 5 -20.96 -27.46 -31.92
N GLU J 6 -20.71 -28.02 -33.10
CA GLU J 6 -20.52 -27.27 -34.32
C GLU J 6 -21.80 -27.28 -35.17
N SER J 7 -21.81 -26.42 -36.18
CA SER J 7 -22.92 -26.34 -37.12
C SER J 7 -22.36 -25.94 -38.48
N GLY J 8 -23.25 -25.54 -39.39
CA GLY J 8 -22.80 -25.17 -40.72
C GLY J 8 -22.37 -26.39 -41.51
N GLY J 9 -21.52 -26.16 -42.49
CA GLY J 9 -21.01 -27.23 -43.34
C GLY J 9 -22.02 -27.67 -44.38
N GLY J 403 -20.16 -19.82 -53.07
CA GLY J 403 -20.24 -18.58 -52.32
C GLY J 403 -19.30 -18.57 -51.13
N SER J 404 -19.84 -18.25 -49.95
CA SER J 404 -19.09 -18.23 -48.70
C SER J 404 -19.84 -19.06 -47.67
N LEU J 405 -19.08 -19.77 -46.83
CA LEU J 405 -19.62 -20.71 -45.87
C LEU J 405 -19.28 -20.27 -44.46
N ARG J 406 -20.27 -20.23 -43.58
CA ARG J 406 -20.12 -19.72 -42.21
C ARG J 406 -20.34 -20.87 -41.22
N LEU J 407 -19.26 -21.37 -40.63
CA LEU J 407 -19.34 -22.35 -39.57
C LEU J 407 -19.50 -21.66 -38.23
N SER J 408 -20.14 -22.34 -37.29
CA SER J 408 -20.34 -21.84 -35.94
C SER J 408 -20.11 -22.96 -34.94
N CYS J 409 -19.39 -22.64 -33.86
CA CYS J 409 -19.12 -23.58 -32.78
C CYS J 409 -19.55 -22.94 -31.46
N ALA J 410 -20.43 -23.61 -30.74
CA ALA J 410 -20.97 -23.14 -29.47
C ALA J 410 -20.49 -24.04 -28.34
N ALA J 411 -20.01 -23.44 -27.27
CA ALA J 411 -19.46 -24.13 -26.12
C ALA J 411 -20.42 -24.03 -24.93
N SER J 412 -20.36 -25.04 -24.07
CA SER J 412 -21.18 -25.05 -22.86
C SER J 412 -20.38 -25.72 -21.75
N GLY J 413 -20.21 -25.01 -20.63
CA GLY J 413 -19.47 -25.54 -19.50
C GLY J 413 -18.58 -24.49 -18.85
N HIS J 414 -17.42 -24.93 -18.33
CA HIS J 414 -16.46 -24.03 -17.69
C HIS J 414 -15.59 -23.38 -18.76
N THR J 415 -16.21 -22.45 -19.49
CA THR J 415 -15.50 -21.76 -20.57
C THR J 415 -14.49 -20.75 -20.06
N PHE J 416 -14.66 -20.25 -18.83
CA PHE J 416 -13.72 -19.27 -18.30
C PHE J 416 -12.33 -19.86 -18.15
N ASN J 417 -12.24 -21.11 -17.71
CA ASN J 417 -10.95 -21.76 -17.53
C ASN J 417 -10.26 -22.09 -18.85
N TYR J 418 -10.95 -21.96 -19.98
CA TYR J 418 -10.41 -22.28 -21.30
C TYR J 418 -10.61 -21.07 -22.21
N PRO J 419 -9.86 -19.98 -21.98
CA PRO J 419 -10.14 -18.73 -22.71
C PRO J 419 -9.96 -18.83 -24.21
N ILE J 420 -9.01 -19.63 -24.68
CA ILE J 420 -8.64 -19.64 -26.09
C ILE J 420 -9.48 -20.67 -26.82
N MET J 421 -10.03 -20.26 -27.97
CA MET J 421 -10.79 -21.14 -28.85
C MET J 421 -10.09 -21.17 -30.20
N GLY J 422 -10.15 -22.32 -30.87
CA GLY J 422 -9.36 -22.51 -32.08
C GLY J 422 -9.99 -23.44 -33.10
N TRP J 423 -9.92 -23.02 -34.36
CA TRP J 423 -10.42 -23.80 -35.49
C TRP J 423 -9.26 -24.54 -36.14
N PHE J 424 -9.45 -25.85 -36.35
CA PHE J 424 -8.51 -26.74 -37.01
C PHE J 424 -9.18 -27.40 -38.20
N ARG J 425 -8.36 -27.90 -39.12
CA ARG J 425 -8.83 -28.52 -40.35
C ARG J 425 -8.03 -29.79 -40.60
N GLN J 426 -8.69 -30.82 -41.14
CA GLN J 426 -8.05 -32.08 -41.44
C GLN J 426 -8.63 -32.67 -42.72
N ALA J 427 -7.75 -32.99 -43.67
CA ALA J 427 -8.10 -33.69 -44.89
C ALA J 427 -7.61 -35.13 -44.81
N PRO J 428 -8.16 -36.05 -45.62
CA PRO J 428 -7.70 -37.44 -45.56
C PRO J 428 -6.23 -37.56 -45.95
N GLY J 429 -5.54 -38.49 -45.29
CA GLY J 429 -4.14 -38.75 -45.57
C GLY J 429 -3.16 -37.78 -44.93
N LYS J 430 -3.63 -36.83 -44.12
CA LYS J 430 -2.75 -35.87 -43.48
C LYS J 430 -3.34 -35.49 -42.13
N GLU J 431 -2.45 -35.08 -41.23
CA GLU J 431 -2.87 -34.75 -39.87
C GLU J 431 -3.67 -33.44 -39.85
N ARG J 432 -4.41 -33.25 -38.75
CA ARG J 432 -5.12 -32.01 -38.54
C ARG J 432 -4.15 -30.84 -38.47
N GLU J 433 -4.54 -29.72 -39.05
CA GLU J 433 -3.70 -28.53 -39.16
C GLU J 433 -4.42 -27.31 -38.60
N PHE J 434 -3.63 -26.38 -38.08
CA PHE J 434 -4.16 -25.16 -37.50
C PHE J 434 -4.74 -24.27 -38.57
N VAL J 435 -5.94 -23.74 -38.32
CA VAL J 435 -6.58 -22.75 -39.19
C VAL J 435 -6.61 -21.38 -38.52
N GLY J 436 -7.08 -21.31 -37.29
CA GLY J 436 -7.15 -20.01 -36.64
C GLY J 436 -7.44 -20.12 -35.17
N ALA J 437 -7.35 -18.98 -34.48
CA ALA J 437 -7.50 -18.95 -33.03
C ALA J 437 -8.00 -17.57 -32.60
N ILE J 438 -8.77 -17.57 -31.52
CA ILE J 438 -9.42 -16.37 -30.99
C ILE J 438 -9.39 -16.43 -29.47
N SER J 439 -9.29 -15.26 -28.85
CA SER J 439 -9.10 -15.13 -27.41
C SER J 439 -10.43 -14.93 -26.69
N TRP J 440 -10.35 -14.79 -25.36
CA TRP J 440 -11.54 -14.58 -24.54
C TRP J 440 -12.18 -13.24 -24.84
N SER J 441 -11.39 -12.16 -24.88
CA SER J 441 -11.96 -10.86 -25.22
C SER J 441 -12.38 -10.81 -26.68
N GLY J 442 -11.69 -11.55 -27.55
CA GLY J 442 -12.01 -11.59 -28.96
C GLY J 442 -11.31 -10.55 -29.80
N GLY J 443 -10.62 -9.59 -29.18
CA GLY J 443 -9.92 -8.56 -29.94
C GLY J 443 -8.66 -9.04 -30.63
N SER J 444 -8.06 -10.13 -30.12
CA SER J 444 -6.84 -10.70 -30.68
C SER J 444 -7.19 -11.97 -31.43
N THR J 445 -6.71 -12.08 -32.67
CA THR J 445 -6.99 -13.22 -33.54
C THR J 445 -5.71 -13.63 -34.24
N SER J 446 -5.60 -14.93 -34.53
CA SER J 446 -4.46 -15.48 -35.25
C SER J 446 -4.97 -16.41 -36.34
N TYR J 447 -4.24 -16.44 -37.45
CA TYR J 447 -4.61 -17.24 -38.62
C TYR J 447 -3.39 -17.98 -39.14
N ALA J 448 -3.66 -19.09 -39.83
CA ALA J 448 -2.58 -19.82 -40.48
C ALA J 448 -2.03 -19.00 -41.65
N ASP J 449 -0.85 -19.41 -42.13
CA ASP J 449 -0.21 -18.68 -43.22
C ASP J 449 -1.01 -18.76 -44.50
N SER J 450 -1.60 -19.92 -44.78
CA SER J 450 -2.27 -20.18 -46.06
C SER J 450 -3.76 -19.87 -46.03
N VAL J 451 -4.24 -19.15 -45.01
CA VAL J 451 -5.65 -18.77 -44.92
C VAL J 451 -5.77 -17.28 -44.61
N LYS J 452 -4.71 -16.52 -44.82
CA LYS J 452 -4.77 -15.07 -44.60
C LYS J 452 -5.72 -14.43 -45.59
N ASP J 453 -6.66 -13.64 -45.07
CA ASP J 453 -7.62 -12.80 -45.80
C ASP J 453 -8.72 -13.61 -46.49
N ARG J 454 -8.67 -14.94 -46.45
CA ARG J 454 -9.71 -15.79 -47.05
C ARG J 454 -10.72 -16.28 -46.03
N PHE J 455 -10.26 -16.65 -44.84
CA PHE J 455 -11.12 -17.03 -43.73
C PHE J 455 -10.99 -15.98 -42.63
N THR J 456 -12.05 -15.84 -41.84
CA THR J 456 -12.08 -14.85 -40.77
C THR J 456 -12.87 -15.41 -39.59
N ILE J 457 -12.39 -15.10 -38.38
CA ILE J 457 -12.94 -15.62 -37.14
C ILE J 457 -13.47 -14.46 -36.30
N SER J 458 -14.63 -14.66 -35.72
CA SER J 458 -15.23 -13.71 -34.78
C SER J 458 -15.78 -14.46 -33.59
N ARG J 459 -15.93 -13.76 -32.47
CA ARG J 459 -16.40 -14.35 -31.22
C ARG J 459 -17.61 -13.54 -30.74
N ASP J 460 -18.73 -14.23 -30.52
CA ASP J 460 -19.92 -13.64 -29.92
C ASP J 460 -20.05 -14.18 -28.51
N ASN J 461 -19.74 -13.33 -27.53
CA ASN J 461 -19.88 -13.68 -26.12
C ASN J 461 -21.36 -13.71 -25.77
N ALA J 462 -21.69 -14.02 -24.51
CA ALA J 462 -23.07 -14.18 -24.06
C ALA J 462 -23.73 -15.36 -24.76
N LYS J 463 -23.90 -15.27 -26.08
CA LYS J 463 -24.26 -16.42 -26.89
C LYS J 463 -23.23 -17.53 -26.73
N ASN J 464 -21.98 -17.16 -26.46
CA ASN J 464 -20.91 -18.12 -26.21
C ASN J 464 -20.64 -18.96 -27.46
N THR J 465 -20.34 -18.27 -28.56
CA THR J 465 -20.16 -18.91 -29.86
C THR J 465 -18.98 -18.28 -30.58
N VAL J 466 -18.35 -19.05 -31.45
CA VAL J 466 -17.30 -18.57 -32.34
C VAL J 466 -17.72 -18.88 -33.77
N TYR J 467 -17.59 -17.89 -34.64
CA TYR J 467 -18.00 -17.99 -36.05
C TYR J 467 -16.76 -17.94 -36.93
N LEU J 468 -16.69 -18.85 -37.88
CA LEU J 468 -15.63 -18.91 -38.89
C LEU J 468 -16.29 -18.74 -40.25
N GLU J 469 -16.15 -17.55 -40.84
CA GLU J 469 -16.69 -17.26 -42.17
C GLU J 469 -15.60 -17.43 -43.21
N MET J 470 -15.92 -18.15 -44.29
CA MET J 470 -14.97 -18.66 -45.25
C MET J 470 -15.37 -18.13 -46.62
N ASN J 471 -14.54 -17.24 -47.16
CA ASN J 471 -14.75 -16.64 -48.48
C ASN J 471 -13.80 -17.27 -49.49
N ASN J 472 -14.15 -17.08 -50.77
CA ASN J 472 -13.40 -17.52 -51.96
C ASN J 472 -12.76 -18.90 -51.76
N LEU J 473 -13.62 -19.88 -51.52
CA LEU J 473 -13.17 -21.24 -51.24
C LEU J 473 -12.37 -21.80 -52.41
N LYS J 474 -11.57 -22.81 -52.10
CA LYS J 474 -10.65 -23.44 -53.04
C LYS J 474 -10.84 -24.94 -52.98
N PRO J 475 -10.38 -25.68 -54.01
CA PRO J 475 -10.54 -27.15 -53.96
C PRO J 475 -9.84 -27.80 -52.77
N GLU J 476 -8.71 -27.26 -52.33
CA GLU J 476 -8.01 -27.84 -51.19
C GLU J 476 -8.71 -27.59 -49.86
N ASP J 477 -9.70 -26.69 -49.82
CA ASP J 477 -10.41 -26.39 -48.58
C ASP J 477 -11.33 -27.51 -48.14
N THR J 478 -11.62 -28.50 -49.00
CA THR J 478 -12.45 -29.61 -48.60
C THR J 478 -11.77 -30.41 -47.49
N ALA J 479 -12.45 -30.54 -46.36
CA ALA J 479 -11.86 -31.16 -45.18
C ALA J 479 -12.91 -31.19 -44.08
N VAL J 480 -12.58 -31.86 -42.98
CA VAL J 480 -13.37 -31.82 -41.75
C VAL J 480 -12.79 -30.74 -40.85
N TYR J 481 -13.66 -29.89 -40.33
CA TYR J 481 -13.28 -28.74 -39.52
C TYR J 481 -13.70 -28.98 -38.07
N TYR J 482 -12.78 -28.73 -37.15
CA TYR J 482 -12.98 -28.91 -35.73
C TYR J 482 -12.82 -27.59 -35.00
N CYS J 483 -13.50 -27.46 -33.87
CA CYS J 483 -13.31 -26.36 -32.92
C CYS J 483 -12.87 -26.95 -31.59
N ALA J 484 -11.85 -26.35 -30.98
CA ALA J 484 -11.25 -26.87 -29.77
C ALA J 484 -10.96 -25.73 -28.81
N ALA J 485 -10.89 -26.07 -27.52
CA ALA J 485 -10.64 -25.11 -26.45
C ALA J 485 -9.30 -25.41 -25.79
N LYS J 486 -8.63 -24.35 -25.36
CA LYS J 486 -7.31 -24.45 -24.75
C LYS J 486 -7.30 -23.72 -23.41
N GLY J 487 -6.51 -24.23 -22.48
CA GLY J 487 -6.44 -23.65 -21.15
C GLY J 487 -5.65 -22.36 -21.13
N ARG J 488 -5.65 -21.73 -19.95
CA ARG J 488 -4.98 -20.44 -19.80
C ARG J 488 -3.47 -20.58 -19.96
N TYR J 489 -2.89 -21.62 -19.38
CA TYR J 489 -1.45 -21.89 -19.46
C TYR J 489 -1.27 -23.23 -20.19
N SER J 490 -1.24 -23.16 -21.52
CA SER J 490 -0.93 -24.30 -22.37
C SER J 490 0.26 -24.02 -23.27
N GLY J 491 0.25 -22.90 -23.98
CA GLY J 491 1.38 -22.49 -24.79
C GLY J 491 1.37 -23.09 -26.17
N GLY J 492 1.34 -22.24 -27.19
CA GLY J 492 1.39 -22.70 -28.57
C GLY J 492 0.01 -22.86 -29.17
N LEU J 493 -0.37 -21.95 -30.06
CA LEU J 493 -1.67 -22.05 -30.70
C LEU J 493 -1.70 -23.11 -31.78
N TYR J 494 -0.58 -23.33 -32.46
CA TYR J 494 -0.55 -24.10 -33.69
C TYR J 494 -0.47 -25.61 -33.47
N TYR J 495 -0.36 -26.07 -32.23
CA TYR J 495 -0.11 -27.48 -31.93
C TYR J 495 -1.37 -28.10 -31.34
N PRO J 496 -2.03 -29.06 -32.00
CA PRO J 496 -3.31 -29.55 -31.46
C PRO J 496 -3.20 -30.29 -30.14
N THR J 497 -2.02 -30.79 -29.77
CA THR J 497 -1.89 -31.52 -28.53
C THR J 497 -2.11 -30.63 -27.31
N ASN J 498 -1.93 -29.32 -27.44
CA ASN J 498 -2.17 -28.40 -26.33
C ASN J 498 -3.65 -28.17 -26.07
N TYR J 499 -4.53 -28.62 -26.96
CA TYR J 499 -5.97 -28.40 -26.83
C TYR J 499 -6.61 -29.61 -26.15
N ASP J 500 -7.39 -29.35 -25.10
CA ASP J 500 -7.93 -30.43 -24.29
C ASP J 500 -9.22 -30.99 -24.88
N TYR J 501 -10.18 -30.12 -25.20
CA TYR J 501 -11.49 -30.51 -25.66
C TYR J 501 -11.66 -30.19 -27.13
N TRP J 502 -12.29 -31.11 -27.87
CA TRP J 502 -12.43 -31.05 -29.31
C TRP J 502 -13.90 -31.04 -29.71
N GLY J 503 -14.15 -30.66 -30.95
CA GLY J 503 -15.48 -30.65 -31.53
C GLY J 503 -15.82 -31.96 -32.21
N GLN J 504 -16.79 -31.88 -33.11
CA GLN J 504 -17.30 -33.07 -33.80
C GLN J 504 -16.64 -33.31 -35.14
N GLY J 505 -16.15 -32.28 -35.81
CA GLY J 505 -15.49 -32.44 -37.09
C GLY J 505 -16.40 -32.31 -38.29
N THR J 506 -17.11 -31.19 -38.40
CA THR J 506 -18.09 -31.02 -39.46
C THR J 506 -17.42 -31.03 -40.83
N GLN J 507 -18.01 -31.77 -41.77
CA GLN J 507 -17.43 -31.92 -43.10
C GLN J 507 -17.75 -30.72 -43.98
N VAL J 508 -16.80 -30.35 -44.84
CA VAL J 508 -17.00 -29.33 -45.86
C VAL J 508 -16.40 -29.85 -47.15
N THR J 509 -17.15 -29.75 -48.24
CA THR J 509 -16.72 -30.20 -49.56
C THR J 509 -17.07 -29.15 -50.58
N VAL J 510 -16.10 -28.80 -51.43
CA VAL J 510 -16.29 -27.81 -52.49
C VAL J 510 -15.47 -28.19 -53.71
#